data_9K8P
# 
_entry.id   9K8P 
# 
_audit_conform.dict_name       mmcif_pdbx.dic 
_audit_conform.dict_version    5.406 
_audit_conform.dict_location   http://mmcif.pdb.org/dictionaries/ascii/mmcif_pdbx.dic 
# 
loop_
_database_2.database_id 
_database_2.database_code 
_database_2.pdbx_database_accession 
_database_2.pdbx_DOI 
PDB   9K8P         pdb_00009k8p 10.2210/pdb9k8p/pdb 
WWPDB D_1300052867 ?            ?                   
# 
_pdbx_audit_revision_history.ordinal             1 
_pdbx_audit_revision_history.data_content_type   'Structure model' 
_pdbx_audit_revision_history.major_revision      1 
_pdbx_audit_revision_history.minor_revision      0 
_pdbx_audit_revision_history.revision_date       2025-10-29 
_pdbx_audit_revision_history.part_number         ? 
# 
_pdbx_audit_revision_details.ordinal             1 
_pdbx_audit_revision_details.revision_ordinal    1 
_pdbx_audit_revision_details.data_content_type   'Structure model' 
_pdbx_audit_revision_details.provider            repository 
_pdbx_audit_revision_details.type                'Initial release' 
_pdbx_audit_revision_details.description         ? 
_pdbx_audit_revision_details.details             ? 
# 
_pdbx_database_status.status_code                     REL 
_pdbx_database_status.status_code_sf                  REL 
_pdbx_database_status.status_code_mr                  ? 
_pdbx_database_status.entry_id                        9K8P 
_pdbx_database_status.recvd_initial_deposition_date   2024-10-24 
_pdbx_database_status.SG_entry                        N 
_pdbx_database_status.deposit_site                    PDBJ 
_pdbx_database_status.process_site                    PDBJ 
_pdbx_database_status.status_code_cs                  ? 
_pdbx_database_status.status_code_nmr_data            ? 
_pdbx_database_status.methods_development_category    ? 
_pdbx_database_status.pdb_format_compatible           Y 
# 
loop_
_pdbx_database_related.db_name 
_pdbx_database_related.details 
_pdbx_database_related.db_id 
_pdbx_database_related.content_type 
PDB 'crystal structure of a related molecule'                       9K8O unspecified 
PDB 'NMR solution structure of the same molecule in a hairpin form' 9K8N unspecified 
# 
_pdbx_contact_author.id                 2 
_pdbx_contact_author.email              k-yamasaki@aist.go.jp 
_pdbx_contact_author.name_first         Kazuhiko 
_pdbx_contact_author.name_last          Yamasaki 
_pdbx_contact_author.name_mi            ? 
_pdbx_contact_author.role               'principal investigator/group leader' 
_pdbx_contact_author.identifier_ORCID   0000-0003-0320-9697 
# 
loop_
_audit_author.name 
_audit_author.pdbx_ordinal 
_audit_author.identifier_ORCID 
'Yamasaki, K.' 1 ? 
'Yamasaki, T.' 2 ? 
'Kubota, T.'   3 ? 
# 
_citation.abstract                  ? 
_citation.abstract_id_CAS           ? 
_citation.book_id_ISBN              ? 
_citation.book_publisher            ? 
_citation.book_publisher_city       ? 
_citation.book_title                ? 
_citation.coordinate_linkage        ? 
_citation.country                   ? 
_citation.database_id_Medline       ? 
_citation.details                   ? 
_citation.id                        primary 
_citation.journal_abbrev            'To Be Published' 
_citation.journal_id_ASTM           ? 
_citation.journal_id_CSD            0353 
_citation.journal_id_ISSN           ? 
_citation.journal_full              ? 
_citation.journal_issue             ? 
_citation.journal_volume            ? 
_citation.language                  ? 
_citation.page_first                ? 
_citation.page_last                 ? 
_citation.title                     
'A minimal Zn2+-dependent RNA-cleaving DNAzyme and its B-DNA-like crystal and solution structures' 
_citation.year                      ? 
_citation.database_id_CSD           ? 
_citation.pdbx_database_id_DOI      ? 
_citation.pdbx_database_id_PubMed   ? 
_citation.pdbx_database_id_patent   ? 
_citation.unpublished_flag          ? 
# 
loop_
_citation_author.citation_id 
_citation_author.name 
_citation_author.ordinal 
_citation_author.identifier_ORCID 
primary 'Yamasaki, K.'  1 ? 
primary 'Inomata, R.'   2 ? 
primary 'Yamasaki, T.'  3 ? 
primary 'Kubota, T.'    4 ? 
primary 'Miyashita, N.' 5 ? 
primary 'Takeuchi, K.'  6 ? 
primary 'Miyagishi, M.' 7 ? 
# 
loop_
_entity.id 
_entity.type 
_entity.src_method 
_entity.pdbx_description 
_entity.formula_weight 
_entity.pdbx_number_of_molecules 
_entity.pdbx_ec 
_entity.pdbx_mutation 
_entity.pdbx_fragment 
_entity.details 
1 polymer     syn 'DNAzyme minGAA' 8094.208 2 ? ? ? ? 
2 non-polymer syn 'ZINC ION'       65.409   4 ? ? ? ? 
3 water       nat water            18.015   6 ? ? ? ? 
# 
_entity_poly.entity_id                      1 
_entity_poly.type                           'polydeoxyribonucleotide/polyribonucleotide hybrid' 
_entity_poly.nstd_linkage                   no 
_entity_poly.nstd_monomer                   yes 
_entity_poly.pdbx_seq_one_letter_code       
;(DG)(DG)(DA)(DT)(DC)(DA)(DC)(DC)(DC)(DG)(DC)(DG)(DA)(DA)(DG)(DC)(DG)(OMG)AA(DG)
(DG)(DA)(DT)(DC)(DC)
;
_entity_poly.pdbx_seq_one_letter_code_can   GGATCACCCGCGAAGCGGAAGGATCC 
_entity_poly.pdbx_strand_id                 A,B 
_entity_poly.pdbx_target_identifier         ? 
# 
loop_
_pdbx_entity_nonpoly.entity_id 
_pdbx_entity_nonpoly.name 
_pdbx_entity_nonpoly.comp_id 
2 'ZINC ION' ZN  
3 water      HOH 
# 
loop_
_entity_poly_seq.entity_id 
_entity_poly_seq.num 
_entity_poly_seq.mon_id 
_entity_poly_seq.hetero 
1 1  DG  n 
1 2  DG  n 
1 3  DA  n 
1 4  DT  n 
1 5  DC  n 
1 6  DA  n 
1 7  DC  n 
1 8  DC  n 
1 9  DC  n 
1 10 DG  n 
1 11 DC  n 
1 12 DG  n 
1 13 DA  n 
1 14 DA  n 
1 15 DG  n 
1 16 DC  n 
1 17 DG  n 
1 18 OMG n 
1 19 A   n 
1 20 A   n 
1 21 DG  n 
1 22 DG  n 
1 23 DA  n 
1 24 DT  n 
1 25 DC  n 
1 26 DC  n 
# 
_pdbx_entity_src_syn.entity_id              1 
_pdbx_entity_src_syn.pdbx_src_id            1 
_pdbx_entity_src_syn.pdbx_alt_source_flag   sample 
_pdbx_entity_src_syn.pdbx_beg_seq_num       1 
_pdbx_entity_src_syn.pdbx_end_seq_num       26 
_pdbx_entity_src_syn.organism_scientific    'synthetic construct' 
_pdbx_entity_src_syn.organism_common_name   ? 
_pdbx_entity_src_syn.ncbi_taxonomy_id       32630 
_pdbx_entity_src_syn.details                ? 
# 
loop_
_chem_comp.id 
_chem_comp.type 
_chem_comp.mon_nstd_flag 
_chem_comp.name 
_chem_comp.pdbx_synonyms 
_chem_comp.formula 
_chem_comp.formula_weight 
A   'RNA linking' y "ADENOSINE-5'-MONOPHOSPHATE"           ? 'C10 H14 N5 O7 P' 347.221 
DA  'DNA linking' y "2'-DEOXYADENOSINE-5'-MONOPHOSPHATE"   ? 'C10 H14 N5 O6 P' 331.222 
DC  'DNA linking' y "2'-DEOXYCYTIDINE-5'-MONOPHOSPHATE"    ? 'C9 H14 N3 O7 P'  307.197 
DG  'DNA linking' y "2'-DEOXYGUANOSINE-5'-MONOPHOSPHATE"   ? 'C10 H14 N5 O7 P' 347.221 
DT  'DNA linking' y "THYMIDINE-5'-MONOPHOSPHATE"           ? 'C10 H15 N2 O8 P' 322.208 
HOH non-polymer   . WATER                                  ? 'H2 O'            18.015  
OMG 'RNA linking' n "O2'-METHYLGUANOSINE-5'-MONOPHOSPHATE" ? 'C11 H16 N5 O8 P' 377.247 
ZN  non-polymer   . 'ZINC ION'                             ? 'Zn 2'            65.409  
# 
loop_
_pdbx_poly_seq_scheme.asym_id 
_pdbx_poly_seq_scheme.entity_id 
_pdbx_poly_seq_scheme.seq_id 
_pdbx_poly_seq_scheme.mon_id 
_pdbx_poly_seq_scheme.ndb_seq_num 
_pdbx_poly_seq_scheme.pdb_seq_num 
_pdbx_poly_seq_scheme.auth_seq_num 
_pdbx_poly_seq_scheme.pdb_mon_id 
_pdbx_poly_seq_scheme.auth_mon_id 
_pdbx_poly_seq_scheme.pdb_strand_id 
_pdbx_poly_seq_scheme.pdb_ins_code 
_pdbx_poly_seq_scheme.hetero 
A 1 1  DG  1  1  1  DG  DG  A . n 
A 1 2  DG  2  2  2  DG  DG  A . n 
A 1 3  DA  3  3  3  DA  DA  A . n 
A 1 4  DT  4  4  4  DT  DT  A . n 
A 1 5  DC  5  5  5  DC  DC  A . n 
A 1 6  DA  6  6  6  DA  DA  A . n 
A 1 7  DC  7  7  7  DC  DC  A . n 
A 1 8  DC  8  8  8  DC  DC  A . n 
A 1 9  DC  9  9  9  DC  DC  A . n 
A 1 10 DG  10 10 10 DG  DG  A . n 
A 1 11 DC  11 11 11 DC  DC  A . n 
A 1 12 DG  12 12 12 DG  DG  A . n 
A 1 13 DA  13 13 13 DA  DA  A . n 
A 1 14 DA  14 14 14 DA  DA  A . n 
A 1 15 DG  15 15 15 DG  DG  A . n 
A 1 16 DC  16 16 16 DC  DC  A . n 
A 1 17 DG  17 17 17 DG  DG  A . n 
A 1 18 OMG 18 18 18 OMG G2M A . n 
A 1 19 A   19 19 19 A   A   A . n 
A 1 20 A   20 20 20 A   A   A . n 
A 1 21 DG  21 21 21 DG  DG  A . n 
A 1 22 DG  22 22 22 DG  DG  A . n 
A 1 23 DA  23 23 23 DA  DA  A . n 
A 1 24 DT  24 24 24 DT  DT  A . n 
A 1 25 DC  25 25 25 DC  DC  A . n 
A 1 26 DC  26 26 26 DC  DC  A . n 
B 1 1  DG  1  1  1  DG  DG  B . n 
B 1 2  DG  2  2  2  DG  DG  B . n 
B 1 3  DA  3  3  3  DA  DA  B . n 
B 1 4  DT  4  4  4  DT  DT  B . n 
B 1 5  DC  5  5  5  DC  DC  B . n 
B 1 6  DA  6  6  6  DA  DA  B . n 
B 1 7  DC  7  7  7  DC  DC  B . n 
B 1 8  DC  8  8  8  DC  DC  B . n 
B 1 9  DC  9  9  9  DC  DC  B . n 
B 1 10 DG  10 10 10 DG  DG  B . n 
B 1 11 DC  11 11 11 DC  DC  B . n 
B 1 12 DG  12 12 12 DG  DG  B . n 
B 1 13 DA  13 13 13 DA  DA  B . n 
B 1 14 DA  14 14 14 DA  DA  B . n 
B 1 15 DG  15 15 15 DG  DG  B . n 
B 1 16 DC  16 16 16 DC  DC  B . n 
B 1 17 DG  17 17 17 DG  DG  B . n 
B 1 18 OMG 18 18 18 OMG G2M B . n 
B 1 19 A   19 19 19 A   A   B . n 
B 1 20 A   20 20 20 A   A   B . n 
B 1 21 DG  21 21 21 DG  DG  B . n 
B 1 22 DG  22 22 22 DG  DG  B . n 
B 1 23 DA  23 23 23 DA  DA  B . n 
B 1 24 DT  24 24 24 DT  DT  B . n 
B 1 25 DC  25 25 25 DC  DC  B . n 
B 1 26 DC  26 26 26 DC  DC  B . n 
# 
_pdbx_entity_instance_feature.ordinal        1 
_pdbx_entity_instance_feature.comp_id        OMG 
_pdbx_entity_instance_feature.asym_id        ? 
_pdbx_entity_instance_feature.seq_num        ? 
_pdbx_entity_instance_feature.auth_comp_id   OMG 
_pdbx_entity_instance_feature.auth_asym_id   ? 
_pdbx_entity_instance_feature.auth_seq_num   ? 
_pdbx_entity_instance_feature.feature_type   'SUBJECT OF INVESTIGATION' 
_pdbx_entity_instance_feature.details        ? 
# 
loop_
_pdbx_nonpoly_scheme.asym_id 
_pdbx_nonpoly_scheme.entity_id 
_pdbx_nonpoly_scheme.mon_id 
_pdbx_nonpoly_scheme.ndb_seq_num 
_pdbx_nonpoly_scheme.pdb_seq_num 
_pdbx_nonpoly_scheme.auth_seq_num 
_pdbx_nonpoly_scheme.pdb_mon_id 
_pdbx_nonpoly_scheme.auth_mon_id 
_pdbx_nonpoly_scheme.pdb_strand_id 
_pdbx_nonpoly_scheme.pdb_ins_code 
C 2 ZN  1 101 101 ZN  ZN  A . 
D 2 ZN  1 102 102 ZN  ZN  A . 
E 2 ZN  1 101 101 ZN  ZN  B . 
F 2 ZN  1 102 102 ZN  ZN  B . 
G 3 HOH 1 201 7   HOH HOH A . 
G 3 HOH 2 202 11  HOH HOH A . 
G 3 HOH 3 203 12  HOH HOH A . 
G 3 HOH 4 204 6   HOH HOH A . 
H 3 HOH 1 201 10  HOH HOH B . 
H 3 HOH 2 202 8   HOH HOH B . 
# 
loop_
_pdbx_unobs_or_zero_occ_atoms.id 
_pdbx_unobs_or_zero_occ_atoms.PDB_model_num 
_pdbx_unobs_or_zero_occ_atoms.polymer_flag 
_pdbx_unobs_or_zero_occ_atoms.occupancy_flag 
_pdbx_unobs_or_zero_occ_atoms.auth_asym_id 
_pdbx_unobs_or_zero_occ_atoms.auth_comp_id 
_pdbx_unobs_or_zero_occ_atoms.auth_seq_id 
_pdbx_unobs_or_zero_occ_atoms.PDB_ins_code 
_pdbx_unobs_or_zero_occ_atoms.auth_atom_id 
_pdbx_unobs_or_zero_occ_atoms.label_alt_id 
_pdbx_unobs_or_zero_occ_atoms.label_asym_id 
_pdbx_unobs_or_zero_occ_atoms.label_comp_id 
_pdbx_unobs_or_zero_occ_atoms.label_seq_id 
_pdbx_unobs_or_zero_occ_atoms.label_atom_id 
1  1 Y 1 B DC 26 ? "C5'" ? B DC 26 "C5'" 
2  1 Y 1 B DC 26 ? "C4'" ? B DC 26 "C4'" 
3  1 Y 1 B DC 26 ? "O4'" ? B DC 26 "O4'" 
4  1 Y 1 B DC 26 ? "C3'" ? B DC 26 "C3'" 
5  1 Y 1 B DC 26 ? "O3'" ? B DC 26 "O3'" 
6  1 Y 1 B DC 26 ? "C2'" ? B DC 26 "C2'" 
7  1 Y 1 B DC 26 ? "C1'" ? B DC 26 "C1'" 
8  1 Y 1 B DC 26 ? N1    ? B DC 26 N1    
9  1 Y 1 B DC 26 ? C2    ? B DC 26 C2    
10 1 Y 1 B DC 26 ? O2    ? B DC 26 O2    
11 1 Y 1 B DC 26 ? N3    ? B DC 26 N3    
12 1 Y 1 B DC 26 ? C4    ? B DC 26 C4    
13 1 Y 1 B DC 26 ? N4    ? B DC 26 N4    
14 1 Y 1 B DC 26 ? C5    ? B DC 26 C5    
15 1 Y 1 B DC 26 ? C6    ? B DC 26 C6    
# 
loop_
_software.citation_id 
_software.classification 
_software.compiler_name 
_software.compiler_version 
_software.contact_author 
_software.contact_author_email 
_software.date 
_software.description 
_software.dependencies 
_software.hardware 
_software.language 
_software.location 
_software.mods 
_software.name 
_software.os 
_software.os_version 
_software.type 
_software.version 
_software.pdbx_ordinal 
? refinement       ? ? ? ? ? ? ? ? ? ? ? REFMAC ? ? ? 5.8.0258 1 
? 'data reduction' ? ? ? ? ? ? ? ? ? ? ? XDS    ? ? ? .        2 
? 'data scaling'   ? ? ? ? ? ? ? ? ? ? ? XDS    ? ? ? .        3 
? phasing          ? ? ? ? ? ? ? ? ? ? ? PHASER ? ? ? .        4 
# 
_cell.angle_alpha                  90.00 
_cell.angle_alpha_esd              ? 
_cell.angle_beta                   106.95 
_cell.angle_beta_esd               ? 
_cell.angle_gamma                  90.00 
_cell.angle_gamma_esd              ? 
_cell.entry_id                     9K8P 
_cell.details                      ? 
_cell.formula_units_Z              ? 
_cell.length_a                     68.096 
_cell.length_a_esd                 ? 
_cell.length_b                     50.382 
_cell.length_b_esd                 ? 
_cell.length_c                     51.382 
_cell.length_c_esd                 ? 
_cell.volume                       ? 
_cell.volume_esd                   ? 
_cell.Z_PDB                        8 
_cell.reciprocal_angle_alpha       ? 
_cell.reciprocal_angle_beta        ? 
_cell.reciprocal_angle_gamma       ? 
_cell.reciprocal_angle_alpha_esd   ? 
_cell.reciprocal_angle_beta_esd    ? 
_cell.reciprocal_angle_gamma_esd   ? 
_cell.reciprocal_length_a          ? 
_cell.reciprocal_length_b          ? 
_cell.reciprocal_length_c          ? 
_cell.reciprocal_length_a_esd      ? 
_cell.reciprocal_length_b_esd      ? 
_cell.reciprocal_length_c_esd      ? 
_cell.pdbx_unique_axis             ? 
_cell.pdbx_esd_method              ? 
# 
_symmetry.entry_id                         9K8P 
_symmetry.cell_setting                     ? 
_symmetry.Int_Tables_number                5 
_symmetry.space_group_name_Hall            ? 
_symmetry.space_group_name_H-M             'C 1 2 1' 
_symmetry.pdbx_full_space_group_name_H-M   ? 
# 
_exptl.absorpt_coefficient_mu     ? 
_exptl.absorpt_correction_T_max   ? 
_exptl.absorpt_correction_T_min   ? 
_exptl.absorpt_correction_type    ? 
_exptl.absorpt_process_details    ? 
_exptl.entry_id                   9K8P 
_exptl.crystals_number            1 
_exptl.details                    ? 
_exptl.method                     'X-RAY DIFFRACTION' 
_exptl.method_details             ? 
# 
_exptl_crystal.colour                       ? 
_exptl_crystal.density_diffrn               ? 
_exptl_crystal.density_Matthews             2.60 
_exptl_crystal.density_method               ? 
_exptl_crystal.density_percent_sol          52.77 
_exptl_crystal.description                  ? 
_exptl_crystal.F_000                        ? 
_exptl_crystal.id                           1 
_exptl_crystal.preparation                  ? 
_exptl_crystal.size_max                     ? 
_exptl_crystal.size_mid                     ? 
_exptl_crystal.size_min                     ? 
_exptl_crystal.size_rad                     ? 
_exptl_crystal.colour_lustre                ? 
_exptl_crystal.colour_modifier              ? 
_exptl_crystal.colour_primary               ? 
_exptl_crystal.density_meas                 ? 
_exptl_crystal.density_meas_esd             ? 
_exptl_crystal.density_meas_gt              ? 
_exptl_crystal.density_meas_lt              ? 
_exptl_crystal.density_meas_temp            ? 
_exptl_crystal.density_meas_temp_esd        ? 
_exptl_crystal.density_meas_temp_gt         ? 
_exptl_crystal.density_meas_temp_lt         ? 
_exptl_crystal.pdbx_crystal_image_url       ? 
_exptl_crystal.pdbx_crystal_image_format    ? 
_exptl_crystal.pdbx_mosaicity               ? 
_exptl_crystal.pdbx_mosaicity_esd           ? 
_exptl_crystal.pdbx_mosaic_method           ? 
_exptl_crystal.pdbx_mosaic_block_size       ? 
_exptl_crystal.pdbx_mosaic_block_size_esd   ? 
# 
_exptl_crystal_grow.apparatus       ? 
_exptl_crystal_grow.atmosphere      ? 
_exptl_crystal_grow.crystal_id      1 
_exptl_crystal_grow.details         ? 
_exptl_crystal_grow.method          'VAPOR DIFFUSION, HANGING DROP' 
_exptl_crystal_grow.method_ref      ? 
_exptl_crystal_grow.pH              7.5 
_exptl_crystal_grow.pressure        ? 
_exptl_crystal_grow.pressure_esd    ? 
_exptl_crystal_grow.seeding         ? 
_exptl_crystal_grow.seeding_ref     ? 
_exptl_crystal_grow.temp_details    ? 
_exptl_crystal_grow.temp_esd        ? 
_exptl_crystal_grow.time            ? 
_exptl_crystal_grow.pdbx_details    
;6.75% 2-methyl-2,4-pentandiol (MPD), 50 mM guanidine hydrochloride, 18 mM HEPES (7.5), 5.4 mM spermine, 18 mM LiCl, 36 mM SrCl2, 4.5 mM MgCl2, and 1 mM ZnCl2
;
_exptl_crystal_grow.pdbx_pH_range   ? 
_exptl_crystal_grow.temp            293 
# 
_diffrn.ambient_environment              ? 
_diffrn.ambient_temp                     100 
_diffrn.ambient_temp_details             ? 
_diffrn.ambient_temp_esd                 ? 
_diffrn.crystal_id                       1 
_diffrn.crystal_support                  ? 
_diffrn.crystal_treatment                ? 
_diffrn.details                          ? 
_diffrn.id                               1 
_diffrn.ambient_pressure                 ? 
_diffrn.ambient_pressure_esd             ? 
_diffrn.ambient_pressure_gt              ? 
_diffrn.ambient_pressure_lt              ? 
_diffrn.ambient_temp_gt                  ? 
_diffrn.ambient_temp_lt                  ? 
_diffrn.pdbx_serial_crystal_experiment   N 
# 
_diffrn_detector.details                      ? 
_diffrn_detector.detector                     PIXEL 
_diffrn_detector.diffrn_id                    1 
_diffrn_detector.type                         'DECTRIS EIGER X 4M' 
_diffrn_detector.area_resol_mean              ? 
_diffrn_detector.dtime                        ? 
_diffrn_detector.pdbx_frames_total            ? 
_diffrn_detector.pdbx_collection_time_total   ? 
_diffrn_detector.pdbx_collection_date         2020-03-05 
_diffrn_detector.pdbx_frequency               ? 
_diffrn_detector.id                           ? 
_diffrn_detector.number_of_axes               ? 
# 
_diffrn_radiation.collimation                      ? 
_diffrn_radiation.diffrn_id                        1 
_diffrn_radiation.filter_edge                      ? 
_diffrn_radiation.inhomogeneity                    ? 
_diffrn_radiation.monochromator                    ? 
_diffrn_radiation.polarisn_norm                    ? 
_diffrn_radiation.polarisn_ratio                   ? 
_diffrn_radiation.probe                            ? 
_diffrn_radiation.type                             ? 
_diffrn_radiation.xray_symbol                      ? 
_diffrn_radiation.wavelength_id                    1 
_diffrn_radiation.pdbx_monochromatic_or_laue_m_l   M 
_diffrn_radiation.pdbx_wavelength_list             ? 
_diffrn_radiation.pdbx_wavelength                  ? 
_diffrn_radiation.pdbx_diffrn_protocol             'SINGLE WAVELENGTH' 
_diffrn_radiation.pdbx_analyzer                    ? 
_diffrn_radiation.pdbx_scattering_type             x-ray 
# 
_diffrn_radiation_wavelength.id           1 
_diffrn_radiation_wavelength.wavelength   1.08 
_diffrn_radiation_wavelength.wt           1.0 
# 
_diffrn_source.current                     ? 
_diffrn_source.details                     ? 
_diffrn_source.diffrn_id                   1 
_diffrn_source.power                       ? 
_diffrn_source.size                        ? 
_diffrn_source.source                      SYNCHROTRON 
_diffrn_source.target                      ? 
_diffrn_source.type                        'PHOTON FACTORY BEAMLINE BL-1A' 
_diffrn_source.voltage                     ? 
_diffrn_source.take-off_angle              ? 
_diffrn_source.pdbx_wavelength_list        1.08 
_diffrn_source.pdbx_wavelength             ? 
_diffrn_source.pdbx_synchrotron_beamline   BL-1A 
_diffrn_source.pdbx_synchrotron_site       'Photon Factory' 
# 
_reflns.B_iso_Wilson_estimate                          ? 
_reflns.entry_id                                       9K8P 
_reflns.data_reduction_details                         ? 
_reflns.data_reduction_method                          ? 
_reflns.d_resolution_high                              2.85 
_reflns.d_resolution_low                               49.16 
_reflns.details                                        ? 
_reflns.limit_h_max                                    ? 
_reflns.limit_h_min                                    ? 
_reflns.limit_k_max                                    ? 
_reflns.limit_k_min                                    ? 
_reflns.limit_l_max                                    ? 
_reflns.limit_l_min                                    ? 
_reflns.number_all                                     ? 
_reflns.number_obs                                     3855 
_reflns.observed_criterion                             ? 
_reflns.observed_criterion_F_max                       ? 
_reflns.observed_criterion_F_min                       ? 
_reflns.observed_criterion_I_max                       ? 
_reflns.observed_criterion_I_min                       ? 
_reflns.observed_criterion_sigma_F                     ? 
_reflns.observed_criterion_sigma_I                     ? 
_reflns.percent_possible_obs                           92.6 
_reflns.R_free_details                                 ? 
_reflns.Rmerge_F_all                                   ? 
_reflns.Rmerge_F_obs                                   ? 
_reflns.Friedel_coverage                               ? 
_reflns.number_gt                                      ? 
_reflns.threshold_expression                           ? 
_reflns.pdbx_redundancy                                3.38 
_reflns.pdbx_netI_over_av_sigmaI                       ? 
_reflns.pdbx_netI_over_sigmaI                          9.4 
_reflns.pdbx_res_netI_over_av_sigmaI_2                 ? 
_reflns.pdbx_res_netI_over_sigmaI_2                    ? 
_reflns.pdbx_chi_squared                               ? 
_reflns.pdbx_scaling_rejects                           ? 
_reflns.pdbx_d_res_high_opt                            ? 
_reflns.pdbx_d_res_low_opt                             ? 
_reflns.pdbx_d_res_opt_method                          ? 
_reflns.phase_calculation_details                      ? 
_reflns.pdbx_Rrim_I_all                                ? 
_reflns.pdbx_Rpim_I_all                                ? 
_reflns.pdbx_d_opt                                     ? 
_reflns.pdbx_number_measured_all                       ? 
_reflns.pdbx_diffrn_id                                 1 
_reflns.pdbx_ordinal                                   1 
_reflns.pdbx_CC_half                                   0.997 
_reflns.pdbx_CC_star                                   ? 
_reflns.pdbx_R_split                                   ? 
_reflns.pdbx_Rmerge_I_obs                              0.042 
_reflns.pdbx_Rmerge_I_all                              ? 
_reflns.pdbx_Rsym_value                                ? 
_reflns.pdbx_CC_split_method                           ? 
_reflns.pdbx_aniso_diffraction_limit_axis_1_ortho[1]   ? 
_reflns.pdbx_aniso_diffraction_limit_axis_1_ortho[2]   ? 
_reflns.pdbx_aniso_diffraction_limit_axis_1_ortho[3]   ? 
_reflns.pdbx_aniso_diffraction_limit_axis_2_ortho[1]   ? 
_reflns.pdbx_aniso_diffraction_limit_axis_2_ortho[2]   ? 
_reflns.pdbx_aniso_diffraction_limit_axis_2_ortho[3]   ? 
_reflns.pdbx_aniso_diffraction_limit_axis_3_ortho[1]   ? 
_reflns.pdbx_aniso_diffraction_limit_axis_3_ortho[2]   ? 
_reflns.pdbx_aniso_diffraction_limit_axis_3_ortho[3]   ? 
_reflns.pdbx_aniso_diffraction_limit_1                 ? 
_reflns.pdbx_aniso_diffraction_limit_2                 ? 
_reflns.pdbx_aniso_diffraction_limit_3                 ? 
_reflns.pdbx_aniso_B_tensor_eigenvector_1_ortho[1]     ? 
_reflns.pdbx_aniso_B_tensor_eigenvector_1_ortho[2]     ? 
_reflns.pdbx_aniso_B_tensor_eigenvector_1_ortho[3]     ? 
_reflns.pdbx_aniso_B_tensor_eigenvector_2_ortho[1]     ? 
_reflns.pdbx_aniso_B_tensor_eigenvector_2_ortho[2]     ? 
_reflns.pdbx_aniso_B_tensor_eigenvector_2_ortho[3]     ? 
_reflns.pdbx_aniso_B_tensor_eigenvector_3_ortho[1]     ? 
_reflns.pdbx_aniso_B_tensor_eigenvector_3_ortho[2]     ? 
_reflns.pdbx_aniso_B_tensor_eigenvector_3_ortho[3]     ? 
_reflns.pdbx_aniso_B_tensor_eigenvalue_1               ? 
_reflns.pdbx_aniso_B_tensor_eigenvalue_2               ? 
_reflns.pdbx_aniso_B_tensor_eigenvalue_3               ? 
_reflns.pdbx_orthogonalization_convention              ? 
_reflns.pdbx_percent_possible_ellipsoidal              ? 
_reflns.pdbx_percent_possible_spherical                ? 
_reflns.pdbx_percent_possible_ellipsoidal_anomalous    ? 
_reflns.pdbx_percent_possible_spherical_anomalous      ? 
_reflns.pdbx_redundancy_anomalous                      ? 
_reflns.pdbx_CC_half_anomalous                         ? 
_reflns.pdbx_absDiff_over_sigma_anomalous              ? 
_reflns.pdbx_percent_possible_anomalous                ? 
_reflns.pdbx_observed_signal_threshold                 ? 
_reflns.pdbx_signal_type                               ? 
_reflns.pdbx_signal_details                            ? 
_reflns.pdbx_signal_software_id                        ? 
# 
_reflns_shell.d_res_high                                    2.85 
_reflns_shell.d_res_low                                     3.02 
_reflns_shell.meanI_over_sigI_all                           ? 
_reflns_shell.meanI_over_sigI_obs                           ? 
_reflns_shell.number_measured_all                           ? 
_reflns_shell.number_measured_obs                           ? 
_reflns_shell.number_possible                               ? 
_reflns_shell.number_unique_all                             ? 
_reflns_shell.number_unique_obs                             1071 
_reflns_shell.percent_possible_obs                          ? 
_reflns_shell.Rmerge_F_all                                  ? 
_reflns_shell.Rmerge_F_obs                                  ? 
_reflns_shell.meanI_over_sigI_gt                            ? 
_reflns_shell.meanI_over_uI_all                             ? 
_reflns_shell.meanI_over_uI_gt                              ? 
_reflns_shell.number_measured_gt                            ? 
_reflns_shell.number_unique_gt                              ? 
_reflns_shell.percent_possible_gt                           ? 
_reflns_shell.Rmerge_F_gt                                   ? 
_reflns_shell.Rmerge_I_gt                                   ? 
_reflns_shell.pdbx_redundancy                               1.69 
_reflns_shell.pdbx_chi_squared                              ? 
_reflns_shell.pdbx_netI_over_sigmaI_all                     ? 
_reflns_shell.pdbx_netI_over_sigmaI_obs                     ? 
_reflns_shell.pdbx_Rrim_I_all                               ? 
_reflns_shell.pdbx_Rpim_I_all                               ? 
_reflns_shell.pdbx_rejects                                  ? 
_reflns_shell.pdbx_ordinal                                  1 
_reflns_shell.pdbx_diffrn_id                                1 
_reflns_shell.pdbx_CC_half                                  0.649 
_reflns_shell.pdbx_CC_star                                  ? 
_reflns_shell.pdbx_R_split                                  ? 
_reflns_shell.percent_possible_all                          85.7 
_reflns_shell.Rmerge_I_all                                  ? 
_reflns_shell.Rmerge_I_obs                                  0.70 
_reflns_shell.pdbx_Rsym_value                               ? 
_reflns_shell.pdbx_percent_possible_ellipsoidal             ? 
_reflns_shell.pdbx_percent_possible_spherical               ? 
_reflns_shell.pdbx_percent_possible_ellipsoidal_anomalous   ? 
_reflns_shell.pdbx_percent_possible_spherical_anomalous     ? 
_reflns_shell.pdbx_redundancy_anomalous                     ? 
_reflns_shell.pdbx_CC_half_anomalous                        ? 
_reflns_shell.pdbx_absDiff_over_sigma_anomalous             ? 
_reflns_shell.pdbx_percent_possible_anomalous               ? 
# 
_refine.aniso_B[1][1]                            0.28 
_refine.aniso_B[1][2]                            0.00 
_refine.aniso_B[1][3]                            0.01 
_refine.aniso_B[2][2]                            -0.41 
_refine.aniso_B[2][3]                            0.00 
_refine.aniso_B[3][3]                            0.10 
_refine.B_iso_max                                ? 
_refine.B_iso_mean                               108.704 
_refine.B_iso_min                                ? 
_refine.correlation_coeff_Fo_to_Fc               0.946 
_refine.correlation_coeff_Fo_to_Fc_free          0.929 
_refine.details                                  'HYDROGENS HAVE BEEN ADDED IN THE RIDING POSITIONS' 
_refine.diff_density_max                         ? 
_refine.diff_density_max_esd                     ? 
_refine.diff_density_min                         ? 
_refine.diff_density_min_esd                     ? 
_refine.diff_density_rms                         ? 
_refine.diff_density_rms_esd                     ? 
_refine.entry_id                                 9K8P 
_refine.pdbx_refine_id                           'X-RAY DIFFRACTION' 
_refine.ls_abs_structure_details                 ? 
_refine.ls_abs_structure_Flack                   ? 
_refine.ls_abs_structure_Flack_esd               ? 
_refine.ls_abs_structure_Rogers                  ? 
_refine.ls_abs_structure_Rogers_esd              ? 
_refine.ls_d_res_high                            2.85 
_refine.ls_d_res_low                             49.15 
_refine.ls_extinction_coef                       ? 
_refine.ls_extinction_coef_esd                   ? 
_refine.ls_extinction_expression                 ? 
_refine.ls_extinction_method                     ? 
_refine.ls_goodness_of_fit_all                   ? 
_refine.ls_goodness_of_fit_all_esd               ? 
_refine.ls_goodness_of_fit_obs                   ? 
_refine.ls_goodness_of_fit_obs_esd               ? 
_refine.ls_hydrogen_treatment                    ? 
_refine.ls_matrix_type                           ? 
_refine.ls_number_constraints                    ? 
_refine.ls_number_parameters                     ? 
_refine.ls_number_reflns_all                     ? 
_refine.ls_number_reflns_obs                     3661 
_refine.ls_number_reflns_R_free                  193 
_refine.ls_number_reflns_R_work                  ? 
_refine.ls_number_restraints                     ? 
_refine.ls_percent_reflns_obs                    97.18 
_refine.ls_percent_reflns_R_free                 5.0 
_refine.ls_R_factor_all                          ? 
_refine.ls_R_factor_obs                          0.24784 
_refine.ls_R_factor_R_free                       0.32929 
_refine.ls_R_factor_R_free_error                 ? 
_refine.ls_R_factor_R_free_error_details         ? 
_refine.ls_R_factor_R_work                       0.24316 
_refine.ls_R_Fsqd_factor_obs                     ? 
_refine.ls_R_I_factor_obs                        ? 
_refine.ls_redundancy_reflns_all                 ? 
_refine.ls_redundancy_reflns_obs                 ? 
_refine.ls_restrained_S_all                      ? 
_refine.ls_restrained_S_obs                      ? 
_refine.ls_shift_over_esd_max                    ? 
_refine.ls_shift_over_esd_mean                   ? 
_refine.ls_structure_factor_coef                 ? 
_refine.ls_weighting_details                     ? 
_refine.ls_weighting_scheme                      ? 
_refine.ls_wR_factor_all                         ? 
_refine.ls_wR_factor_obs                         ? 
_refine.ls_wR_factor_R_free                      ? 
_refine.ls_wR_factor_R_work                      ? 
_refine.occupancy_max                            ? 
_refine.occupancy_min                            ? 
_refine.solvent_model_details                    MASK 
_refine.solvent_model_param_bsol                 ? 
_refine.solvent_model_param_ksol                 ? 
_refine.pdbx_R_complete                          ? 
_refine.ls_R_factor_gt                           ? 
_refine.ls_goodness_of_fit_gt                    ? 
_refine.ls_goodness_of_fit_ref                   ? 
_refine.ls_shift_over_su_max                     ? 
_refine.ls_shift_over_su_max_lt                  ? 
_refine.ls_shift_over_su_mean                    ? 
_refine.ls_shift_over_su_mean_lt                 ? 
_refine.pdbx_ls_sigma_I                          ? 
_refine.pdbx_ls_sigma_F                          ? 
_refine.pdbx_ls_sigma_Fsqd                       ? 
_refine.pdbx_data_cutoff_high_absF               ? 
_refine.pdbx_data_cutoff_high_rms_absF           ? 
_refine.pdbx_data_cutoff_low_absF                ? 
_refine.pdbx_isotropic_thermal_model             ? 
_refine.pdbx_ls_cross_valid_method               THROUGHOUT 
_refine.pdbx_method_to_determine_struct          'MOLECULAR REPLACEMENT' 
_refine.pdbx_starting_model                      ? 
_refine.pdbx_stereochemistry_target_values       'MAXIMUM LIKELIHOOD' 
_refine.pdbx_R_Free_selection_details            RANDOM 
_refine.pdbx_stereochem_target_val_spec_case     ? 
_refine.pdbx_overall_ESU_R                       ? 
_refine.pdbx_overall_ESU_R_Free                  0.529 
_refine.pdbx_solvent_vdw_probe_radii             1.20 
_refine.pdbx_solvent_ion_probe_radii             0.80 
_refine.pdbx_solvent_shrinkage_radii             0.80 
_refine.pdbx_real_space_R                        ? 
_refine.pdbx_density_correlation                 ? 
_refine.pdbx_pd_number_of_powder_patterns        ? 
_refine.pdbx_pd_number_of_points                 ? 
_refine.pdbx_pd_meas_number_of_points            ? 
_refine.pdbx_pd_proc_ls_prof_R_factor            ? 
_refine.pdbx_pd_proc_ls_prof_wR_factor           ? 
_refine.pdbx_pd_Marquardt_correlation_coeff      ? 
_refine.pdbx_pd_Fsqrd_R_factor                   ? 
_refine.pdbx_pd_ls_matrix_band_width             ? 
_refine.pdbx_overall_phase_error                 ? 
_refine.pdbx_overall_SU_R_free_Cruickshank_DPI   ? 
_refine.pdbx_overall_SU_R_free_Blow_DPI          ? 
_refine.pdbx_overall_SU_R_Blow_DPI               ? 
_refine.pdbx_TLS_residual_ADP_flag               ? 
_refine.pdbx_diffrn_id                           1 
_refine.overall_SU_B                             26.700 
_refine.overall_SU_ML                            0.521 
_refine.overall_SU_R_Cruickshank_DPI             ? 
_refine.overall_SU_R_free                        ? 
_refine.overall_FOM_free_R_set                   ? 
_refine.overall_FOM_work_R_set                   ? 
_refine.pdbx_average_fsc_overall                 ? 
_refine.pdbx_average_fsc_work                    ? 
_refine.pdbx_average_fsc_free                    ? 
# 
_refine_hist.pdbx_refine_id                   'X-RAY DIFFRACTION' 
_refine_hist.cycle_id                         1 
_refine_hist.details                          ? 
_refine_hist.d_res_high                       2.85 
_refine_hist.d_res_low                        49.15 
_refine_hist.number_atoms_solvent             6 
_refine_hist.number_atoms_total               1071 
_refine_hist.number_reflns_all                ? 
_refine_hist.number_reflns_obs                ? 
_refine_hist.number_reflns_R_free             ? 
_refine_hist.number_reflns_R_work             ? 
_refine_hist.R_factor_all                     ? 
_refine_hist.R_factor_obs                     ? 
_refine_hist.R_factor_R_free                  ? 
_refine_hist.R_factor_R_work                  ? 
_refine_hist.pdbx_number_residues_total       ? 
_refine_hist.pdbx_B_iso_mean_ligand           ? 
_refine_hist.pdbx_B_iso_mean_solvent          ? 
_refine_hist.pdbx_number_atoms_protein        0 
_refine_hist.pdbx_number_atoms_nucleic_acid   1061 
_refine_hist.pdbx_number_atoms_ligand         4 
_refine_hist.pdbx_number_atoms_lipid          ? 
_refine_hist.pdbx_number_atoms_carb           ? 
_refine_hist.pdbx_pseudo_atom_details         ? 
# 
loop_
_refine_ls_restr.pdbx_refine_id 
_refine_ls_restr.criterion 
_refine_ls_restr.dev_ideal 
_refine_ls_restr.dev_ideal_target 
_refine_ls_restr.number 
_refine_ls_restr.rejects 
_refine_ls_restr.type 
_refine_ls_restr.weight 
_refine_ls_restr.pdbx_restraint_function 
'X-RAY DIFFRACTION' ? 0.005  0.011  1228 ? r_bond_refined_d             ? ? 
'X-RAY DIFFRACTION' ? 0.003  0.020  586  ? r_bond_other_d               ? ? 
'X-RAY DIFFRACTION' ? 1.238  1.178  1898 ? r_angle_refined_deg          ? ? 
'X-RAY DIFFRACTION' ? 1.596  2.979  1386 ? r_angle_other_deg            ? ? 
'X-RAY DIFFRACTION' ? ?      ?      ?    ? r_dihedral_angle_1_deg       ? ? 
'X-RAY DIFFRACTION' ? ?      ?      ?    ? r_dihedral_angle_2_deg       ? ? 
'X-RAY DIFFRACTION' ? ?      ?      ?    ? r_dihedral_angle_3_deg       ? ? 
'X-RAY DIFFRACTION' ? ?      ?      ?    ? r_dihedral_angle_4_deg       ? ? 
'X-RAY DIFFRACTION' ? 0.097  0.200  165  ? r_chiral_restr               ? ? 
'X-RAY DIFFRACTION' ? 0.009  0.020  665  ? r_gen_planes_refined         ? ? 
'X-RAY DIFFRACTION' ? 0.002  0.020  300  ? r_gen_planes_other           ? ? 
'X-RAY DIFFRACTION' ? ?      ?      ?    ? r_nbd_refined                ? ? 
'X-RAY DIFFRACTION' ? ?      ?      ?    ? r_nbd_other                  ? ? 
'X-RAY DIFFRACTION' ? ?      ?      ?    ? r_nbtor_refined              ? ? 
'X-RAY DIFFRACTION' ? ?      ?      ?    ? r_nbtor_other                ? ? 
'X-RAY DIFFRACTION' ? ?      ?      ?    ? r_xyhbond_nbd_refined        ? ? 
'X-RAY DIFFRACTION' ? ?      ?      ?    ? r_xyhbond_nbd_other          ? ? 
'X-RAY DIFFRACTION' ? ?      ?      ?    ? r_metal_ion_refined          ? ? 
'X-RAY DIFFRACTION' ? ?      ?      ?    ? r_metal_ion_other            ? ? 
'X-RAY DIFFRACTION' ? ?      ?      ?    ? r_symmetry_vdw_refined       ? ? 
'X-RAY DIFFRACTION' ? ?      ?      ?    ? r_symmetry_vdw_other         ? ? 
'X-RAY DIFFRACTION' ? ?      ?      ?    ? r_symmetry_hbond_refined     ? ? 
'X-RAY DIFFRACTION' ? ?      ?      ?    ? r_symmetry_hbond_other       ? ? 
'X-RAY DIFFRACTION' ? ?      ?      ?    ? r_symmetry_metal_ion_refined ? ? 
'X-RAY DIFFRACTION' ? ?      ?      ?    ? r_symmetry_metal_ion_other   ? ? 
'X-RAY DIFFRACTION' ? ?      ?      ?    ? r_mcbond_it                  ? ? 
'X-RAY DIFFRACTION' ? ?      ?      ?    ? r_mcbond_other               ? ? 
'X-RAY DIFFRACTION' ? ?      ?      ?    ? r_mcangle_it                 ? ? 
'X-RAY DIFFRACTION' ? ?      ?      ?    ? r_mcangle_other              ? ? 
'X-RAY DIFFRACTION' ? 10.635 11.273 1226 ? r_scbond_it                  ? ? 
'X-RAY DIFFRACTION' ? 10.628 11.269 1222 ? r_scbond_other               ? ? 
'X-RAY DIFFRACTION' ? ?      ?      ?    ? r_scangle_it                 ? ? 
'X-RAY DIFFRACTION' ? 15.086 16.890 1892 ? r_scangle_other              ? ? 
'X-RAY DIFFRACTION' ? 18.696 ?      1733 ? r_long_range_B_refined       ? ? 
'X-RAY DIFFRACTION' ? 18.691 ?      1734 ? r_long_range_B_other         ? ? 
'X-RAY DIFFRACTION' ? ?      ?      ?    ? r_rigid_bond_restr           ? ? 
'X-RAY DIFFRACTION' ? ?      ?      ?    ? r_sphericity_free            ? ? 
'X-RAY DIFFRACTION' ? ?      ?      ?    ? r_sphericity_bonded          ? ? 
# 
_refine_ls_shell.pdbx_refine_id                   'X-RAY DIFFRACTION' 
_refine_ls_shell.d_res_high                       2.852 
_refine_ls_shell.d_res_low                        2.926 
_refine_ls_shell.number_reflns_all                ? 
_refine_ls_shell.number_reflns_obs                ? 
_refine_ls_shell.number_reflns_R_free             13 
_refine_ls_shell.number_reflns_R_work             247 
_refine_ls_shell.percent_reflns_obs               93.19 
_refine_ls_shell.percent_reflns_R_free            ? 
_refine_ls_shell.R_factor_all                     ? 
_refine_ls_shell.R_factor_obs                     ? 
_refine_ls_shell.R_factor_R_free_error            ? 
_refine_ls_shell.R_factor_R_work                  0.510 
_refine_ls_shell.redundancy_reflns_all            ? 
_refine_ls_shell.redundancy_reflns_obs            ? 
_refine_ls_shell.wR_factor_all                    ? 
_refine_ls_shell.wR_factor_obs                    ? 
_refine_ls_shell.wR_factor_R_free                 ? 
_refine_ls_shell.wR_factor_R_work                 ? 
_refine_ls_shell.pdbx_R_complete                  ? 
_refine_ls_shell.pdbx_total_number_of_bins_used   20 
_refine_ls_shell.pdbx_phase_error                 ? 
_refine_ls_shell.pdbx_fsc_work                    ? 
_refine_ls_shell.pdbx_fsc_free                    ? 
_refine_ls_shell.R_factor_R_free                  0.745 
# 
_struct.entry_id                     9K8P 
_struct.title                        'Crystal structure of a short zinc-dependent DNAzyme minGAA, dimeric form' 
_struct.pdbx_model_details           ? 
_struct.pdbx_formula_weight          ? 
_struct.pdbx_formula_weight_method   ? 
_struct.pdbx_model_type_details      ? 
_struct.pdbx_CASP_flag               N 
# 
_struct_keywords.entry_id        9K8P 
_struct_keywords.text            'DNAzyme, RNA cleavage, Zinc-dependent, DNA-RNA HYBRID' 
_struct_keywords.pdbx_keywords   'DNA-RNA HYBRID' 
# 
loop_
_struct_asym.id 
_struct_asym.pdbx_blank_PDB_chainid_flag 
_struct_asym.pdbx_modified 
_struct_asym.entity_id 
_struct_asym.details 
A N N 1 ? 
B N N 1 ? 
C N N 2 ? 
D N N 2 ? 
E N N 2 ? 
F N N 2 ? 
G N N 3 ? 
H N N 3 ? 
# 
_struct_ref.id                         1 
_struct_ref.db_name                    PDB 
_struct_ref.db_code                    9K8P 
_struct_ref.pdbx_db_accession          9K8P 
_struct_ref.pdbx_db_isoform            ? 
_struct_ref.entity_id                  1 
_struct_ref.pdbx_seq_one_letter_code   ? 
_struct_ref.pdbx_align_begin           1 
# 
loop_
_struct_ref_seq.align_id 
_struct_ref_seq.ref_id 
_struct_ref_seq.pdbx_PDB_id_code 
_struct_ref_seq.pdbx_strand_id 
_struct_ref_seq.seq_align_beg 
_struct_ref_seq.pdbx_seq_align_beg_ins_code 
_struct_ref_seq.seq_align_end 
_struct_ref_seq.pdbx_seq_align_end_ins_code 
_struct_ref_seq.pdbx_db_accession 
_struct_ref_seq.db_align_beg 
_struct_ref_seq.pdbx_db_align_beg_ins_code 
_struct_ref_seq.db_align_end 
_struct_ref_seq.pdbx_db_align_end_ins_code 
_struct_ref_seq.pdbx_auth_seq_align_beg 
_struct_ref_seq.pdbx_auth_seq_align_end 
1 1 9K8P A 1 ? 26 ? 9K8P 1 ? 26 ? 1 26 
2 1 9K8P B 1 ? 26 ? 9K8P 1 ? 26 ? 1 26 
# 
loop_
_pdbx_struct_assembly.id 
_pdbx_struct_assembly.details 
_pdbx_struct_assembly.method_details 
_pdbx_struct_assembly.oligomeric_details 
_pdbx_struct_assembly.oligomeric_count 
1 author_and_software_defined_assembly PISA dimeric 2 
2 author_and_software_defined_assembly PISA dimeric 2 
# 
loop_
_pdbx_struct_assembly_prop.biol_id 
_pdbx_struct_assembly_prop.type 
_pdbx_struct_assembly_prop.value 
_pdbx_struct_assembly_prop.details 
1 'ABSA (A^2)' 4580 ? 
1 MORE         -102 ? 
1 'SSA (A^2)'  8760 ? 
2 'ABSA (A^2)' 4470 ? 
2 MORE         -97  ? 
2 'SSA (A^2)'  8640 ? 
# 
loop_
_pdbx_struct_assembly_gen.assembly_id 
_pdbx_struct_assembly_gen.oper_expression 
_pdbx_struct_assembly_gen.asym_id_list 
1 1,2 A,C,D,G 
2 1,3 B,E,F,H 
# 
loop_
_pdbx_struct_assembly_auth_evidence.id 
_pdbx_struct_assembly_auth_evidence.assembly_id 
_pdbx_struct_assembly_auth_evidence.experimental_support 
_pdbx_struct_assembly_auth_evidence.details 
1 1 'native gel electrophoresis' ? 
2 2 'native gel electrophoresis' ? 
# 
loop_
_pdbx_struct_oper_list.id 
_pdbx_struct_oper_list.type 
_pdbx_struct_oper_list.name 
_pdbx_struct_oper_list.symmetry_operation 
_pdbx_struct_oper_list.matrix[1][1] 
_pdbx_struct_oper_list.matrix[1][2] 
_pdbx_struct_oper_list.matrix[1][3] 
_pdbx_struct_oper_list.vector[1] 
_pdbx_struct_oper_list.matrix[2][1] 
_pdbx_struct_oper_list.matrix[2][2] 
_pdbx_struct_oper_list.matrix[2][3] 
_pdbx_struct_oper_list.vector[2] 
_pdbx_struct_oper_list.matrix[3][1] 
_pdbx_struct_oper_list.matrix[3][2] 
_pdbx_struct_oper_list.matrix[3][3] 
_pdbx_struct_oper_list.vector[3] 
1 'identity operation'         1_555 x,y,z     1.0000000000  0.0000000000  0.0000000000  0.0000000000   0.0000000000  1.0000000000  0.0000000000 0.0000000000   0.0000000000  0.0000000000 1.0000000000 0.0000000000   
2 'crystal symmetry operation' 2_555 -x,y,-z   -0.0808518311 -0.0020255576 -0.9967240734 22.5434608094  -0.0020255576 -0.9999955362 0.0021965142 12.6903575760  -0.9967240734 0.0021965142 0.0808473673 20.7630940453  
3 'crystal symmetry operation' 2_655 -x+1,y,-z -0.0808518311 -0.0020255576 -0.9967240734 -23.0703605261 -0.0020255576 -0.9999955362 0.0021965142 -15.4503782921 -0.9967240734 0.0021965142 0.0808473673 -21.2433757418 
# 
loop_
_struct_conn.id 
_struct_conn.conn_type_id 
_struct_conn.pdbx_leaving_atom_flag 
_struct_conn.pdbx_PDB_id 
_struct_conn.ptnr1_label_asym_id 
_struct_conn.ptnr1_label_comp_id 
_struct_conn.ptnr1_label_seq_id 
_struct_conn.ptnr1_label_atom_id 
_struct_conn.pdbx_ptnr1_label_alt_id 
_struct_conn.pdbx_ptnr1_PDB_ins_code 
_struct_conn.pdbx_ptnr1_standard_comp_id 
_struct_conn.ptnr1_symmetry 
_struct_conn.ptnr2_label_asym_id 
_struct_conn.ptnr2_label_comp_id 
_struct_conn.ptnr2_label_seq_id 
_struct_conn.ptnr2_label_atom_id 
_struct_conn.pdbx_ptnr2_label_alt_id 
_struct_conn.pdbx_ptnr2_PDB_ins_code 
_struct_conn.ptnr1_auth_asym_id 
_struct_conn.ptnr1_auth_comp_id 
_struct_conn.ptnr1_auth_seq_id 
_struct_conn.ptnr2_auth_asym_id 
_struct_conn.ptnr2_auth_comp_id 
_struct_conn.ptnr2_auth_seq_id 
_struct_conn.ptnr2_symmetry 
_struct_conn.pdbx_ptnr3_label_atom_id 
_struct_conn.pdbx_ptnr3_label_seq_id 
_struct_conn.pdbx_ptnr3_label_comp_id 
_struct_conn.pdbx_ptnr3_label_asym_id 
_struct_conn.pdbx_ptnr3_label_alt_id 
_struct_conn.pdbx_ptnr3_PDB_ins_code 
_struct_conn.details 
_struct_conn.pdbx_dist_value 
_struct_conn.pdbx_value_order 
_struct_conn.pdbx_role 
covale1   covale both ? A DG  17 "O3'" ? ? ? 1_555 A OMG 18 P  ? ? A DG  17 A OMG 18  1_555 ? ? ? ? ? ? ?               1.581 ? ? 
covale2   covale both ? A OMG 18 "O3'" ? ? ? 1_555 A A   19 P  ? ? A OMG 18 A A   19  1_555 ? ? ? ? ? ? ?               1.584 ? ? 
covale3   covale both ? B DG  17 "O3'" ? ? ? 1_555 B OMG 18 P  ? ? B DG  17 B OMG 18  1_555 ? ? ? ? ? ? ?               1.614 ? ? 
covale4   covale both ? B OMG 18 "O3'" ? ? ? 1_555 B A   19 P  ? ? B OMG 18 B A   19  1_555 ? ? ? ? ? ? ?               1.597 ? ? 
metalc1   metalc ?    ? A DG  21 N7    ? ? ? 1_555 C ZN  .  ZN ? ? A DG  21 A ZN  101 1_555 ? ? ? ? ? ? ?               2.128 ? ? 
metalc2   metalc ?    ? B A   20 OP2   ? ? ? 1_555 E ZN  .  ZN ? ? B A   20 B ZN  101 1_555 ? ? ? ? ? ? ?               2.491 ? ? 
metalc3   metalc ?    ? B DG  21 N7    ? ? ? 1_555 E ZN  .  ZN ? ? B DG  21 B ZN  101 1_555 ? ? ? ? ? ? ?               2.450 ? ? 
hydrog1   hydrog ?    ? A DG  1  N1    ? ? ? 1_555 A DC  26 N3 ? ? A DG  1  A DC  26  2_555 ? ? ? ? ? ? WATSON-CRICK    ?     ? ? 
hydrog2   hydrog ?    ? A DG  1  N2    ? ? ? 1_555 A DC  26 O2 ? ? A DG  1  A DC  26  2_555 ? ? ? ? ? ? WATSON-CRICK    ?     ? ? 
hydrog3   hydrog ?    ? A DG  1  O6    ? ? ? 1_555 A DC  26 N4 ? ? A DG  1  A DC  26  2_555 ? ? ? ? ? ? WATSON-CRICK    ?     ? ? 
hydrog4   hydrog ?    ? A DG  2  N1    ? ? ? 1_555 A DC  25 N3 ? ? A DG  2  A DC  25  2_555 ? ? ? ? ? ? WATSON-CRICK    ?     ? ? 
hydrog5   hydrog ?    ? A DG  2  N2    ? ? ? 1_555 A DC  25 O2 ? ? A DG  2  A DC  25  2_555 ? ? ? ? ? ? WATSON-CRICK    ?     ? ? 
hydrog6   hydrog ?    ? A DG  2  O6    ? ? ? 1_555 A DC  25 N4 ? ? A DG  2  A DC  25  2_555 ? ? ? ? ? ? WATSON-CRICK    ?     ? ? 
hydrog7   hydrog ?    ? A DA  3  N1    ? ? ? 1_555 A DT  24 N3 ? ? A DA  3  A DT  24  2_555 ? ? ? ? ? ? WATSON-CRICK    ?     ? ? 
hydrog8   hydrog ?    ? A DA  3  N6    ? ? ? 1_555 A DT  24 O4 ? ? A DA  3  A DT  24  2_555 ? ? ? ? ? ? WATSON-CRICK    ?     ? ? 
hydrog9   hydrog ?    ? A DT  4  N3    ? ? ? 1_555 A DA  23 N1 ? ? A DT  4  A DA  23  2_555 ? ? ? ? ? ? WATSON-CRICK    ?     ? ? 
hydrog10  hydrog ?    ? A DT  4  O4    ? ? ? 1_555 A DA  23 N6 ? ? A DT  4  A DA  23  2_555 ? ? ? ? ? ? WATSON-CRICK    ?     ? ? 
hydrog11  hydrog ?    ? A DC  5  N3    ? ? ? 1_555 A DG  22 N1 ? ? A DC  5  A DG  22  2_555 ? ? ? ? ? ? WATSON-CRICK    ?     ? ? 
hydrog12  hydrog ?    ? A DC  5  N4    ? ? ? 1_555 A DG  22 O6 ? ? A DC  5  A DG  22  2_555 ? ? ? ? ? ? WATSON-CRICK    ?     ? ? 
hydrog13  hydrog ?    ? A DC  5  O2    ? ? ? 1_555 A DG  22 N2 ? ? A DC  5  A DG  22  2_555 ? ? ? ? ? ? WATSON-CRICK    ?     ? ? 
hydrog14  hydrog ?    ? A DA  6  N1    ? ? ? 1_555 A DG  21 N1 ? ? A DA  6  A DG  21  2_555 ? ? ? ? ? ? 'DA-DG MISPAIR' ?     ? ? 
hydrog15  hydrog ?    ? A DC  8  N3    ? ? ? 1_555 A OMG 18 N1 ? ? A DC  8  A OMG 18  2_555 ? ? ? ? ? ? WATSON-CRICK    ?     ? ? 
hydrog16  hydrog ?    ? A DC  8  N4    ? ? ? 1_555 A OMG 18 O6 ? ? A DC  8  A OMG 18  2_555 ? ? ? ? ? ? WATSON-CRICK    ?     ? ? 
hydrog17  hydrog ?    ? A DC  8  O2    ? ? ? 1_555 A OMG 18 N2 ? ? A DC  8  A OMG 18  2_555 ? ? ? ? ? ? WATSON-CRICK    ?     ? ? 
hydrog18  hydrog ?    ? A DC  9  N3    ? ? ? 1_555 A DG  17 N1 ? ? A DC  9  A DG  17  2_555 ? ? ? ? ? ? WATSON-CRICK    ?     ? ? 
hydrog19  hydrog ?    ? A DC  9  N4    ? ? ? 1_555 A DG  17 O6 ? ? A DC  9  A DG  17  2_555 ? ? ? ? ? ? WATSON-CRICK    ?     ? ? 
hydrog20  hydrog ?    ? A DC  9  O2    ? ? ? 1_555 A DG  17 N2 ? ? A DC  9  A DG  17  2_555 ? ? ? ? ? ? WATSON-CRICK    ?     ? ? 
hydrog21  hydrog ?    ? A DG  10 N1    ? ? ? 1_555 A DC  16 N3 ? ? A DG  10 A DC  16  2_555 ? ? ? ? ? ? WATSON-CRICK    ?     ? ? 
hydrog22  hydrog ?    ? A DG  10 N2    ? ? ? 1_555 A DC  16 O2 ? ? A DG  10 A DC  16  2_555 ? ? ? ? ? ? WATSON-CRICK    ?     ? ? 
hydrog23  hydrog ?    ? A DG  10 O6    ? ? ? 1_555 A DC  16 N4 ? ? A DG  10 A DC  16  2_555 ? ? ? ? ? ? WATSON-CRICK    ?     ? ? 
hydrog24  hydrog ?    ? A DC  11 N3    ? ? ? 1_555 A DG  15 N1 ? ? A DC  11 A DG  15  2_555 ? ? ? ? ? ? WATSON-CRICK    ?     ? ? 
hydrog25  hydrog ?    ? A DC  11 N4    ? ? ? 1_555 A DG  15 O6 ? ? A DC  11 A DG  15  2_555 ? ? ? ? ? ? WATSON-CRICK    ?     ? ? 
hydrog26  hydrog ?    ? A DC  11 O2    ? ? ? 1_555 A DG  15 N2 ? ? A DC  11 A DG  15  2_555 ? ? ? ? ? ? WATSON-CRICK    ?     ? ? 
hydrog27  hydrog ?    ? A DA  14 N6    ? ? ? 1_555 A DC  11 N3 ? ? A DA  14 A DC  11  2_555 ? ? ? ? ? ? 'DA-DC MISPAIR' ?     ? ? 
hydrog28  hydrog ?    ? A DG  15 N1    ? ? ? 1_555 A DC  11 N3 ? ? A DG  15 A DC  11  2_555 ? ? ? ? ? ? WATSON-CRICK    ?     ? ? 
hydrog29  hydrog ?    ? A DG  15 N2    ? ? ? 1_555 A DC  11 O2 ? ? A DG  15 A DC  11  2_555 ? ? ? ? ? ? WATSON-CRICK    ?     ? ? 
hydrog30  hydrog ?    ? A DG  15 O6    ? ? ? 1_555 A DC  11 N4 ? ? A DG  15 A DC  11  2_555 ? ? ? ? ? ? WATSON-CRICK    ?     ? ? 
hydrog31  hydrog ?    ? A DC  16 N3    ? ? ? 1_555 A DG  10 N1 ? ? A DC  16 A DG  10  2_555 ? ? ? ? ? ? WATSON-CRICK    ?     ? ? 
hydrog32  hydrog ?    ? A DC  16 N4    ? ? ? 1_555 A DG  10 O6 ? ? A DC  16 A DG  10  2_555 ? ? ? ? ? ? WATSON-CRICK    ?     ? ? 
hydrog33  hydrog ?    ? A DC  16 O2    ? ? ? 1_555 A DG  10 N2 ? ? A DC  16 A DG  10  2_555 ? ? ? ? ? ? WATSON-CRICK    ?     ? ? 
hydrog34  hydrog ?    ? A DG  17 N1    ? ? ? 1_555 A DC  9  N3 ? ? A DG  17 A DC  9   2_555 ? ? ? ? ? ? WATSON-CRICK    ?     ? ? 
hydrog35  hydrog ?    ? A DG  17 N2    ? ? ? 1_555 A DC  9  O2 ? ? A DG  17 A DC  9   2_555 ? ? ? ? ? ? WATSON-CRICK    ?     ? ? 
hydrog36  hydrog ?    ? A DG  17 O6    ? ? ? 1_555 A DC  9  N4 ? ? A DG  17 A DC  9   2_555 ? ? ? ? ? ? WATSON-CRICK    ?     ? ? 
hydrog37  hydrog ?    ? A DG  17 N2    ? ? ? 1_555 A A   19 N7 ? ? A DG  17 A A   19  1_555 ? ? ? ? ? ? TYPE_11_PAIR    ?     ? ? 
hydrog38  hydrog ?    ? A DG  17 N3    ? ? ? 1_555 A A   19 N6 ? ? A DG  17 A A   19  1_555 ? ? ? ? ? ? TYPE_11_PAIR    ?     ? ? 
hydrog39  hydrog ?    ? A OMG 18 N1    ? ? ? 1_555 A DC  8  N3 ? ? A OMG 18 A DC  8   2_555 ? ? ? ? ? ? WATSON-CRICK    ?     ? ? 
hydrog40  hydrog ?    ? A OMG 18 N2    ? ? ? 1_555 A DC  8  O2 ? ? A OMG 18 A DC  8   2_555 ? ? ? ? ? ? WATSON-CRICK    ?     ? ? 
hydrog41  hydrog ?    ? A OMG 18 O6    ? ? ? 1_555 A DC  8  N4 ? ? A OMG 18 A DC  8   2_555 ? ? ? ? ? ? WATSON-CRICK    ?     ? ? 
hydrog42  hydrog ?    ? A DG  21 N1    ? ? ? 1_555 A DA  6  N1 ? ? A DG  21 A DA  6   2_555 ? ? ? ? ? ? 'DG-DA MISPAIR' ?     ? ? 
hydrog43  hydrog ?    ? A DG  22 N1    ? ? ? 1_555 A DC  5  N3 ? ? A DG  22 A DC  5   2_555 ? ? ? ? ? ? WATSON-CRICK    ?     ? ? 
hydrog44  hydrog ?    ? A DG  22 N2    ? ? ? 1_555 A DC  5  O2 ? ? A DG  22 A DC  5   2_555 ? ? ? ? ? ? WATSON-CRICK    ?     ? ? 
hydrog45  hydrog ?    ? A DG  22 O6    ? ? ? 1_555 A DC  5  N4 ? ? A DG  22 A DC  5   2_555 ? ? ? ? ? ? WATSON-CRICK    ?     ? ? 
hydrog46  hydrog ?    ? A DA  23 N1    ? ? ? 1_555 A DT  4  N3 ? ? A DA  23 A DT  4   2_555 ? ? ? ? ? ? WATSON-CRICK    ?     ? ? 
hydrog47  hydrog ?    ? A DA  23 N6    ? ? ? 1_555 A DT  4  O4 ? ? A DA  23 A DT  4   2_555 ? ? ? ? ? ? WATSON-CRICK    ?     ? ? 
hydrog48  hydrog ?    ? A DT  24 N3    ? ? ? 1_555 A DA  3  N1 ? ? A DT  24 A DA  3   2_555 ? ? ? ? ? ? WATSON-CRICK    ?     ? ? 
hydrog49  hydrog ?    ? A DT  24 O4    ? ? ? 1_555 A DA  3  N6 ? ? A DT  24 A DA  3   2_555 ? ? ? ? ? ? WATSON-CRICK    ?     ? ? 
hydrog50  hydrog ?    ? A DC  25 N3    ? ? ? 1_555 A DG  2  N1 ? ? A DC  25 A DG  2   2_555 ? ? ? ? ? ? WATSON-CRICK    ?     ? ? 
hydrog51  hydrog ?    ? A DC  25 N4    ? ? ? 1_555 A DG  2  O6 ? ? A DC  25 A DG  2   2_555 ? ? ? ? ? ? WATSON-CRICK    ?     ? ? 
hydrog52  hydrog ?    ? A DC  25 O2    ? ? ? 1_555 A DG  2  N2 ? ? A DC  25 A DG  2   2_555 ? ? ? ? ? ? WATSON-CRICK    ?     ? ? 
hydrog53  hydrog ?    ? A DC  26 N3    ? ? ? 1_555 A DG  1  N1 ? ? A DC  26 A DG  1   2_555 ? ? ? ? ? ? WATSON-CRICK    ?     ? ? 
hydrog54  hydrog ?    ? A DC  26 N4    ? ? ? 1_555 A DG  1  O6 ? ? A DC  26 A DG  1   2_555 ? ? ? ? ? ? WATSON-CRICK    ?     ? ? 
hydrog55  hydrog ?    ? A DC  26 O2    ? ? ? 1_555 A DG  1  N2 ? ? A DC  26 A DG  1   2_555 ? ? ? ? ? ? WATSON-CRICK    ?     ? ? 
hydrog56  hydrog ?    ? B DG  2  N1    ? ? ? 1_555 B DC  25 N3 ? ? B DG  2  B DC  25  2_655 ? ? ? ? ? ? WATSON-CRICK    ?     ? ? 
hydrog57  hydrog ?    ? B DG  2  N2    ? ? ? 1_555 B DC  25 O2 ? ? B DG  2  B DC  25  2_655 ? ? ? ? ? ? WATSON-CRICK    ?     ? ? 
hydrog58  hydrog ?    ? B DG  2  O6    ? ? ? 1_555 B DC  25 N4 ? ? B DG  2  B DC  25  2_655 ? ? ? ? ? ? WATSON-CRICK    ?     ? ? 
hydrog59  hydrog ?    ? B DA  3  N1    ? ? ? 1_555 B DT  24 N3 ? ? B DA  3  B DT  24  2_655 ? ? ? ? ? ? WATSON-CRICK    ?     ? ? 
hydrog60  hydrog ?    ? B DA  3  N6    ? ? ? 1_555 B DT  24 O4 ? ? B DA  3  B DT  24  2_655 ? ? ? ? ? ? WATSON-CRICK    ?     ? ? 
hydrog61  hydrog ?    ? B DT  4  N3    ? ? ? 1_555 B DA  23 N1 ? ? B DT  4  B DA  23  2_655 ? ? ? ? ? ? WATSON-CRICK    ?     ? ? 
hydrog62  hydrog ?    ? B DT  4  O4    ? ? ? 1_555 B DA  23 N6 ? ? B DT  4  B DA  23  2_655 ? ? ? ? ? ? WATSON-CRICK    ?     ? ? 
hydrog63  hydrog ?    ? B DC  5  N3    ? ? ? 1_555 B DG  22 N1 ? ? B DC  5  B DG  22  2_655 ? ? ? ? ? ? WATSON-CRICK    ?     ? ? 
hydrog64  hydrog ?    ? B DC  5  N4    ? ? ? 1_555 B DG  22 O6 ? ? B DC  5  B DG  22  2_655 ? ? ? ? ? ? WATSON-CRICK    ?     ? ? 
hydrog65  hydrog ?    ? B DC  5  O2    ? ? ? 1_555 B DG  22 N2 ? ? B DC  5  B DG  22  2_655 ? ? ? ? ? ? WATSON-CRICK    ?     ? ? 
hydrog66  hydrog ?    ? B DC  8  N3    ? ? ? 1_555 B OMG 18 N1 ? ? B DC  8  B OMG 18  2_655 ? ? ? ? ? ? WATSON-CRICK    ?     ? ? 
hydrog67  hydrog ?    ? B DC  8  N4    ? ? ? 1_555 B OMG 18 O6 ? ? B DC  8  B OMG 18  2_655 ? ? ? ? ? ? WATSON-CRICK    ?     ? ? 
hydrog68  hydrog ?    ? B DC  8  O2    ? ? ? 1_555 B OMG 18 N2 ? ? B DC  8  B OMG 18  2_655 ? ? ? ? ? ? WATSON-CRICK    ?     ? ? 
hydrog69  hydrog ?    ? B DC  9  N3    ? ? ? 1_555 B DG  17 N1 ? ? B DC  9  B DG  17  2_655 ? ? ? ? ? ? WATSON-CRICK    ?     ? ? 
hydrog70  hydrog ?    ? B DC  9  N4    ? ? ? 1_555 B DG  17 O6 ? ? B DC  9  B DG  17  2_655 ? ? ? ? ? ? WATSON-CRICK    ?     ? ? 
hydrog71  hydrog ?    ? B DC  9  O2    ? ? ? 1_555 B DG  17 N2 ? ? B DC  9  B DG  17  2_655 ? ? ? ? ? ? WATSON-CRICK    ?     ? ? 
hydrog72  hydrog ?    ? B DG  10 N1    ? ? ? 1_555 B DC  16 N3 ? ? B DG  10 B DC  16  2_655 ? ? ? ? ? ? WATSON-CRICK    ?     ? ? 
hydrog73  hydrog ?    ? B DG  10 N2    ? ? ? 1_555 B DC  16 O2 ? ? B DG  10 B DC  16  2_655 ? ? ? ? ? ? WATSON-CRICK    ?     ? ? 
hydrog74  hydrog ?    ? B DG  10 O6    ? ? ? 1_555 B DC  16 N4 ? ? B DG  10 B DC  16  2_655 ? ? ? ? ? ? WATSON-CRICK    ?     ? ? 
hydrog75  hydrog ?    ? B DC  11 N3    ? ? ? 1_555 B DG  15 N1 ? ? B DC  11 B DG  15  2_655 ? ? ? ? ? ? WATSON-CRICK    ?     ? ? 
hydrog76  hydrog ?    ? B DC  11 N4    ? ? ? 1_555 B DG  15 O6 ? ? B DC  11 B DG  15  2_655 ? ? ? ? ? ? WATSON-CRICK    ?     ? ? 
hydrog77  hydrog ?    ? B DC  11 O2    ? ? ? 1_555 B DG  15 N2 ? ? B DC  11 B DG  15  2_655 ? ? ? ? ? ? WATSON-CRICK    ?     ? ? 
hydrog78  hydrog ?    ? B DG  12 N2    ? ? ? 1_555 B DA  13 N7 ? ? B DG  12 B DA  13  2_655 ? ? ? ? ? ? 'DG-DA MISPAIR' ?     ? ? 
hydrog79  hydrog ?    ? B DA  13 N7    ? ? ? 1_555 B DG  12 N2 ? ? B DA  13 B DG  12  2_655 ? ? ? ? ? ? 'DA-DG MISPAIR' ?     ? ? 
hydrog80  hydrog ?    ? B DA  14 N6    ? ? ? 1_555 B DC  11 N3 ? ? B DA  14 B DC  11  2_655 ? ? ? ? ? ? 'DA-DC MISPAIR' ?     ? ? 
hydrog81  hydrog ?    ? B DG  15 N1    ? ? ? 1_555 B DC  11 N3 ? ? B DG  15 B DC  11  2_655 ? ? ? ? ? ? WATSON-CRICK    ?     ? ? 
hydrog82  hydrog ?    ? B DG  15 N2    ? ? ? 1_555 B DC  11 O2 ? ? B DG  15 B DC  11  2_655 ? ? ? ? ? ? WATSON-CRICK    ?     ? ? 
hydrog83  hydrog ?    ? B DG  15 O6    ? ? ? 1_555 B DC  11 N4 ? ? B DG  15 B DC  11  2_655 ? ? ? ? ? ? WATSON-CRICK    ?     ? ? 
hydrog84  hydrog ?    ? B DC  16 N3    ? ? ? 1_555 B DG  10 N1 ? ? B DC  16 B DG  10  2_655 ? ? ? ? ? ? WATSON-CRICK    ?     ? ? 
hydrog85  hydrog ?    ? B DC  16 N4    ? ? ? 1_555 B DG  10 O6 ? ? B DC  16 B DG  10  2_655 ? ? ? ? ? ? WATSON-CRICK    ?     ? ? 
hydrog86  hydrog ?    ? B DC  16 O2    ? ? ? 1_555 B DG  10 N2 ? ? B DC  16 B DG  10  2_655 ? ? ? ? ? ? WATSON-CRICK    ?     ? ? 
hydrog87  hydrog ?    ? B DG  17 N1    ? ? ? 1_555 B DC  9  N3 ? ? B DG  17 B DC  9   2_655 ? ? ? ? ? ? WATSON-CRICK    ?     ? ? 
hydrog88  hydrog ?    ? B DG  17 N2    ? ? ? 1_555 B DC  9  O2 ? ? B DG  17 B DC  9   2_655 ? ? ? ? ? ? WATSON-CRICK    ?     ? ? 
hydrog89  hydrog ?    ? B DG  17 O6    ? ? ? 1_555 B DC  9  N4 ? ? B DG  17 B DC  9   2_655 ? ? ? ? ? ? WATSON-CRICK    ?     ? ? 
hydrog90  hydrog ?    ? B DG  17 N2    ? ? ? 1_555 B A   19 N7 ? ? B DG  17 B A   19  1_555 ? ? ? ? ? ? TYPE_11_PAIR    ?     ? ? 
hydrog91  hydrog ?    ? B DG  17 N3    ? ? ? 1_555 B A   19 N6 ? ? B DG  17 B A   19  1_555 ? ? ? ? ? ? TYPE_11_PAIR    ?     ? ? 
hydrog92  hydrog ?    ? B OMG 18 N1    ? ? ? 1_555 B DC  8  N3 ? ? B OMG 18 B DC  8   2_655 ? ? ? ? ? ? WATSON-CRICK    ?     ? ? 
hydrog93  hydrog ?    ? B OMG 18 N2    ? ? ? 1_555 B DC  8  O2 ? ? B OMG 18 B DC  8   2_655 ? ? ? ? ? ? WATSON-CRICK    ?     ? ? 
hydrog94  hydrog ?    ? B OMG 18 O6    ? ? ? 1_555 B DC  8  N4 ? ? B OMG 18 B DC  8   2_655 ? ? ? ? ? ? WATSON-CRICK    ?     ? ? 
hydrog95  hydrog ?    ? B DG  22 N1    ? ? ? 1_555 B DC  5  N3 ? ? B DG  22 B DC  5   2_655 ? ? ? ? ? ? WATSON-CRICK    ?     ? ? 
hydrog96  hydrog ?    ? B DG  22 N2    ? ? ? 1_555 B DC  5  O2 ? ? B DG  22 B DC  5   2_655 ? ? ? ? ? ? WATSON-CRICK    ?     ? ? 
hydrog97  hydrog ?    ? B DG  22 O6    ? ? ? 1_555 B DC  5  N4 ? ? B DG  22 B DC  5   2_655 ? ? ? ? ? ? WATSON-CRICK    ?     ? ? 
hydrog98  hydrog ?    ? B DA  23 N1    ? ? ? 1_555 B DT  4  N3 ? ? B DA  23 B DT  4   2_655 ? ? ? ? ? ? WATSON-CRICK    ?     ? ? 
hydrog99  hydrog ?    ? B DA  23 N6    ? ? ? 1_555 B DT  4  O4 ? ? B DA  23 B DT  4   2_655 ? ? ? ? ? ? WATSON-CRICK    ?     ? ? 
hydrog100 hydrog ?    ? B DT  24 N3    ? ? ? 1_555 B DA  3  N1 ? ? B DT  24 B DA  3   2_655 ? ? ? ? ? ? WATSON-CRICK    ?     ? ? 
hydrog101 hydrog ?    ? B DT  24 O4    ? ? ? 1_555 B DA  3  N6 ? ? B DT  24 B DA  3   2_655 ? ? ? ? ? ? WATSON-CRICK    ?     ? ? 
hydrog102 hydrog ?    ? B DC  25 N3    ? ? ? 1_555 B DG  2  N1 ? ? B DC  25 B DG  2   2_655 ? ? ? ? ? ? WATSON-CRICK    ?     ? ? 
hydrog103 hydrog ?    ? B DC  25 N4    ? ? ? 1_555 B DG  2  O6 ? ? B DC  25 B DG  2   2_655 ? ? ? ? ? ? WATSON-CRICK    ?     ? ? 
hydrog104 hydrog ?    ? B DC  25 O2    ? ? ? 1_555 B DG  2  N2 ? ? B DC  25 B DG  2   2_655 ? ? ? ? ? ? WATSON-CRICK    ?     ? ? 
# 
loop_
_struct_conn_type.id 
_struct_conn_type.criteria 
_struct_conn_type.reference 
covale ? ? 
metalc ? ? 
hydrog ? ? 
# 
_pdbx_struct_conn_angle.id                    1 
_pdbx_struct_conn_angle.ptnr1_label_atom_id   OP2 
_pdbx_struct_conn_angle.ptnr1_label_alt_id    ? 
_pdbx_struct_conn_angle.ptnr1_label_asym_id   B 
_pdbx_struct_conn_angle.ptnr1_label_comp_id   A 
_pdbx_struct_conn_angle.ptnr1_label_seq_id    20 
_pdbx_struct_conn_angle.ptnr1_auth_atom_id    ? 
_pdbx_struct_conn_angle.ptnr1_auth_asym_id    B 
_pdbx_struct_conn_angle.ptnr1_auth_comp_id    A 
_pdbx_struct_conn_angle.ptnr1_auth_seq_id     20 
_pdbx_struct_conn_angle.ptnr1_PDB_ins_code    ? 
_pdbx_struct_conn_angle.ptnr1_symmetry        1_555 
_pdbx_struct_conn_angle.ptnr2_label_atom_id   ZN 
_pdbx_struct_conn_angle.ptnr2_label_alt_id    ? 
_pdbx_struct_conn_angle.ptnr2_label_asym_id   E 
_pdbx_struct_conn_angle.ptnr2_label_comp_id   ZN 
_pdbx_struct_conn_angle.ptnr2_label_seq_id    . 
_pdbx_struct_conn_angle.ptnr2_auth_atom_id    ? 
_pdbx_struct_conn_angle.ptnr2_auth_asym_id    B 
_pdbx_struct_conn_angle.ptnr2_auth_comp_id    ZN 
_pdbx_struct_conn_angle.ptnr2_auth_seq_id     101 
_pdbx_struct_conn_angle.ptnr2_PDB_ins_code    ? 
_pdbx_struct_conn_angle.ptnr2_symmetry        1_555 
_pdbx_struct_conn_angle.ptnr3_label_atom_id   N7 
_pdbx_struct_conn_angle.ptnr3_label_alt_id    ? 
_pdbx_struct_conn_angle.ptnr3_label_asym_id   B 
_pdbx_struct_conn_angle.ptnr3_label_comp_id   DG 
_pdbx_struct_conn_angle.ptnr3_label_seq_id    21 
_pdbx_struct_conn_angle.ptnr3_auth_atom_id    ? 
_pdbx_struct_conn_angle.ptnr3_auth_asym_id    B 
_pdbx_struct_conn_angle.ptnr3_auth_comp_id    DG 
_pdbx_struct_conn_angle.ptnr3_auth_seq_id     21 
_pdbx_struct_conn_angle.ptnr3_PDB_ins_code    ? 
_pdbx_struct_conn_angle.ptnr3_symmetry        1_555 
_pdbx_struct_conn_angle.value                 74.9 
_pdbx_struct_conn_angle.value_esd             ? 
# 
_pdbx_entry_details.entry_id                   9K8P 
_pdbx_entry_details.nonpolymer_details         ? 
_pdbx_entry_details.sequence_details           ? 
_pdbx_entry_details.compound_details           ? 
_pdbx_entry_details.source_details             ? 
_pdbx_entry_details.has_ligand_of_interest     Y 
_pdbx_entry_details.has_protein_modification   N 
# 
loop_
_chem_comp_atom.comp_id 
_chem_comp_atom.atom_id 
_chem_comp_atom.type_symbol 
_chem_comp_atom.pdbx_aromatic_flag 
_chem_comp_atom.pdbx_stereo_config 
_chem_comp_atom.pdbx_ordinal 
A   OP3    O  N N 1   
A   P      P  N N 2   
A   OP1    O  N N 3   
A   OP2    O  N N 4   
A   "O5'"  O  N N 5   
A   "C5'"  C  N N 6   
A   "C4'"  C  N R 7   
A   "O4'"  O  N N 8   
A   "C3'"  C  N S 9   
A   "O3'"  O  N N 10  
A   "C2'"  C  N R 11  
A   "O2'"  O  N N 12  
A   "C1'"  C  N R 13  
A   N9     N  Y N 14  
A   C8     C  Y N 15  
A   N7     N  Y N 16  
A   C5     C  Y N 17  
A   C6     C  Y N 18  
A   N6     N  N N 19  
A   N1     N  Y N 20  
A   C2     C  Y N 21  
A   N3     N  Y N 22  
A   C4     C  Y N 23  
A   HOP3   H  N N 24  
A   HOP2   H  N N 25  
A   "H5'"  H  N N 26  
A   "H5''" H  N N 27  
A   "H4'"  H  N N 28  
A   "H3'"  H  N N 29  
A   "HO3'" H  N N 30  
A   "H2'"  H  N N 31  
A   "HO2'" H  N N 32  
A   "H1'"  H  N N 33  
A   H8     H  N N 34  
A   H61    H  N N 35  
A   H62    H  N N 36  
A   H2     H  N N 37  
DA  OP3    O  N N 38  
DA  P      P  N N 39  
DA  OP1    O  N N 40  
DA  OP2    O  N N 41  
DA  "O5'"  O  N N 42  
DA  "C5'"  C  N N 43  
DA  "C4'"  C  N R 44  
DA  "O4'"  O  N N 45  
DA  "C3'"  C  N S 46  
DA  "O3'"  O  N N 47  
DA  "C2'"  C  N N 48  
DA  "C1'"  C  N R 49  
DA  N9     N  Y N 50  
DA  C8     C  Y N 51  
DA  N7     N  Y N 52  
DA  C5     C  Y N 53  
DA  C6     C  Y N 54  
DA  N6     N  N N 55  
DA  N1     N  Y N 56  
DA  C2     C  Y N 57  
DA  N3     N  Y N 58  
DA  C4     C  Y N 59  
DA  HOP3   H  N N 60  
DA  HOP2   H  N N 61  
DA  "H5'"  H  N N 62  
DA  "H5''" H  N N 63  
DA  "H4'"  H  N N 64  
DA  "H3'"  H  N N 65  
DA  "HO3'" H  N N 66  
DA  "H2'"  H  N N 67  
DA  "H2''" H  N N 68  
DA  "H1'"  H  N N 69  
DA  H8     H  N N 70  
DA  H61    H  N N 71  
DA  H62    H  N N 72  
DA  H2     H  N N 73  
DC  OP3    O  N N 74  
DC  P      P  N N 75  
DC  OP1    O  N N 76  
DC  OP2    O  N N 77  
DC  "O5'"  O  N N 78  
DC  "C5'"  C  N N 79  
DC  "C4'"  C  N R 80  
DC  "O4'"  O  N N 81  
DC  "C3'"  C  N S 82  
DC  "O3'"  O  N N 83  
DC  "C2'"  C  N N 84  
DC  "C1'"  C  N R 85  
DC  N1     N  N N 86  
DC  C2     C  N N 87  
DC  O2     O  N N 88  
DC  N3     N  N N 89  
DC  C4     C  N N 90  
DC  N4     N  N N 91  
DC  C5     C  N N 92  
DC  C6     C  N N 93  
DC  HOP3   H  N N 94  
DC  HOP2   H  N N 95  
DC  "H5'"  H  N N 96  
DC  "H5''" H  N N 97  
DC  "H4'"  H  N N 98  
DC  "H3'"  H  N N 99  
DC  "HO3'" H  N N 100 
DC  "H2'"  H  N N 101 
DC  "H2''" H  N N 102 
DC  "H1'"  H  N N 103 
DC  H41    H  N N 104 
DC  H42    H  N N 105 
DC  H5     H  N N 106 
DC  H6     H  N N 107 
DG  OP3    O  N N 108 
DG  P      P  N N 109 
DG  OP1    O  N N 110 
DG  OP2    O  N N 111 
DG  "O5'"  O  N N 112 
DG  "C5'"  C  N N 113 
DG  "C4'"  C  N R 114 
DG  "O4'"  O  N N 115 
DG  "C3'"  C  N S 116 
DG  "O3'"  O  N N 117 
DG  "C2'"  C  N N 118 
DG  "C1'"  C  N R 119 
DG  N9     N  Y N 120 
DG  C8     C  Y N 121 
DG  N7     N  Y N 122 
DG  C5     C  Y N 123 
DG  C6     C  N N 124 
DG  O6     O  N N 125 
DG  N1     N  N N 126 
DG  C2     C  N N 127 
DG  N2     N  N N 128 
DG  N3     N  N N 129 
DG  C4     C  Y N 130 
DG  HOP3   H  N N 131 
DG  HOP2   H  N N 132 
DG  "H5'"  H  N N 133 
DG  "H5''" H  N N 134 
DG  "H4'"  H  N N 135 
DG  "H3'"  H  N N 136 
DG  "HO3'" H  N N 137 
DG  "H2'"  H  N N 138 
DG  "H2''" H  N N 139 
DG  "H1'"  H  N N 140 
DG  H8     H  N N 141 
DG  H1     H  N N 142 
DG  H21    H  N N 143 
DG  H22    H  N N 144 
DT  OP3    O  N N 145 
DT  P      P  N N 146 
DT  OP1    O  N N 147 
DT  OP2    O  N N 148 
DT  "O5'"  O  N N 149 
DT  "C5'"  C  N N 150 
DT  "C4'"  C  N R 151 
DT  "O4'"  O  N N 152 
DT  "C3'"  C  N S 153 
DT  "O3'"  O  N N 154 
DT  "C2'"  C  N N 155 
DT  "C1'"  C  N R 156 
DT  N1     N  N N 157 
DT  C2     C  N N 158 
DT  O2     O  N N 159 
DT  N3     N  N N 160 
DT  C4     C  N N 161 
DT  O4     O  N N 162 
DT  C5     C  N N 163 
DT  C7     C  N N 164 
DT  C6     C  N N 165 
DT  HOP3   H  N N 166 
DT  HOP2   H  N N 167 
DT  "H5'"  H  N N 168 
DT  "H5''" H  N N 169 
DT  "H4'"  H  N N 170 
DT  "H3'"  H  N N 171 
DT  "HO3'" H  N N 172 
DT  "H2'"  H  N N 173 
DT  "H2''" H  N N 174 
DT  "H1'"  H  N N 175 
DT  H3     H  N N 176 
DT  H71    H  N N 177 
DT  H72    H  N N 178 
DT  H73    H  N N 179 
DT  H6     H  N N 180 
HOH O      O  N N 181 
HOH H1     H  N N 182 
HOH H2     H  N N 183 
OMG P      P  N N 184 
OMG OP1    O  N N 185 
OMG OP2    O  N N 186 
OMG OP3    O  N N 187 
OMG "O5'"  O  N N 188 
OMG "C5'"  C  N N 189 
OMG "C4'"  C  N R 190 
OMG "O4'"  O  N N 191 
OMG "C3'"  C  N R 192 
OMG "O3'"  O  N N 193 
OMG "C2'"  C  N R 194 
OMG "O2'"  O  N N 195 
OMG CM2    C  N N 196 
OMG "C1'"  C  N R 197 
OMG N9     N  Y N 198 
OMG C8     C  Y N 199 
OMG N7     N  Y N 200 
OMG C5     C  Y N 201 
OMG C6     C  N N 202 
OMG O6     O  N N 203 
OMG N1     N  N N 204 
OMG C2     C  N N 205 
OMG N2     N  N N 206 
OMG N3     N  N N 207 
OMG C4     C  Y N 208 
OMG HOP2   H  N N 209 
OMG HOP3   H  N N 210 
OMG "H5'"  H  N N 211 
OMG "H5''" H  N N 212 
OMG "H4'"  H  N N 213 
OMG "H3'"  H  N N 214 
OMG "HO3'" H  N N 215 
OMG "H2'"  H  N N 216 
OMG HM21   H  N N 217 
OMG HM22   H  N N 218 
OMG HM23   H  N N 219 
OMG "H1'"  H  N N 220 
OMG H8     H  N N 221 
OMG HN1    H  N N 222 
OMG HN21   H  N N 223 
OMG HN22   H  N N 224 
ZN  ZN     ZN N N 225 
# 
loop_
_chem_comp_bond.comp_id 
_chem_comp_bond.atom_id_1 
_chem_comp_bond.atom_id_2 
_chem_comp_bond.value_order 
_chem_comp_bond.pdbx_aromatic_flag 
_chem_comp_bond.pdbx_stereo_config 
_chem_comp_bond.pdbx_ordinal 
A   OP3   P      sing N N 1   
A   OP3   HOP3   sing N N 2   
A   P     OP1    doub N N 3   
A   P     OP2    sing N N 4   
A   P     "O5'"  sing N N 5   
A   OP2   HOP2   sing N N 6   
A   "O5'" "C5'"  sing N N 7   
A   "C5'" "C4'"  sing N N 8   
A   "C5'" "H5'"  sing N N 9   
A   "C5'" "H5''" sing N N 10  
A   "C4'" "O4'"  sing N N 11  
A   "C4'" "C3'"  sing N N 12  
A   "C4'" "H4'"  sing N N 13  
A   "O4'" "C1'"  sing N N 14  
A   "C3'" "O3'"  sing N N 15  
A   "C3'" "C2'"  sing N N 16  
A   "C3'" "H3'"  sing N N 17  
A   "O3'" "HO3'" sing N N 18  
A   "C2'" "O2'"  sing N N 19  
A   "C2'" "C1'"  sing N N 20  
A   "C2'" "H2'"  sing N N 21  
A   "O2'" "HO2'" sing N N 22  
A   "C1'" N9     sing N N 23  
A   "C1'" "H1'"  sing N N 24  
A   N9    C8     sing Y N 25  
A   N9    C4     sing Y N 26  
A   C8    N7     doub Y N 27  
A   C8    H8     sing N N 28  
A   N7    C5     sing Y N 29  
A   C5    C6     sing Y N 30  
A   C5    C4     doub Y N 31  
A   C6    N6     sing N N 32  
A   C6    N1     doub Y N 33  
A   N6    H61    sing N N 34  
A   N6    H62    sing N N 35  
A   N1    C2     sing Y N 36  
A   C2    N3     doub Y N 37  
A   C2    H2     sing N N 38  
A   N3    C4     sing Y N 39  
DA  OP3   P      sing N N 40  
DA  OP3   HOP3   sing N N 41  
DA  P     OP1    doub N N 42  
DA  P     OP2    sing N N 43  
DA  P     "O5'"  sing N N 44  
DA  OP2   HOP2   sing N N 45  
DA  "O5'" "C5'"  sing N N 46  
DA  "C5'" "C4'"  sing N N 47  
DA  "C5'" "H5'"  sing N N 48  
DA  "C5'" "H5''" sing N N 49  
DA  "C4'" "O4'"  sing N N 50  
DA  "C4'" "C3'"  sing N N 51  
DA  "C4'" "H4'"  sing N N 52  
DA  "O4'" "C1'"  sing N N 53  
DA  "C3'" "O3'"  sing N N 54  
DA  "C3'" "C2'"  sing N N 55  
DA  "C3'" "H3'"  sing N N 56  
DA  "O3'" "HO3'" sing N N 57  
DA  "C2'" "C1'"  sing N N 58  
DA  "C2'" "H2'"  sing N N 59  
DA  "C2'" "H2''" sing N N 60  
DA  "C1'" N9     sing N N 61  
DA  "C1'" "H1'"  sing N N 62  
DA  N9    C8     sing Y N 63  
DA  N9    C4     sing Y N 64  
DA  C8    N7     doub Y N 65  
DA  C8    H8     sing N N 66  
DA  N7    C5     sing Y N 67  
DA  C5    C6     sing Y N 68  
DA  C5    C4     doub Y N 69  
DA  C6    N6     sing N N 70  
DA  C6    N1     doub Y N 71  
DA  N6    H61    sing N N 72  
DA  N6    H62    sing N N 73  
DA  N1    C2     sing Y N 74  
DA  C2    N3     doub Y N 75  
DA  C2    H2     sing N N 76  
DA  N3    C4     sing Y N 77  
DC  OP3   P      sing N N 78  
DC  OP3   HOP3   sing N N 79  
DC  P     OP1    doub N N 80  
DC  P     OP2    sing N N 81  
DC  P     "O5'"  sing N N 82  
DC  OP2   HOP2   sing N N 83  
DC  "O5'" "C5'"  sing N N 84  
DC  "C5'" "C4'"  sing N N 85  
DC  "C5'" "H5'"  sing N N 86  
DC  "C5'" "H5''" sing N N 87  
DC  "C4'" "O4'"  sing N N 88  
DC  "C4'" "C3'"  sing N N 89  
DC  "C4'" "H4'"  sing N N 90  
DC  "O4'" "C1'"  sing N N 91  
DC  "C3'" "O3'"  sing N N 92  
DC  "C3'" "C2'"  sing N N 93  
DC  "C3'" "H3'"  sing N N 94  
DC  "O3'" "HO3'" sing N N 95  
DC  "C2'" "C1'"  sing N N 96  
DC  "C2'" "H2'"  sing N N 97  
DC  "C2'" "H2''" sing N N 98  
DC  "C1'" N1     sing N N 99  
DC  "C1'" "H1'"  sing N N 100 
DC  N1    C2     sing N N 101 
DC  N1    C6     sing N N 102 
DC  C2    O2     doub N N 103 
DC  C2    N3     sing N N 104 
DC  N3    C4     doub N N 105 
DC  C4    N4     sing N N 106 
DC  C4    C5     sing N N 107 
DC  N4    H41    sing N N 108 
DC  N4    H42    sing N N 109 
DC  C5    C6     doub N N 110 
DC  C5    H5     sing N N 111 
DC  C6    H6     sing N N 112 
DG  OP3   P      sing N N 113 
DG  OP3   HOP3   sing N N 114 
DG  P     OP1    doub N N 115 
DG  P     OP2    sing N N 116 
DG  P     "O5'"  sing N N 117 
DG  OP2   HOP2   sing N N 118 
DG  "O5'" "C5'"  sing N N 119 
DG  "C5'" "C4'"  sing N N 120 
DG  "C5'" "H5'"  sing N N 121 
DG  "C5'" "H5''" sing N N 122 
DG  "C4'" "O4'"  sing N N 123 
DG  "C4'" "C3'"  sing N N 124 
DG  "C4'" "H4'"  sing N N 125 
DG  "O4'" "C1'"  sing N N 126 
DG  "C3'" "O3'"  sing N N 127 
DG  "C3'" "C2'"  sing N N 128 
DG  "C3'" "H3'"  sing N N 129 
DG  "O3'" "HO3'" sing N N 130 
DG  "C2'" "C1'"  sing N N 131 
DG  "C2'" "H2'"  sing N N 132 
DG  "C2'" "H2''" sing N N 133 
DG  "C1'" N9     sing N N 134 
DG  "C1'" "H1'"  sing N N 135 
DG  N9    C8     sing Y N 136 
DG  N9    C4     sing Y N 137 
DG  C8    N7     doub Y N 138 
DG  C8    H8     sing N N 139 
DG  N7    C5     sing Y N 140 
DG  C5    C6     sing N N 141 
DG  C5    C4     doub Y N 142 
DG  C6    O6     doub N N 143 
DG  C6    N1     sing N N 144 
DG  N1    C2     sing N N 145 
DG  N1    H1     sing N N 146 
DG  C2    N2     sing N N 147 
DG  C2    N3     doub N N 148 
DG  N2    H21    sing N N 149 
DG  N2    H22    sing N N 150 
DG  N3    C4     sing N N 151 
DT  OP3   P      sing N N 152 
DT  OP3   HOP3   sing N N 153 
DT  P     OP1    doub N N 154 
DT  P     OP2    sing N N 155 
DT  P     "O5'"  sing N N 156 
DT  OP2   HOP2   sing N N 157 
DT  "O5'" "C5'"  sing N N 158 
DT  "C5'" "C4'"  sing N N 159 
DT  "C5'" "H5'"  sing N N 160 
DT  "C5'" "H5''" sing N N 161 
DT  "C4'" "O4'"  sing N N 162 
DT  "C4'" "C3'"  sing N N 163 
DT  "C4'" "H4'"  sing N N 164 
DT  "O4'" "C1'"  sing N N 165 
DT  "C3'" "O3'"  sing N N 166 
DT  "C3'" "C2'"  sing N N 167 
DT  "C3'" "H3'"  sing N N 168 
DT  "O3'" "HO3'" sing N N 169 
DT  "C2'" "C1'"  sing N N 170 
DT  "C2'" "H2'"  sing N N 171 
DT  "C2'" "H2''" sing N N 172 
DT  "C1'" N1     sing N N 173 
DT  "C1'" "H1'"  sing N N 174 
DT  N1    C2     sing N N 175 
DT  N1    C6     sing N N 176 
DT  C2    O2     doub N N 177 
DT  C2    N3     sing N N 178 
DT  N3    C4     sing N N 179 
DT  N3    H3     sing N N 180 
DT  C4    O4     doub N N 181 
DT  C4    C5     sing N N 182 
DT  C5    C7     sing N N 183 
DT  C5    C6     doub N N 184 
DT  C7    H71    sing N N 185 
DT  C7    H72    sing N N 186 
DT  C7    H73    sing N N 187 
DT  C6    H6     sing N N 188 
HOH O     H1     sing N N 189 
HOH O     H2     sing N N 190 
OMG P     OP1    doub N N 191 
OMG P     OP2    sing N N 192 
OMG P     OP3    sing N N 193 
OMG P     "O5'"  sing N N 194 
OMG OP2   HOP2   sing N N 195 
OMG OP3   HOP3   sing N N 196 
OMG "O5'" "C5'"  sing N N 197 
OMG "C5'" "C4'"  sing N N 198 
OMG "C5'" "H5'"  sing N N 199 
OMG "C5'" "H5''" sing N N 200 
OMG "C4'" "O4'"  sing N N 201 
OMG "C4'" "C3'"  sing N N 202 
OMG "C4'" "H4'"  sing N N 203 
OMG "O4'" "C1'"  sing N N 204 
OMG "C3'" "O3'"  sing N N 205 
OMG "C3'" "C2'"  sing N N 206 
OMG "C3'" "H3'"  sing N N 207 
OMG "O3'" "HO3'" sing N N 208 
OMG "C2'" "O2'"  sing N N 209 
OMG "C2'" "C1'"  sing N N 210 
OMG "C2'" "H2'"  sing N N 211 
OMG "O2'" CM2    sing N N 212 
OMG CM2   HM21   sing N N 213 
OMG CM2   HM22   sing N N 214 
OMG CM2   HM23   sing N N 215 
OMG "C1'" N9     sing N N 216 
OMG "C1'" "H1'"  sing N N 217 
OMG N9    C8     sing Y N 218 
OMG N9    C4     sing Y N 219 
OMG C8    N7     doub Y N 220 
OMG C8    H8     sing N N 221 
OMG N7    C5     sing Y N 222 
OMG C5    C6     sing N N 223 
OMG C5    C4     doub Y N 224 
OMG C6    O6     doub N N 225 
OMG C6    N1     sing N N 226 
OMG N1    C2     sing N N 227 
OMG N1    HN1    sing N N 228 
OMG C2    N2     sing N N 229 
OMG C2    N3     doub N N 230 
OMG N2    HN21   sing N N 231 
OMG N2    HN22   sing N N 232 
OMG N3    C4     sing N N 233 
# 
loop_
_ndb_struct_conf_na.entry_id 
_ndb_struct_conf_na.feature 
9K8P 'double helix'         
9K8P 'b-form double helix'  
9K8P 'mismatched base pair' 
9K8P 'internal loop'        
# 
loop_
_ndb_struct_na_base_pair.model_number 
_ndb_struct_na_base_pair.i_label_asym_id 
_ndb_struct_na_base_pair.i_label_comp_id 
_ndb_struct_na_base_pair.i_label_seq_id 
_ndb_struct_na_base_pair.i_symmetry 
_ndb_struct_na_base_pair.j_label_asym_id 
_ndb_struct_na_base_pair.j_label_comp_id 
_ndb_struct_na_base_pair.j_label_seq_id 
_ndb_struct_na_base_pair.j_symmetry 
_ndb_struct_na_base_pair.shear 
_ndb_struct_na_base_pair.stretch 
_ndb_struct_na_base_pair.stagger 
_ndb_struct_na_base_pair.buckle 
_ndb_struct_na_base_pair.propeller 
_ndb_struct_na_base_pair.opening 
_ndb_struct_na_base_pair.pair_number 
_ndb_struct_na_base_pair.pair_name 
_ndb_struct_na_base_pair.i_auth_asym_id 
_ndb_struct_na_base_pair.i_auth_seq_id 
_ndb_struct_na_base_pair.i_PDB_ins_code 
_ndb_struct_na_base_pair.j_auth_asym_id 
_ndb_struct_na_base_pair.j_auth_seq_id 
_ndb_struct_na_base_pair.j_PDB_ins_code 
_ndb_struct_na_base_pair.hbond_type_28 
_ndb_struct_na_base_pair.hbond_type_12 
1 A DG  17 1_555 A A   19 1_555 6.260  -3.824 1.886  52.428  -18.322 26.116  1  A_DG17:A19_A  A 17 ? A 19 ? 11 9 
1 B DG  17 1_555 B A   19 1_555 5.947  -4.090 1.527  52.483  -5.968  27.172  2  B_DG17:A19_B  B 17 ? B 19 ? 11 9 
1 A DG  1  1_555 A DC  26 2_555 0.155  -0.460 -0.382 -11.110 -14.717 -4.492  3  A_DG1:DC26_A  A 1  ? A 26 ? 19 1 
1 A DG  2  1_555 A DC  25 2_555 -2.148 -0.931 0.731  8.046   -12.756 -12.964 4  A_DG2:DC25_A  A 2  ? A 25 ? 19 1 
1 A DA  3  1_555 A DT  24 2_555 0.768  -0.197 0.110  -4.126  -8.552  -10.286 5  A_DA3:DT24_A  A 3  ? A 24 ? 20 1 
1 A DT  4  1_555 A DA  23 2_555 -0.791 -0.105 0.627  -0.061  -10.379 -0.272  6  A_DT4:DA23_A  A 4  ? A 23 ? 20 1 
1 A DC  5  1_555 A DG  22 2_555 -0.062 0.040  0.336  11.680  -6.303  -4.488  7  A_DC5:DG22_A  A 5  ? A 22 ? 19 1 
1 A DA  6  1_555 A DG  21 2_555 -0.306 2.215  -0.232 13.223  -36.275 -10.848 8  A_DA6:DG21_A  A 6  ? A 21 ? ?  ? 
1 A DC  8  1_555 A OMG 18 2_555 -0.299 -0.068 0.324  -14.807 -1.230  2.682   9  A_DC8:OMG18_A A 8  ? A 18 ? 19 1 
1 A DC  9  1_555 A DG  17 2_555 -0.121 -0.116 -0.308 0.206   -27.092 -3.569  10 A_DC9:DG17_A  A 9  ? A 17 ? 19 1 
1 A DG  10 1_555 A DC  16 2_555 0.251  0.072  0.010  3.051   2.676   -1.773  11 A_DG10:DC16_A A 10 ? A 16 ? 19 1 
1 A DC  11 1_555 A DG  15 2_555 0.585  0.277  0.711  0.445   -0.963  1.116   12 A_DC11:DG15_A A 11 ? A 15 ? 19 1 
1 A DG  1  2_555 A DC  26 1_555 0.155  -0.460 -0.382 -11.110 -14.717 -4.492  13 A_DG1:DC26_A  A 1  ? A 26 ? 19 1 
1 A DG  2  2_555 A DC  25 1_555 -2.148 -0.931 0.731  8.046   -12.756 -12.964 14 A_DG2:DC25_A  A 2  ? A 25 ? 19 1 
1 A DA  3  2_555 A DT  24 1_555 0.768  -0.197 0.110  -4.126  -8.552  -10.286 15 A_DA3:DT24_A  A 3  ? A 24 ? 20 1 
1 A DT  4  2_555 A DA  23 1_555 -0.791 -0.105 0.627  -0.061  -10.379 -0.272  16 A_DT4:DA23_A  A 4  ? A 23 ? 20 1 
1 A DC  5  2_555 A DG  22 1_555 -0.062 0.040  0.336  11.680  -6.303  -4.488  17 A_DC5:DG22_A  A 5  ? A 22 ? 19 1 
1 A DA  6  2_555 A DG  21 1_555 -0.306 2.215  -0.232 13.223  -36.275 -10.848 18 A_DA6:DG21_A  A 6  ? A 21 ? ?  ? 
1 A DC  8  2_555 A OMG 18 1_555 -0.299 -0.068 0.324  -14.807 -1.230  2.682   19 A_DC8:OMG18_A A 8  ? A 18 ? 19 1 
1 A DC  9  2_555 A DG  17 1_555 -0.121 -0.116 -0.308 0.206   -27.092 -3.569  20 A_DC9:DG17_A  A 9  ? A 17 ? 19 1 
1 A DG  10 2_555 A DC  16 1_555 0.251  0.072  0.010  3.051   2.676   -1.773  21 A_DG10:DC16_A A 10 ? A 16 ? 19 1 
1 A DC  11 2_555 A DG  15 1_555 0.585  0.277  0.711  0.445   -0.963  1.116   22 A_DC11:DG15_A A 11 ? A 15 ? 19 1 
1 B DG  2  1_555 B DC  25 2_655 -1.536 -0.863 0.174  13.043  -7.150  -14.304 23 B_DG2:DC25_B  B 2  ? B 25 ? 19 1 
1 B DA  3  1_555 B DT  24 2_655 0.108  -0.129 0.028  -15.872 -13.485 -7.793  24 B_DA3:DT24_B  B 3  ? B 24 ? 20 1 
1 B DT  4  1_555 B DA  23 2_655 -0.482 -0.112 0.468  -8.352  -2.136  -1.760  25 B_DT4:DA23_B  B 4  ? B 23 ? 20 1 
1 B DC  5  1_555 B DG  22 2_655 1.753  -0.400 0.284  7.922   -13.309 17.636  26 B_DC5:DG22_B  B 5  ? B 22 ? 19 1 
1 B DG  2  2_655 B DC  25 1_555 -1.536 -0.863 0.174  13.043  -7.150  -14.304 27 B_DG2:DC25_B  B 2  ? B 25 ? 19 1 
1 B DA  3  2_655 B DT  24 1_555 0.108  -0.129 0.028  -15.872 -13.485 -7.793  28 B_DA3:DT24_B  B 3  ? B 24 ? 20 1 
1 B DT  4  2_655 B DA  23 1_555 -0.482 -0.112 0.468  -8.352  -2.136  -1.760  29 B_DT4:DA23_B  B 4  ? B 23 ? 20 1 
1 B DC  5  2_655 B DG  22 1_555 1.753  -0.400 0.284  7.922   -13.309 17.636  30 B_DC5:DG22_B  B 5  ? B 22 ? 19 1 
1 B DC  8  1_555 B OMG 18 2_655 -0.211 -0.038 0.058  -14.163 -1.274  0.887   31 B_DC8:OMG18_B B 8  ? B 18 ? 19 1 
1 B DC  9  1_555 B DG  17 2_655 -0.144 -0.263 -0.143 -1.508  -19.936 -4.571  32 B_DC9:DG17_B  B 9  ? B 17 ? 19 1 
1 B DG  10 1_555 B DC  16 2_655 -0.360 -0.109 -0.180 4.408   -2.258  -0.334  33 B_DG10:DC16_B B 10 ? B 16 ? 19 1 
1 B DC  11 1_555 B DG  15 2_655 -0.093 0.421  0.800  0.924   0.800   3.429   34 B_DC11:DG15_B B 11 ? B 15 ? 19 1 
1 B DG  12 1_555 B DA  13 2_655 7.029  -5.948 -0.116 32.405  -0.675  -16.023 35 B_DG12:DA13_B B 12 ? B 13 ? ?  ? 
1 B DA  13 1_555 B DG  12 2_655 -7.029 -5.948 -0.116 -32.405 -0.675  -16.023 36 B_DA13:DG12_B B 13 ? B 12 ? ?  ? 
1 B DG  15 1_555 B DC  11 2_655 0.093  0.421  0.800  -0.924  0.800   3.429   37 B_DG15:DC11_B B 15 ? B 11 ? 19 1 
1 B DC  16 1_555 B DG  10 2_655 0.360  -0.109 -0.180 -4.408  -2.258  -0.334  38 B_DC16:DG10_B B 16 ? B 10 ? 19 1 
1 B DG  17 1_555 B DC  9  2_655 0.144  -0.263 -0.143 1.508   -19.936 -4.571  39 B_DG17:DC9_B  B 17 ? B 9  ? 19 1 
1 B OMG 18 1_555 B DC  8  2_655 0.211  -0.038 0.058  14.163  -1.274  0.887   40 B_OMG18:DC8_B B 18 ? B 8  ? 19 1 
# 
loop_
_ndb_struct_na_base_pair_step.model_number 
_ndb_struct_na_base_pair_step.i_label_asym_id_1 
_ndb_struct_na_base_pair_step.i_label_comp_id_1 
_ndb_struct_na_base_pair_step.i_label_seq_id_1 
_ndb_struct_na_base_pair_step.i_symmetry_1 
_ndb_struct_na_base_pair_step.j_label_asym_id_1 
_ndb_struct_na_base_pair_step.j_label_comp_id_1 
_ndb_struct_na_base_pair_step.j_label_seq_id_1 
_ndb_struct_na_base_pair_step.j_symmetry_1 
_ndb_struct_na_base_pair_step.i_label_asym_id_2 
_ndb_struct_na_base_pair_step.i_label_comp_id_2 
_ndb_struct_na_base_pair_step.i_label_seq_id_2 
_ndb_struct_na_base_pair_step.i_symmetry_2 
_ndb_struct_na_base_pair_step.j_label_asym_id_2 
_ndb_struct_na_base_pair_step.j_label_comp_id_2 
_ndb_struct_na_base_pair_step.j_label_seq_id_2 
_ndb_struct_na_base_pair_step.j_symmetry_2 
_ndb_struct_na_base_pair_step.shift 
_ndb_struct_na_base_pair_step.slide 
_ndb_struct_na_base_pair_step.rise 
_ndb_struct_na_base_pair_step.tilt 
_ndb_struct_na_base_pair_step.roll 
_ndb_struct_na_base_pair_step.twist 
_ndb_struct_na_base_pair_step.x_displacement 
_ndb_struct_na_base_pair_step.y_displacement 
_ndb_struct_na_base_pair_step.helical_rise 
_ndb_struct_na_base_pair_step.inclination 
_ndb_struct_na_base_pair_step.tip 
_ndb_struct_na_base_pair_step.helical_twist 
_ndb_struct_na_base_pair_step.step_number 
_ndb_struct_na_base_pair_step.step_name 
_ndb_struct_na_base_pair_step.i_auth_asym_id_1 
_ndb_struct_na_base_pair_step.i_auth_seq_id_1 
_ndb_struct_na_base_pair_step.i_PDB_ins_code_1 
_ndb_struct_na_base_pair_step.j_auth_asym_id_1 
_ndb_struct_na_base_pair_step.j_auth_seq_id_1 
_ndb_struct_na_base_pair_step.j_PDB_ins_code_1 
_ndb_struct_na_base_pair_step.i_auth_asym_id_2 
_ndb_struct_na_base_pair_step.i_auth_seq_id_2 
_ndb_struct_na_base_pair_step.i_PDB_ins_code_2 
_ndb_struct_na_base_pair_step.j_auth_asym_id_2 
_ndb_struct_na_base_pair_step.j_auth_seq_id_2 
_ndb_struct_na_base_pair_step.j_PDB_ins_code_2 
1 A DG 1  1_555 A DC  26 2_555 A DG  2  1_555 A DC  25 2_555 0.108  -1.032 2.676 -12.960 11.206  28.148  -3.282 -1.877 1.915 
20.784  24.037  32.862  1  AA_DG1DG2:DC25DC26_AA   A 1  ? A 26 ? A 2  ? A 25 ? 
1 A DG 2  1_555 A DC  25 2_555 A DA  3  1_555 A DT  24 2_555 -0.110 -1.009 3.814 3.282   -0.282  45.624  -1.269 0.474  3.804 
-0.364  -4.226  45.736  2  AA_DG2DA3:DT24DC25_AA   A 2  ? A 25 ? A 3  ? A 24 ? 
1 A DA 3  1_555 A DT  24 2_555 A DT  4  1_555 A DA  23 2_555 -0.059 -1.068 3.310 -4.410  11.452  21.479  -5.768 -1.122 2.404 
27.979  10.774  24.702  3  AA_DA3DT4:DA23DT24_AA   A 3  ? A 24 ? A 4  ? A 23 ? 
1 A DT 4  1_555 A DA  23 2_555 A DC  5  1_555 A DG  22 2_555 -0.005 -0.588 3.053 -2.701  -1.195  32.506  -0.852 -0.431 3.063 
-2.130  4.813   32.637  4  AA_DT4DC5:DG22DA23_AA   A 4  ? A 23 ? A 5  ? A 22 ? 
1 A DC 5  1_555 A DG  22 2_555 A DA  6  1_555 A DG  21 2_555 -0.088 -0.248 3.282 6.908   7.699   36.336  -1.374 1.025  3.100 
12.048  -10.810 37.731  5  AA_DC5DA6:DG21DG22_AA   A 5  ? A 22 ? A 6  ? A 21 ? 
1 A DA 6  1_555 A DG  21 2_555 A DC  8  1_555 A OMG 18 2_555 1.981  3.431  3.608 -3.697  -21.767 84.667  2.968  -1.520 2.766 
-15.928 2.705   86.970  6  AA_DA6DC8:OMG18DG21_AA  A 6  ? A 21 ? A 8  ? A 18 ? 
1 A DC 8  1_555 A OMG 18 2_555 A DC  9  1_555 A DG  17 2_555 -1.331 0.203  2.828 1.816   -2.282  35.382  0.617  2.410  2.741 
-3.747  -2.982  35.498  7  AA_DC8DC9:DG17OMG18_AA  A 8  ? A 18 ? A 9  ? A 17 ? 
1 A DC 9  1_555 A DG  17 2_555 A DG  10 1_555 A DC  16 2_555 1.238  1.231  3.422 -0.690  3.648   38.607  1.381  -1.954 3.497 5.502 
1.041   38.779  8  AA_DC9DG10:DC16DG17_AA  A 9  ? A 17 ? A 10 ? A 16 ? 
1 A DG 10 1_555 A DC  16 2_555 A DC  11 1_555 A DG  15 2_555 -0.270 -0.342 3.456 -6.478  3.356   31.647  -1.236 -0.722 3.390 6.054 
11.685  32.456  9  AA_DG10DC11:DG15DC16_AA A 10 ? A 16 ? A 11 ? A 15 ? 
1 A DG 1  2_555 A DC  26 1_555 A DG  2  2_555 A DC  25 1_555 0.108  -1.032 2.676 -12.960 11.206  28.148  -3.282 -1.877 1.915 
20.784  24.037  32.862  10 AA_DG1DG2:DC25DC26_AA   A 1  ? A 26 ? A 2  ? A 25 ? 
1 A DG 2  2_555 A DC  25 1_555 A DA  3  2_555 A DT  24 1_555 -0.110 -1.009 3.814 3.282   -0.282  45.624  -1.269 0.474  3.804 
-0.364  -4.226  45.736  11 AA_DG2DA3:DT24DC25_AA   A 2  ? A 25 ? A 3  ? A 24 ? 
1 A DA 3  2_555 A DT  24 1_555 A DT  4  2_555 A DA  23 1_555 -0.059 -1.068 3.310 -4.410  11.452  21.479  -5.768 -1.122 2.404 
27.979  10.774  24.702  12 AA_DA3DT4:DA23DT24_AA   A 3  ? A 24 ? A 4  ? A 23 ? 
1 A DT 4  2_555 A DA  23 1_555 A DC  5  2_555 A DG  22 1_555 -0.005 -0.588 3.053 -2.701  -1.195  32.506  -0.852 -0.431 3.063 
-2.130  4.813   32.637  13 AA_DT4DC5:DG22DA23_AA   A 4  ? A 23 ? A 5  ? A 22 ? 
1 A DC 5  2_555 A DG  22 1_555 A DA  6  2_555 A DG  21 1_555 -0.088 -0.248 3.282 6.908   7.699   36.336  -1.374 1.025  3.100 
12.048  -10.810 37.731  14 AA_DC5DA6:DG21DG22_AA   A 5  ? A 22 ? A 6  ? A 21 ? 
1 A DA 6  2_555 A DG  21 1_555 A DC  8  2_555 A OMG 18 1_555 1.981  3.431  3.608 -3.697  -21.767 84.667  2.968  -1.520 2.766 
-15.928 2.705   86.970  15 AA_DA6DC8:OMG18DG21_AA  A 6  ? A 21 ? A 8  ? A 18 ? 
1 A DC 8  2_555 A OMG 18 1_555 A DC  9  2_555 A DG  17 1_555 -1.331 0.203  2.828 1.816   -2.282  35.382  0.617  2.410  2.741 
-3.747  -2.982  35.498  16 AA_DC8DC9:DG17OMG18_AA  A 8  ? A 18 ? A 9  ? A 17 ? 
1 A DC 9  2_555 A DG  17 1_555 A DG  10 2_555 A DC  16 1_555 1.238  1.231  3.422 -0.690  3.648   38.607  1.381  -1.954 3.497 5.502 
1.041   38.779  17 AA_DC9DG10:DC16DG17_AA  A 9  ? A 17 ? A 10 ? A 16 ? 
1 A DG 10 2_555 A DC  16 1_555 A DC  11 2_555 A DG  15 1_555 -0.270 -0.342 3.456 -6.478  3.356   31.647  -1.236 -0.722 3.390 6.054 
11.685  32.456  18 AA_DG10DC11:DG15DC16_AA A 10 ? A 16 ? A 11 ? A 15 ? 
1 B DG 2  1_555 B DC  25 2_655 B DA  3  1_555 B DT  24 2_655 0.508  -1.267 4.088 1.308   7.317   41.220  -2.708 -0.545 3.832 
10.292  -1.840  41.856  19 BB_DG2DA3:DT24DC25_BB   B 2  ? B 25 ? B 3  ? B 24 ? 
1 B DA 3  1_555 B DT  24 2_655 B DT  4  1_555 B DA  23 2_655 -0.003 -0.805 3.221 -2.297  9.106   26.289  -3.726 -0.512 2.782 
19.257  4.858   27.888  20 BB_DA3DT4:DA23DT24_BB   B 3  ? B 24 ? B 4  ? B 23 ? 
1 B DT 4  1_555 B DA  23 2_655 B DC  5  1_555 B DG  22 2_655 0.625  -0.249 3.041 -0.847  1.723   45.318  -0.465 -0.880 3.018 2.235 
1.099   45.357  21 BB_DT4DC5:DG22DA23_BB   B 4  ? B 23 ? B 5  ? B 22 ? 
1 B DG 2  2_655 B DC  25 1_555 B DA  3  2_655 B DT  24 1_555 0.508  -1.267 4.088 1.308   7.317   41.220  -2.708 -0.545 3.832 
10.292  -1.840  41.856  22 BB_DG2DA3:DT24DC25_BB   B 2  ? B 25 ? B 3  ? B 24 ? 
1 B DA 3  2_655 B DT  24 1_555 B DT  4  2_655 B DA  23 1_555 -0.003 -0.805 3.221 -2.297  9.106   26.289  -3.726 -0.512 2.782 
19.257  4.858   27.888  23 BB_DA3DT4:DA23DT24_BB   B 3  ? B 24 ? B 4  ? B 23 ? 
1 B DT 4  2_655 B DA  23 1_555 B DC  5  2_655 B DG  22 1_555 0.625  -0.249 3.041 -0.847  1.723   45.318  -0.465 -0.880 3.018 2.235 
1.099   45.357  24 BB_DT4DC5:DG22DA23_BB   B 4  ? B 23 ? B 5  ? B 22 ? 
1 B DC 8  1_555 B OMG 18 2_655 B DC  9  1_555 B DG  17 2_655 -1.214 0.130  2.942 -1.992  -5.686  32.824  1.083  1.816  2.945 
-9.957  3.489   33.358  25 BB_DC8DC9:DG17OMG18_BB  B 8  ? B 18 ? B 9  ? B 17 ? 
1 B DC 9  1_555 B DG  17 2_655 B DG  10 1_555 B DC  16 2_655 1.402  1.179  3.306 4.028   6.143   34.771  0.976  -1.671 3.591 
10.139  -6.648  35.515  26 BB_DC9DG10:DC16DG17_BB  B 9  ? B 17 ? B 10 ? B 16 ? 
1 B DG 10 1_555 B DC  16 2_655 B DC  11 1_555 B DG  15 2_655 -0.043 -0.211 3.487 -11.591 3.615   33.385  -0.912 -1.744 3.281 6.049 
19.396  35.466  27 BB_DG10DC11:DG15DC16_BB B 10 ? B 16 ? B 11 ? B 15 ? 
1 B DC 11 1_555 B DG  15 2_655 B DG  12 1_555 B DA  13 2_655 0.475  1.692  4.856 -0.925  19.565  83.203  0.555  -0.385 5.083 
14.557  0.688   85.067  28 BB_DC11DG12:DA13DG15_BB B 11 ? B 15 ? B 12 ? B 13 ? 
1 B DG 12 1_555 B DA  13 2_655 B DA  13 1_555 B DG  12 2_655 0.000  -0.902 4.883 0.000   7.123   -18.611 -2.567 0.000  4.886 
-21.053 0.000   -19.917 29 BB_DG12DA13:DG12DA13_BB B 12 ? B 13 ? B 13 ? B 12 ? 
1 B DA 13 1_555 B DG  12 2_655 B DG  15 1_555 B DC  11 2_655 -0.475 1.692  4.856 0.925   19.565  83.203  0.555  0.385  5.083 
14.557  -0.688  85.067  30 BB_DA13DG15:DC11DG12_BB B 13 ? B 12 ? B 15 ? B 11 ? 
1 B DG 15 1_555 B DC  11 2_655 B DC  16 1_555 B DG  10 2_655 0.043  -0.211 3.487 11.591  3.615   33.385  -0.912 1.744  3.281 6.049 
-19.396 35.466  31 BB_DG15DC16:DG10DC11_BB B 15 ? B 11 ? B 16 ? B 10 ? 
1 B DC 16 1_555 B DG  10 2_655 B DG  17 1_555 B DC  9  2_655 -1.402 1.179  3.306 -4.028  6.143   34.771  0.976  1.671  3.591 
10.139  6.648   35.515  32 BB_DC16DG17:DC9DG10_BB  B 16 ? B 10 ? B 17 ? B 9  ? 
1 B DG 17 1_555 B DC  9  2_655 B OMG 18 1_555 B DC  8  2_655 1.214  0.130  2.942 1.992   -5.686  32.824  1.083  -1.816 2.945 
-9.957  -3.489  33.358  33 BB_DG17OMG18:DC8DC9_BB  B 17 ? B 9  ? B 18 ? B 8  ? 
# 
_pdbx_audit_support.funding_organization   'Not funded' 
_pdbx_audit_support.country                ? 
_pdbx_audit_support.grant_number           ? 
_pdbx_audit_support.ordinal                1 
# 
_pdbx_initial_refinement_model.id               1 
_pdbx_initial_refinement_model.entity_id_list   ? 
_pdbx_initial_refinement_model.type             'experimental model' 
_pdbx_initial_refinement_model.source_name      PDB 
_pdbx_initial_refinement_model.accession_code   9K8O 
_pdbx_initial_refinement_model.details          'crystal structure of a related molecule' 
# 
_atom_sites.entry_id                    9K8P 
_atom_sites.Cartn_transf_matrix[1][1]   ? 
_atom_sites.Cartn_transf_matrix[1][2]   ? 
_atom_sites.Cartn_transf_matrix[1][3]   ? 
_atom_sites.Cartn_transf_matrix[2][1]   ? 
_atom_sites.Cartn_transf_matrix[2][2]   ? 
_atom_sites.Cartn_transf_matrix[2][3]   ? 
_atom_sites.Cartn_transf_matrix[3][1]   ? 
_atom_sites.Cartn_transf_matrix[3][2]   ? 
_atom_sites.Cartn_transf_matrix[3][3]   ? 
_atom_sites.Cartn_transf_vector[1]      ? 
_atom_sites.Cartn_transf_vector[2]      ? 
_atom_sites.Cartn_transf_vector[3]      ? 
_atom_sites.Cartn_transform_axes        ? 
_atom_sites.fract_transf_matrix[1][1]   -0.01119205 
_atom_sites.fract_transf_matrix[1][2]   -0.00199358 
_atom_sites.fract_transf_matrix[1][3]   -0.01031691 
_atom_sites.fract_transf_matrix[2][1]   -0.01345534 
_atom_sites.fract_transf_matrix[2][2]   0.00002965 
_atom_sites.fract_transf_matrix[2][3]   0.01459096 
_atom_sites.fract_transf_matrix[3][1]   -0.00616197 
_atom_sites.fract_transf_matrix[3][2]   0.01852648 
_atom_sites.fract_transf_matrix[3][3]   -0.00572002 
_atom_sites.fract_transf_vector[1]      0.245909 
_atom_sites.fract_transf_vector[2]      -0.454729 
_atom_sites.fract_transf_vector[3]      0.011285 
_atom_sites.solution_primary            ? 
_atom_sites.solution_secondary          ? 
_atom_sites.solution_hydrogens          ? 
_atom_sites.special_details             ? 
# 
loop_
_atom_type.symbol 
C  
N  
O  
P  
ZN 
# 
loop_
_atom_site.group_PDB 
_atom_site.id 
_atom_site.type_symbol 
_atom_site.label_atom_id 
_atom_site.label_alt_id 
_atom_site.label_comp_id 
_atom_site.label_asym_id 
_atom_site.label_entity_id 
_atom_site.label_seq_id 
_atom_site.pdbx_PDB_ins_code 
_atom_site.Cartn_x 
_atom_site.Cartn_y 
_atom_site.Cartn_z 
_atom_site.occupancy 
_atom_site.B_iso_or_equiv 
_atom_site.pdbx_formal_charge 
_atom_site.auth_seq_id 
_atom_site.auth_comp_id 
_atom_site.auth_asym_id 
_atom_site.auth_atom_id 
_atom_site.pdbx_PDB_model_num 
ATOM   1    O  "O5'" . DG  A 1 1  ? -1.153  18.983  -0.735  1.00 127.93 ? 1   DG  A "O5'" 1 
ATOM   2    C  "C5'" . DG  A 1 1  ? -0.872  20.333  -1.144  1.00 132.57 ? 1   DG  A "C5'" 1 
ATOM   3    C  "C4'" . DG  A 1 1  ? -1.988  20.869  -2.012  1.00 136.67 ? 1   DG  A "C4'" 1 
ATOM   4    O  "O4'" . DG  A 1 1  ? -2.414  19.861  -2.952  1.00 134.99 ? 1   DG  A "O4'" 1 
ATOM   5    C  "C3'" . DG  A 1 1  ? -3.262  21.249  -1.269  1.00 144.38 ? 1   DG  A "C3'" 1 
ATOM   6    O  "O3'" . DG  A 1 1  ? -3.205  22.564  -0.712  1.00 158.88 ? 1   DG  A "O3'" 1 
ATOM   7    C  "C2'" . DG  A 1 1  ? -4.318  21.159  -2.356  1.00 129.69 ? 1   DG  A "C2'" 1 
ATOM   8    C  "C1'" . DG  A 1 1  ? -3.781  20.089  -3.297  1.00 111.87 ? 1   DG  A "C1'" 1 
ATOM   9    N  N9    . DG  A 1 1  ? -4.479  18.805  -3.272  1.00 89.82  ? 1   DG  A N9    1 
ATOM   10   C  C8    . DG  A 1 1  ? -4.002  17.589  -2.832  1.00 89.80  ? 1   DG  A C8    1 
ATOM   11   N  N7    . DG  A 1 1  ? -4.856  16.614  -2.997  1.00 79.75  ? 1   DG  A N7    1 
ATOM   12   C  C5    . DG  A 1 1  ? -5.966  17.223  -3.566  1.00 68.50  ? 1   DG  A C5    1 
ATOM   13   C  C6    . DG  A 1 1  ? -7.218  16.676  -3.951  1.00 75.95  ? 1   DG  A C6    1 
ATOM   14   O  O6    . DG  A 1 1  ? -7.597  15.499  -3.888  1.00 85.04  ? 1   DG  A O6    1 
ATOM   15   N  N1    . DG  A 1 1  ? -8.056  17.645  -4.500  1.00 68.99  ? 1   DG  A N1    1 
ATOM   16   C  C2    . DG  A 1 1  ? -7.741  18.976  -4.624  1.00 84.29  ? 1   DG  A C2    1 
ATOM   17   N  N2    . DG  A 1 1  ? -8.684  19.752  -5.170  1.00 93.79  ? 1   DG  A N2    1 
ATOM   18   N  N3    . DG  A 1 1  ? -6.573  19.500  -4.272  1.00 75.44  ? 1   DG  A N3    1 
ATOM   19   C  C4    . DG  A 1 1  ? -5.742  18.573  -3.753  1.00 72.19  ? 1   DG  A C4    1 
ATOM   20   P  P     . DG  A 1 2  ? -4.125  22.937  0.544   1.00 170.37 ? 2   DG  A P     1 
ATOM   21   O  OP1   . DG  A 1 2  ? -3.230  23.214  1.697   1.00 182.37 ? 2   DG  A OP1   1 
ATOM   22   O  OP2   . DG  A 1 2  ? -5.176  21.902  0.671   1.00 155.36 ? 2   DG  A OP2   1 
ATOM   23   O  "O5'" . DG  A 1 2  ? -4.840  24.285  0.083   1.00 172.06 ? 2   DG  A "O5'" 1 
ATOM   24   C  "C5'" . DG  A 1 2  ? -5.563  24.365  -1.164  1.00 165.35 ? 2   DG  A "C5'" 1 
ATOM   25   C  "C4'" . DG  A 1 2  ? -6.980  23.859  -1.009  1.00 159.86 ? 2   DG  A "C4'" 1 
ATOM   26   O  "O4'" . DG  A 1 2  ? -7.094  22.491  -1.468  1.00 155.94 ? 2   DG  A "O4'" 1 
ATOM   27   C  "C3'" . DG  A 1 2  ? -7.540  23.864  0.419   1.00 160.73 ? 2   DG  A "C3'" 1 
ATOM   28   O  "O3'" . DG  A 1 2  ? -8.541  24.871  0.616   1.00 174.46 ? 2   DG  A "O3'" 1 
ATOM   29   C  "C2'" . DG  A 1 2  ? -8.178  22.493  0.571   1.00 160.73 ? 2   DG  A "C2'" 1 
ATOM   30   C  "C1'" . DG  A 1 2  ? -8.255  21.988  -0.852  1.00 152.93 ? 2   DG  A "C1'" 1 
ATOM   31   N  N9    . DG  A 1 2  ? -8.258  20.531  -0.944  1.00 141.71 ? 2   DG  A N9    1 
ATOM   32   C  C8    . DG  A 1 2  ? -7.254  19.656  -0.603  1.00 130.91 ? 2   DG  A C8    1 
ATOM   33   N  N7    . DG  A 1 2  ? -7.606  18.404  -0.720  1.00 116.75 ? 2   DG  A N7    1 
ATOM   34   C  C5    . DG  A 1 2  ? -8.934  18.457  -1.118  1.00 128.88 ? 2   DG  A C5    1 
ATOM   35   C  C6    . DG  A 1 2  ? -9.851  17.413  -1.401  1.00 136.40 ? 2   DG  A C6    1 
ATOM   36   O  O6    . DG  A 1 2  ? -9.666  16.193  -1.346  1.00 126.96 ? 2   DG  A O6    1 
ATOM   37   N  N1    . DG  A 1 2  ? -11.095 17.913  -1.777  1.00 140.98 ? 2   DG  A N1    1 
ATOM   38   C  C2    . DG  A 1 2  ? -11.416 19.246  -1.866  1.00 148.28 ? 2   DG  A C2    1 
ATOM   39   N  N2    . DG  A 1 2  ? -12.672 19.533  -2.241  1.00 160.67 ? 2   DG  A N2    1 
ATOM   40   N  N3    . DG  A 1 2  ? -10.570 20.229  -1.606  1.00 136.63 ? 2   DG  A N3    1 
ATOM   41   C  C4    . DG  A 1 2  ? -9.355  19.764  -1.242  1.00 136.58 ? 2   DG  A C4    1 
ATOM   42   P  P     . DA  A 1 3  ? -9.371  24.915  1.995   1.00 176.32 ? 3   DA  A P     1 
ATOM   43   O  OP1   . DA  A 1 3  ? -9.934  26.284  2.163   1.00 173.84 ? 3   DA  A OP1   1 
ATOM   44   O  OP2   . DA  A 1 3  ? -8.547  24.296  3.065   1.00 158.65 ? 3   DA  A OP2   1 
ATOM   45   O  "O5'" . DA  A 1 3  ? -10.564 23.901  1.735   1.00 159.13 ? 3   DA  A "O5'" 1 
ATOM   46   C  "C5'" . DA  A 1 3  ? -11.511 24.120  0.679   1.00 155.77 ? 3   DA  A "C5'" 1 
ATOM   47   C  "C4'" . DA  A 1 3  ? -12.649 23.151  0.872   1.00 141.93 ? 3   DA  A "C4'" 1 
ATOM   48   O  "O4'" . DA  A 1 3  ? -12.152 21.818  0.584   1.00 134.76 ? 3   DA  A "O4'" 1 
ATOM   49   C  "C3'" . DA  A 1 3  ? -13.170 23.134  2.315   1.00 133.89 ? 3   DA  A "C3'" 1 
ATOM   50   O  "O3'" . DA  A 1 3  ? -14.565 23.473  2.402   1.00 150.94 ? 3   DA  A "O3'" 1 
ATOM   51   C  "C2'" . DA  A 1 3  ? -12.787 21.758  2.837   1.00 119.81 ? 3   DA  A "C2'" 1 
ATOM   52   C  "C1'" . DA  A 1 3  ? -12.571 20.918  1.589   1.00 119.92 ? 3   DA  A "C1'" 1 
ATOM   53   N  N9    . DA  A 1 3  ? -11.539 19.891  1.754   1.00 111.83 ? 3   DA  A N9    1 
ATOM   54   C  C8    . DA  A 1 3  ? -10.226 20.048  2.132   1.00 104.24 ? 3   DA  A C8    1 
ATOM   55   N  N7    . DA  A 1 3  ? -9.572  18.917  2.257   1.00 93.00  ? 3   DA  A N7    1 
ATOM   56   C  C5    . DA  A 1 3  ? -10.524 17.949  1.961   1.00 94.93  ? 3   DA  A C5    1 
ATOM   57   C  C6    . DA  A 1 3  ? -10.460 16.543  1.907   1.00 95.55  ? 3   DA  A C6    1 
ATOM   58   N  N6    . DA  A 1 3  ? -9.355  15.838  2.165   1.00 89.70  ? 3   DA  A N6    1 
ATOM   59   N  N1    . DA  A 1 3  ? -11.582 15.878  1.546   1.00 88.01  ? 3   DA  A N1    1 
ATOM   60   C  C2    . DA  A 1 3  ? -12.691 16.585  1.285   1.00 91.85  ? 3   DA  A C2    1 
ATOM   61   N  N3    . DA  A 1 3  ? -12.874 17.905  1.304   1.00 88.23  ? 3   DA  A N3    1 
ATOM   62   C  C4    . DA  A 1 3  ? -11.739 18.536  1.651   1.00 95.30  ? 3   DA  A C4    1 
ATOM   63   P  P     . DT  A 1 4  ? -15.332 23.468  3.834   1.00 159.23 ? 4   DT  A P     1 
ATOM   64   O  OP1   . DT  A 1 4  ? -16.606 24.233  3.690   1.00 121.35 ? 4   DT  A OP1   1 
ATOM   65   O  OP2   . DT  A 1 4  ? -14.357 23.826  4.904   1.00 137.39 ? 4   DT  A OP2   1 
ATOM   66   O  "O5'" . DT  A 1 4  ? -15.715 21.935  4.016   1.00 144.27 ? 4   DT  A "O5'" 1 
ATOM   67   C  "C5'" . DT  A 1 4  ? -16.294 21.205  2.922   1.00 148.74 ? 4   DT  A "C5'" 1 
ATOM   68   C  "C4'" . DT  A 1 4  ? -17.036 20.004  3.451   1.00 147.50 ? 4   DT  A "C4'" 1 
ATOM   69   O  "O4'" . DT  A 1 4  ? -16.146 18.862  3.471   1.00 142.30 ? 4   DT  A "O4'" 1 
ATOM   70   C  "C3'" . DT  A 1 4  ? -17.540 20.170  4.884   1.00 144.76 ? 4   DT  A "C3'" 1 
ATOM   71   O  "O3'" . DT  A 1 4  ? -18.806 19.514  5.005   1.00 149.71 ? 4   DT  A "O3'" 1 
ATOM   72   C  "C2'" . DT  A 1 4  ? -16.437 19.535  5.712   1.00 146.20 ? 4   DT  A "C2'" 1 
ATOM   73   C  "C1'" . DT  A 1 4  ? -15.974 18.400  4.806   1.00 144.62 ? 4   DT  A "C1'" 1 
ATOM   74   N  N1    . DT  A 1 4  ? -14.567 17.946  4.955   1.00 121.98 ? 4   DT  A N1    1 
ATOM   75   C  C2    . DT  A 1 4  ? -14.339 16.587  4.953   1.00 115.69 ? 4   DT  A C2    1 
ATOM   76   O  O2    . DT  A 1 4  ? -15.233 15.761  4.863   1.00 117.50 ? 4   DT  A O2    1 
ATOM   77   N  N3    . DT  A 1 4  ? -13.019 16.228  5.074   1.00 97.03  ? 4   DT  A N3    1 
ATOM   78   C  C4    . DT  A 1 4  ? -11.933 17.071  5.190   1.00 97.75  ? 4   DT  A C4    1 
ATOM   79   O  O4    . DT  A 1 4  ? -10.806 16.602  5.297   1.00 119.76 ? 4   DT  A O4    1 
ATOM   80   C  C5    . DT  A 1 4  ? -12.243 18.482  5.184   1.00 95.11  ? 4   DT  A C5    1 
ATOM   81   C  C7    . DT  A 1 4  ? -11.124 19.469  5.308   1.00 88.85  ? 4   DT  A C7    1 
ATOM   82   C  C6    . DT  A 1 4  ? -13.528 18.845  5.070   1.00 100.01 ? 4   DT  A C6    1 
ATOM   83   P  P     . DC  A 1 5  ? -19.777 19.831  6.239   1.00 168.79 ? 5   DC  A P     1 
ATOM   84   O  OP1   . DC  A 1 5  ? -21.110 20.211  5.698   1.00 163.10 ? 5   DC  A OP1   1 
ATOM   85   O  OP2   . DC  A 1 5  ? -19.067 20.749  7.171   1.00 166.81 ? 5   DC  A OP2   1 
ATOM   86   O  "O5'" . DC  A 1 5  ? -19.923 18.413  6.949   1.00 163.21 ? 5   DC  A "O5'" 1 
ATOM   87   C  "C5'" . DC  A 1 5  ? -19.729 17.180  6.225   1.00 153.29 ? 5   DC  A "C5'" 1 
ATOM   88   C  "C4'" . DC  A 1 5  ? -19.121 16.132  7.128   1.00 139.91 ? 5   DC  A "C4'" 1 
ATOM   89   O  "O4'" . DC  A 1 5  ? -17.688 16.093  6.950   1.00 143.70 ? 5   DC  A "O4'" 1 
ATOM   90   C  "C3'" . DC  A 1 5  ? -19.352 16.346  8.628   1.00 136.34 ? 5   DC  A "C3'" 1 
ATOM   91   O  "O3'" . DC  A 1 5  ? -20.208 15.331  9.162   1.00 142.75 ? 5   DC  A "O3'" 1 
ATOM   92   C  "C2'" . DC  A 1 5  ? -17.963 16.269  9.243   1.00 131.74 ? 5   DC  A "C2'" 1 
ATOM   93   C  "C1'" . DC  A 1 5  ? -17.150 15.594  8.154   1.00 138.29 ? 5   DC  A "C1'" 1 
ATOM   94   N  N1    . DC  A 1 5  ? -15.703 15.874  8.165   1.00 125.43 ? 5   DC  A N1    1 
ATOM   95   C  C2    . DC  A 1 5  ? -14.808 14.799  8.097   1.00 119.45 ? 5   DC  A C2    1 
ATOM   96   O  O2    . DC  A 1 5  ? -15.260 13.647  8.006   1.00 118.84 ? 5   DC  A O2    1 
ATOM   97   N  N3    . DC  A 1 5  ? -13.477 15.042  8.131   1.00 106.07 ? 5   DC  A N3    1 
ATOM   98   C  C4    . DC  A 1 5  ? -13.031 16.298  8.222   1.00 119.67 ? 5   DC  A C4    1 
ATOM   99   N  N4    . DC  A 1 5  ? -11.710 16.493  8.243   1.00 122.99 ? 5   DC  A N4    1 
ATOM   100  C  C5    . DC  A 1 5  ? -13.921 17.411  8.289   1.00 121.21 ? 5   DC  A C5    1 
ATOM   101  C  C6    . DC  A 1 5  ? -15.236 17.156  8.267   1.00 115.10 ? 5   DC  A C6    1 
ATOM   102  P  P     . DA  A 1 6  ? -21.097 15.649  10.449  1.00 157.90 ? 6   DA  A P     1 
ATOM   103  O  OP1   . DA  A 1 6  ? -22.498 15.874  9.989   1.00 147.18 ? 6   DA  A OP1   1 
ATOM   104  O  OP2   . DA  A 1 6  ? -20.404 16.711  11.227  1.00 151.67 ? 6   DA  A OP2   1 
ATOM   105  O  "O5'" . DA  A 1 6  ? -20.982 14.317  11.320  1.00 143.67 ? 6   DA  A "O5'" 1 
ATOM   106  C  "C5'" . DA  A 1 6  ? -21.169 13.003  10.755  1.00 129.21 ? 6   DA  A "C5'" 1 
ATOM   107  C  "C4'" . DA  A 1 6  ? -20.120 12.050  11.285  1.00 132.82 ? 6   DA  A "C4'" 1 
ATOM   108  O  "O4'" . DA  A 1 6  ? -18.814 12.586  10.974  1.00 129.49 ? 6   DA  A "O4'" 1 
ATOM   109  C  "C3'" . DA  A 1 6  ? -20.145 11.808  12.806  1.00 127.35 ? 6   DA  A "C3'" 1 
ATOM   110  O  "O3'" . DA  A 1 6  ? -20.471 10.462  13.236  1.00 133.35 ? 6   DA  A "O3'" 1 
ATOM   111  C  "C2'" . DA  A 1 6  ? -18.759 12.213  13.280  1.00 125.46 ? 6   DA  A "C2'" 1 
ATOM   112  C  "C1'" . DA  A 1 6  ? -17.914 12.263  12.015  1.00 123.22 ? 6   DA  A "C1'" 1 
ATOM   113  N  N9    . DA  A 1 6  ? -16.852 13.272  12.020  1.00 116.88 ? 6   DA  A N9    1 
ATOM   114  C  C8    . DA  A 1 6  ? -16.955 14.607  12.333  1.00 108.32 ? 6   DA  A C8    1 
ATOM   115  N  N7    . DA  A 1 6  ? -15.823 15.262  12.234  1.00 105.45 ? 6   DA  A N7    1 
ATOM   116  C  C5    . DA  A 1 6  ? -14.913 14.295  11.828  1.00 98.99  ? 6   DA  A C5    1 
ATOM   117  C  C6    . DA  A 1 6  ? -13.532 14.346  11.569  1.00 93.26  ? 6   DA  A C6    1 
ATOM   118  N  N6    . DA  A 1 6  ? -12.805 15.460  11.659  1.00 92.66  ? 6   DA  A N6    1 
ATOM   119  N  N1    . DA  A 1 6  ? -12.916 13.197  11.211  1.00 91.63  ? 6   DA  A N1    1 
ATOM   120  C  C2    . DA  A 1 6  ? -13.652 12.083  11.096  1.00 86.86  ? 6   DA  A C2    1 
ATOM   121  N  N3    . DA  A 1 6  ? -14.953 11.907  11.327  1.00 95.99  ? 6   DA  A N3    1 
ATOM   122  C  C4    . DA  A 1 6  ? -15.532 13.064  11.696  1.00 100.27 ? 6   DA  A C4    1 
ATOM   123  P  P     . DC  A 1 7  ? -20.009 9.168   12.371  1.00 142.83 ? 7   DC  A P     1 
ATOM   124  O  OP1   . DC  A 1 7  ? -18.550 9.290   12.103  1.00 125.44 ? 7   DC  A OP1   1 
ATOM   125  O  OP2   . DC  A 1 7  ? -20.967 8.993   11.243  1.00 133.41 ? 7   DC  A OP2   1 
ATOM   126  O  "O5'" . DC  A 1 7  ? -20.206 7.934   13.359  1.00 131.19 ? 7   DC  A "O5'" 1 
ATOM   127  C  "C5'" . DC  A 1 7  ? -19.173 6.928   13.499  1.00 128.75 ? 7   DC  A "C5'" 1 
ATOM   128  C  "C4'" . DC  A 1 7  ? -18.919 6.171   12.212  1.00 123.87 ? 7   DC  A "C4'" 1 
ATOM   129  O  "O4'" . DC  A 1 7  ? -19.269 6.956   11.040  1.00 131.51 ? 7   DC  A "O4'" 1 
ATOM   130  C  "C3'" . DC  A 1 7  ? -17.457 5.755   12.001  1.00 125.16 ? 7   DC  A "C3'" 1 
ATOM   131  O  "O3'" . DC  A 1 7  ? -17.335 4.377   11.624  1.00 141.11 ? 7   DC  A "O3'" 1 
ATOM   132  C  "C2'" . DC  A 1 7  ? -17.010 6.649   10.858  1.00 123.52 ? 7   DC  A "C2'" 1 
ATOM   133  C  "C1'" . DC  A 1 7  ? -18.280 6.686   10.065  1.00 126.85 ? 7   DC  A "C1'" 1 
ATOM   134  N  N1    . DC  A 1 7  ? -18.334 7.720   9.014   1.00 132.77 ? 7   DC  A N1    1 
ATOM   135  C  C2    . DC  A 1 7  ? -18.041 7.338   7.698   1.00 144.63 ? 7   DC  A C2    1 
ATOM   136  O  O2    . DC  A 1 7  ? -17.781 6.149   7.462   1.00 139.71 ? 7   DC  A O2    1 
ATOM   137  N  N3    . DC  A 1 7  ? -18.062 8.273   6.718   1.00 147.73 ? 7   DC  A N3    1 
ATOM   138  C  C4    . DC  A 1 7  ? -18.341 9.545   7.016   1.00 153.85 ? 7   DC  A C4    1 
ATOM   139  N  N4    . DC  A 1 7  ? -18.351 10.434  6.020   1.00 162.30 ? 7   DC  A N4    1 
ATOM   140  C  C5    . DC  A 1 7  ? -18.627 9.962   8.350   1.00 147.54 ? 7   DC  A C5    1 
ATOM   141  C  C6    . DC  A 1 7  ? -18.606 9.027   9.308   1.00 131.57 ? 7   DC  A C6    1 
ATOM   142  P  P     . DC  A 1 8  ? -16.087 3.890   10.711  1.00 163.26 ? 8   DC  A P     1 
ATOM   143  O  OP1   . DC  A 1 8  ? -16.383 4.287   9.304   1.00 136.84 ? 8   DC  A OP1   1 
ATOM   144  O  OP2   . DC  A 1 8  ? -15.826 2.456   11.013  1.00 149.20 ? 8   DC  A OP2   1 
ATOM   145  O  "O5'" . DC  A 1 8  ? -14.850 4.698   11.329  1.00 165.45 ? 8   DC  A "O5'" 1 
ATOM   146  C  "C5'" . DC  A 1 8  ? -13.905 5.449   10.515  1.00 144.40 ? 8   DC  A "C5'" 1 
ATOM   147  C  "C4'" . DC  A 1 8  ? -12.962 6.276   11.366  1.00 120.03 ? 8   DC  A "C4'" 1 
ATOM   148  O  "O4'" . DC  A 1 8  ? -13.585 7.492   11.854  1.00 110.79 ? 8   DC  A "O4'" 1 
ATOM   149  C  "C3'" . DC  A 1 8  ? -12.401 5.566   12.602  1.00 105.34 ? 8   DC  A "C3'" 1 
ATOM   150  O  "O3'" . DC  A 1 8  ? -10.977 5.562   12.560  1.00 107.02 ? 8   DC  A "O3'" 1 
ATOM   151  C  "C2'" . DC  A 1 8  ? -12.928 6.381   13.775  1.00 95.14  ? 8   DC  A "C2'" 1 
ATOM   152  C  "C1'" . DC  A 1 8  ? -13.064 7.745   13.151  1.00 96.92  ? 8   DC  A "C1'" 1 
ATOM   153  N  N1    . DC  A 1 8  ? -13.958 8.699   13.833  1.00 87.00  ? 8   DC  A N1    1 
ATOM   154  C  C2    . DC  A 1 8  ? -13.455 9.958   14.178  1.00 98.71  ? 8   DC  A C2    1 
ATOM   155  O  O2    . DC  A 1 8  ? -12.268 10.221  13.926  1.00 111.51 ? 8   DC  A O2    1 
ATOM   156  N  N3    . DC  A 1 8  ? -14.276 10.864  14.760  1.00 96.29  ? 8   DC  A N3    1 
ATOM   157  C  C4    . DC  A 1 8  ? -15.549 10.547  15.007  1.00 98.80  ? 8   DC  A C4    1 
ATOM   158  N  N4    . DC  A 1 8  ? -16.317 11.464  15.594  1.00 106.58 ? 8   DC  A N4    1 
ATOM   159  C  C5    . DC  A 1 8  ? -16.085 9.269   14.674  1.00 92.95  ? 8   DC  A C5    1 
ATOM   160  C  C6    . DC  A 1 8  ? -15.263 8.385   14.089  1.00 91.08  ? 8   DC  A C6    1 
ATOM   161  P  P     . DC  A 1 9  ? -10.188 4.617   13.558  1.00 121.34 ? 9   DC  A P     1 
ATOM   162  O  OP1   . DC  A 1 9  ? -10.041 3.305   12.888  1.00 124.48 ? 9   DC  A OP1   1 
ATOM   163  O  OP2   . DC  A 1 9  ? -10.861 4.716   14.889  1.00 102.52 ? 9   DC  A OP2   1 
ATOM   164  O  "O5'" . DC  A 1 9  ? -8.738  5.271   13.673  1.00 101.86 ? 9   DC  A "O5'" 1 
ATOM   165  C  "C5'" . DC  A 1 9  ? -8.191  6.102   12.628  1.00 109.73 ? 9   DC  A "C5'" 1 
ATOM   166  C  "C4'" . DC  A 1 9  ? -7.715  7.432   13.176  1.00 106.13 ? 9   DC  A "C4'" 1 
ATOM   167  O  "O4'" . DC  A 1 9  ? -8.816  8.219   13.701  1.00 91.65  ? 9   DC  A "O4'" 1 
ATOM   168  C  "C3'" . DC  A 1 9  ? -6.673  7.355   14.298  1.00 90.09  ? 9   DC  A "C3'" 1 
ATOM   169  O  "O3'" . DC  A 1 9  ? -5.557  8.168   13.935  1.00 85.84  ? 9   DC  A "O3'" 1 
ATOM   170  C  "C2'" . DC  A 1 9  ? -7.394  7.923   15.506  1.00 89.36  ? 9   DC  A "C2'" 1 
ATOM   171  C  "C1'" . DC  A 1 9  ? -8.403  8.865   14.884  1.00 79.58  ? 9   DC  A "C1'" 1 
ATOM   172  N  N1    . DC  A 1 9  ? -9.606  9.131   15.683  1.00 86.65  ? 9   DC  A N1    1 
ATOM   173  C  C2    . DC  A 1 9  ? -9.932  10.453  15.996  1.00 102.21 ? 9   DC  A C2    1 
ATOM   174  O  O2    . DC  A 1 9  ? -9.173  11.361  15.624  1.00 116.37 ? 9   DC  A O2    1 
ATOM   175  N  N3    . DC  A 1 9  ? -11.063 10.709  16.695  1.00 99.73  ? 9   DC  A N3    1 
ATOM   176  C  C4    . DC  A 1 9  ? -11.852 9.701   17.078  1.00 88.75  ? 9   DC  A C4    1 
ATOM   177  N  N4    . DC  A 1 9  ? -12.951 9.998   17.778  1.00 85.65  ? 9   DC  A N4    1 
ATOM   178  C  C5    . DC  A 1 9  ? -11.541 8.344   16.775  1.00 79.77  ? 9   DC  A C5    1 
ATOM   179  C  C6    . DC  A 1 9  ? -10.429 8.109   16.067  1.00 89.14  ? 9   DC  A C6    1 
ATOM   180  P  P     . DG  A 1 10 ? -4.104  7.852   14.522  1.00 104.37 ? 10  DG  A P     1 
ATOM   181  O  OP1   . DG  A 1 10 ? -3.086  8.334   13.534  1.00 86.81  ? 10  DG  A OP1   1 
ATOM   182  O  OP2   . DG  A 1 10 ? -4.094  6.451   15.024  1.00 103.75 ? 10  DG  A OP2   1 
ATOM   183  O  "O5'" . DG  A 1 10 ? -4.031  8.731   15.843  1.00 76.45  ? 10  DG  A "O5'" 1 
ATOM   184  C  "C5'" . DG  A 1 10 ? -4.271  10.125  15.797  1.00 72.27  ? 10  DG  A "C5'" 1 
ATOM   185  C  "C4'" . DG  A 1 10 ? -4.242  10.646  17.209  1.00 75.85  ? 10  DG  A "C4'" 1 
ATOM   186  O  "O4'" . DG  A 1 10 ? -5.567  10.568  17.799  1.00 87.00  ? 10  DG  A "O4'" 1 
ATOM   187  C  "C3'" . DG  A 1 10 ? -3.333  9.849   18.136  1.00 82.15  ? 10  DG  A "C3'" 1 
ATOM   188  O  "O3'" . DG  A 1 10 ? -2.871  10.847  19.047  1.00 94.39  ? 10  DG  A "O3'" 1 
ATOM   189  C  "C2'" . DG  A 1 10 ? -4.297  8.875   18.794  1.00 87.97  ? 10  DG  A "C2'" 1 
ATOM   190  C  "C1'" . DG  A 1 10 ? -5.535  9.747   18.956  1.00 88.03  ? 10  DG  A "C1'" 1 
ATOM   191  N  N9    . DG  A 1 10 ? -6.834  9.078   19.088  1.00 97.00  ? 10  DG  A N9    1 
ATOM   192  C  C8    . DG  A 1 10 ? -7.140  7.763   18.824  1.00 97.62  ? 10  DG  A C8    1 
ATOM   193  N  N7    . DG  A 1 10 ? -8.392  7.472   19.062  1.00 90.24  ? 10  DG  A N7    1 
ATOM   194  C  C5    . DG  A 1 10 ? -8.942  8.661   19.520  1.00 86.36  ? 10  DG  A C5    1 
ATOM   195  C  C6    . DG  A 1 10 ? -10.262 8.960   19.950  1.00 98.38  ? 10  DG  A C6    1 
ATOM   196  O  O6    . DG  A 1 10 ? -11.248 8.213   19.998  1.00 106.30 ? 10  DG  A O6    1 
ATOM   197  N  N1    . DG  A 1 10 ? -10.381 10.287  20.346  1.00 96.77  ? 10  DG  A N1    1 
ATOM   198  C  C2    . DG  A 1 10 ? -9.369  11.212  20.323  1.00 88.04  ? 10  DG  A C2    1 
ATOM   199  N  N2    . DG  A 1 10 ? -9.687  12.446  20.737  1.00 79.49  ? 10  DG  A N2    1 
ATOM   200  N  N3    . DG  A 1 10 ? -8.139  10.950  19.915  1.00 99.12  ? 10  DG  A N3    1 
ATOM   201  C  C4    . DG  A 1 10 ? -7.995  9.663   19.539  1.00 96.01  ? 10  DG  A C4    1 
ATOM   202  P  P     . DC  A 1 11 ? -1.520  10.694  19.817  1.00 94.77  ? 11  DC  A P     1 
ATOM   203  O  OP1   . DC  A 1 11 ? -0.520  11.497  19.092  1.00 109.32 ? 11  DC  A OP1   1 
ATOM   204  O  OP2   . DC  A 1 11 ? -1.268  9.240   20.099  1.00 97.68  ? 11  DC  A OP2   1 
ATOM   205  O  "O5'" . DC  A 1 11 ? -1.874  11.357  21.214  1.00 80.77  ? 11  DC  A "O5'" 1 
ATOM   206  C  "C5'" . DC  A 1 11 ? -2.027  12.771  21.327  1.00 86.52  ? 11  DC  A "C5'" 1 
ATOM   207  C  "C4'" . DC  A 1 11 ? -3.147  13.046  22.299  1.00 77.78  ? 11  DC  A "C4'" 1 
ATOM   208  O  "O4'" . DC  A 1 11 ? -4.201  12.160  21.937  1.00 79.05  ? 11  DC  A "O4'" 1 
ATOM   209  C  "C3'" . DC  A 1 11 ? -2.874  12.718  23.757  1.00 77.87  ? 11  DC  A "C3'" 1 
ATOM   210  O  "O3'" . DC  A 1 11 ? -2.539  13.905  24.488  1.00 99.21  ? 11  DC  A "O3'" 1 
ATOM   211  C  "C2'" . DC  A 1 11 ? -4.203  12.159  24.243  1.00 89.43  ? 11  DC  A "C2'" 1 
ATOM   212  C  "C1'" . DC  A 1 11 ? -5.090  12.126  23.002  1.00 79.68  ? 11  DC  A "C1'" 1 
ATOM   213  N  N1    . DC  A 1 11 ? -5.896  10.903  22.864  1.00 77.24  ? 11  DC  A N1    1 
ATOM   214  C  C2    . DC  A 1 11 ? -7.184  10.893  23.393  1.00 82.89  ? 11  DC  A C2    1 
ATOM   215  O  O2    . DC  A 1 11 ? -7.619  11.928  23.922  1.00 90.66  ? 11  DC  A O2    1 
ATOM   216  N  N3    . DC  A 1 11 ? -7.925  9.763   23.310  1.00 89.12  ? 11  DC  A N3    1 
ATOM   217  C  C4    . DC  A 1 11 ? -7.416  8.675   22.728  1.00 90.83  ? 11  DC  A C4    1 
ATOM   218  N  N4    . DC  A 1 11 ? -8.182  7.585   22.662  1.00 104.65 ? 11  DC  A N4    1 
ATOM   219  C  C5    . DC  A 1 11 ? -6.107  8.662   22.167  1.00 80.69  ? 11  DC  A C5    1 
ATOM   220  C  C6    . DC  A 1 11 ? -5.384  9.784   22.267  1.00 84.10  ? 11  DC  A C6    1 
ATOM   221  P  P     . DG  A 1 12 ? -1.849  13.789  25.951  1.00 108.59 ? 12  DG  A P     1 
ATOM   222  O  OP1   . DG  A 1 12 ? -2.093  15.058  26.685  1.00 116.53 ? 12  DG  A OP1   1 
ATOM   223  O  OP2   . DG  A 1 12 ? -0.457  13.303  25.767  1.00 99.97  ? 12  DG  A OP2   1 
ATOM   224  O  "O5'" . DG  A 1 12 ? -2.729  12.675  26.665  1.00 81.87  ? 12  DG  A "O5'" 1 
ATOM   225  C  "C5'" . DG  A 1 12 ? -3.652  13.026  27.704  1.00 84.64  ? 12  DG  A "C5'" 1 
ATOM   226  C  "C4'" . DG  A 1 12 ? -4.035  11.757  28.425  1.00 94.20  ? 12  DG  A "C4'" 1 
ATOM   227  O  "O4'" . DG  A 1 12 ? -4.194  10.717  27.427  1.00 101.50 ? 12  DG  A "O4'" 1 
ATOM   228  C  "C3'" . DG  A 1 12 ? -2.969  11.247  29.392  1.00 94.64  ? 12  DG  A "C3'" 1 
ATOM   229  O  "O3'" . DG  A 1 12 ? -3.605  10.712  30.556  1.00 107.75 ? 12  DG  A "O3'" 1 
ATOM   230  C  "C2'" . DG  A 1 12 ? -2.210  10.216  28.569  1.00 89.95  ? 12  DG  A "C2'" 1 
ATOM   231  C  "C1'" . DG  A 1 12 ? -3.299  9.646   27.679  1.00 92.08  ? 12  DG  A "C1'" 1 
ATOM   232  N  N9    . DG  A 1 12 ? -2.872  9.101   26.391  1.00 91.61  ? 12  DG  A N9    1 
ATOM   233  C  C8    . DG  A 1 12 ? -1.737  9.421   25.685  1.00 103.25 ? 12  DG  A C8    1 
ATOM   234  N  N7    . DG  A 1 12 ? -1.622  8.749   24.570  1.00 92.23  ? 12  DG  A N7    1 
ATOM   235  C  C5    . DG  A 1 12 ? -2.754  7.948   24.532  1.00 87.66  ? 12  DG  A C5    1 
ATOM   236  C  C6    . DG  A 1 12 ? -3.174  6.992   23.569  1.00 86.81  ? 12  DG  A C6    1 
ATOM   237  O  O6    . DG  A 1 12 ? -2.620  6.663   22.508  1.00 93.96  ? 12  DG  A O6    1 
ATOM   238  N  N1    . DG  A 1 12 ? -4.359  6.376   23.948  1.00 90.64  ? 12  DG  A N1    1 
ATOM   239  C  C2    . DG  A 1 12 ? -5.072  6.663   25.086  1.00 96.77  ? 12  DG  A C2    1 
ATOM   240  N  N2    . DG  A 1 12 ? -6.211  5.984   25.252  1.00 114.28 ? 12  DG  A N2    1 
ATOM   241  N  N3    . DG  A 1 12 ? -4.693  7.546   25.991  1.00 87.88  ? 12  DG  A N3    1 
ATOM   242  C  C4    . DG  A 1 12 ? -3.532  8.147   25.653  1.00 92.63  ? 12  DG  A C4    1 
ATOM   243  P  P     . DA  A 1 13 ? -2.984  10.983  32.023  1.00 110.08 ? 13  DA  A P     1 
ATOM   244  O  OP1   . DA  A 1 13 ? -2.790  12.455  32.202  1.00 93.18  ? 13  DA  A OP1   1 
ATOM   245  O  OP2   . DA  A 1 13 ? -1.857  10.021  32.243  1.00 95.80  ? 13  DA  A OP2   1 
ATOM   246  O  "O5'" . DA  A 1 13 ? -4.146  10.510  33.000  1.00 100.13 ? 13  DA  A "O5'" 1 
ATOM   247  C  "C5'" . DA  A 1 13 ? -5.496  10.978  32.905  1.00 92.74  ? 13  DA  A "C5'" 1 
ATOM   248  C  "C4'" . DA  A 1 13 ? -6.411  10.022  33.638  1.00 100.34 ? 13  DA  A "C4'" 1 
ATOM   249  O  "O4'" . DA  A 1 13 ? -6.586  8.800   32.890  1.00 95.55  ? 13  DA  A "O4'" 1 
ATOM   250  C  "C3'" . DA  A 1 13 ? -5.911  9.544   35.003  1.00 116.99 ? 13  DA  A "C3'" 1 
ATOM   251  O  "O3'" . DA  A 1 13 ? -6.315  10.422  36.061  1.00 126.25 ? 13  DA  A "O3'" 1 
ATOM   252  C  "C2'" . DA  A 1 13 ? -6.453  8.117   35.106  1.00 111.38 ? 13  DA  A "C2'" 1 
ATOM   253  C  "C1'" . DA  A 1 13 ? -7.198  7.910   33.797  1.00 97.08  ? 13  DA  A "C1'" 1 
ATOM   254  N  N9    . DA  A 1 13 ? -7.165  6.564   33.227  1.00 86.34  ? 13  DA  A N9    1 
ATOM   255  C  C8    . DA  A 1 13 ? -7.901  5.468   33.616  1.00 97.10  ? 13  DA  A C8    1 
ATOM   256  N  N7    . DA  A 1 13 ? -7.686  4.399   32.885  1.00 78.93  ? 13  DA  A N7    1 
ATOM   257  C  C5    . DA  A 1 13 ? -6.745  4.818   31.957  1.00 73.12  ? 13  DA  A C5    1 
ATOM   258  C  C6    . DA  A 1 13 ? -6.114  4.157   30.903  1.00 88.93  ? 13  DA  A C6    1 
ATOM   259  N  N6    . DA  A 1 13 ? -6.328  2.875   30.600  1.00 102.10 ? 13  DA  A N6    1 
ATOM   260  N  N1    . DA  A 1 13 ? -5.238  4.863   30.156  1.00 109.03 ? 13  DA  A N1    1 
ATOM   261  C  C2    . DA  A 1 13 ? -5.025  6.150   30.461  1.00 105.36 ? 13  DA  A C2    1 
ATOM   262  N  N3    . DA  A 1 13 ? -5.565  6.884   31.427  1.00 86.67  ? 13  DA  A N3    1 
ATOM   263  C  C4    . DA  A 1 13 ? -6.423  6.150   32.150  1.00 77.52  ? 13  DA  A C4    1 
ATOM   264  P  P     . DA  A 1 14 ? -5.883  10.110  37.580  1.00 141.87 ? 14  DA  A P     1 
ATOM   265  O  OP1   . DA  A 1 14 ? -7.110  10.115  38.421  1.00 145.30 ? 14  DA  A OP1   1 
ATOM   266  O  OP2   . DA  A 1 14 ? -4.714  10.967  37.923  1.00 122.55 ? 14  DA  A OP2   1 
ATOM   267  O  "O5'" . DA  A 1 14 ? -5.385  8.600   37.535  1.00 118.32 ? 14  DA  A "O5'" 1 
ATOM   268  C  "C5'" . DA  A 1 14 ? -4.987  7.948   38.738  1.00 121.82 ? 14  DA  A "C5'" 1 
ATOM   269  C  "C4'" . DA  A 1 14 ? -5.851  6.736   38.993  1.00 127.55 ? 14  DA  A "C4'" 1 
ATOM   270  O  "O4'" . DA  A 1 14 ? -6.195  6.086   37.742  1.00 128.37 ? 14  DA  A "O4'" 1 
ATOM   271  C  "C3'" . DA  A 1 14 ? -5.142  5.670   39.823  1.00 137.22 ? 14  DA  A "C3'" 1 
ATOM   272  O  "O3'" . DA  A 1 14 ? -6.053  4.990   40.696  1.00 137.34 ? 14  DA  A "O3'" 1 
ATOM   273  C  "C2'" . DA  A 1 14 ? -4.462  4.824   38.760  1.00 138.69 ? 14  DA  A "C2'" 1 
ATOM   274  C  "C1'" . DA  A 1 14 ? -5.380  4.929   37.543  1.00 127.43 ? 14  DA  A "C1'" 1 
ATOM   275  N  N9    . DA  A 1 14 ? -4.640  5.095   36.285  1.00 107.26 ? 14  DA  A N9    1 
ATOM   276  C  C8    . DA  A 1 14 ? -3.896  6.179   35.885  1.00 98.61  ? 14  DA  A C8    1 
ATOM   277  N  N7    . DA  A 1 14 ? -3.318  6.022   34.720  1.00 99.38  ? 14  DA  A N7    1 
ATOM   278  C  C5    . DA  A 1 14 ? -3.683  4.740   34.338  1.00 96.21  ? 14  DA  A C5    1 
ATOM   279  C  C6    . DA  A 1 14 ? -3.415  3.988   33.181  1.00 101.23 ? 14  DA  A C6    1 
ATOM   280  N  N6    . DA  A 1 14 ? -2.655  4.426   32.175  1.00 108.20 ? 14  DA  A N6    1 
ATOM   281  N  N1    . DA  A 1 14 ? -3.956  2.753   33.094  1.00 99.79  ? 14  DA  A N1    1 
ATOM   282  C  C2    . DA  A 1 14 ? -4.716  2.314   34.107  1.00 101.55 ? 14  DA  A C2    1 
ATOM   283  N  N3    . DA  A 1 14 ? -5.052  2.934   35.239  1.00 101.29 ? 14  DA  A N3    1 
ATOM   284  C  C4    . DA  A 1 14 ? -4.492  4.155   35.295  1.00 94.69  ? 14  DA  A C4    1 
ATOM   285  P  P     . DG  A 1 15 ? -5.687  3.546   41.281  1.00 131.18 ? 15  DG  A P     1 
ATOM   286  O  OP1   . DG  A 1 15 ? -6.696  3.201   42.315  1.00 116.19 ? 15  DG  A OP1   1 
ATOM   287  O  OP2   . DG  A 1 15 ? -4.238  3.535   41.605  1.00 116.52 ? 15  DG  A OP2   1 
ATOM   288  O  "O5'" . DG  A 1 15 ? -5.884  2.595   40.019  1.00 133.93 ? 15  DG  A "O5'" 1 
ATOM   289  C  "C5'" . DG  A 1 15 ? -5.755  1.166   40.127  1.00 133.39 ? 15  DG  A "C5'" 1 
ATOM   290  C  "C4'" . DG  A 1 15 ? -4.426  0.688   39.582  1.00 131.65 ? 15  DG  A "C4'" 1 
ATOM   291  O  "O4'" . DG  A 1 15 ? -3.905  1.555   38.548  1.00 119.89 ? 15  DG  A "O4'" 1 
ATOM   292  C  "C3'" . DG  A 1 15 ? -3.302  0.557   40.619  1.00 124.87 ? 15  DG  A "C3'" 1 
ATOM   293  O  "O3'" . DG  A 1 15 ? -3.292  -0.817  41.059  1.00 120.59 ? 15  DG  A "O3'" 1 
ATOM   294  C  "C2'" . DG  A 1 15 ? -2.086  1.175   39.930  1.00 120.55 ? 15  DG  A "C2'" 1 
ATOM   295  C  "C1'" . DG  A 1 15 ? -2.526  1.273   38.476  1.00 111.15 ? 15  DG  A "C1'" 1 
ATOM   296  N  N9    . DG  A 1 15 ? -1.888  2.297   37.651  1.00 95.54  ? 15  DG  A N9    1 
ATOM   297  C  C8    . DG  A 1 15 ? -1.550  3.579   38.015  1.00 95.28  ? 15  DG  A C8    1 
ATOM   298  N  N7    . DG  A 1 15 ? -0.989  4.256   37.049  1.00 86.32  ? 15  DG  A N7    1 
ATOM   299  C  C5    . DG  A 1 15 ? -0.943  3.364   35.987  1.00 95.17  ? 15  DG  A C5    1 
ATOM   300  C  C6    . DG  A 1 15 ? -0.446  3.530   34.666  1.00 97.67  ? 15  DG  A C6    1 
ATOM   301  O  O6    . DG  A 1 15 ? 0.083   4.532   34.158  1.00 97.34  ? 15  DG  A O6    1 
ATOM   302  N  N1    . DG  A 1 15 ? -0.607  2.372   33.909  1.00 89.69  ? 15  DG  A N1    1 
ATOM   303  C  C2    . DG  A 1 15 ? -1.166  1.202   34.365  1.00 96.13  ? 15  DG  A C2    1 
ATOM   304  N  N2    . DG  A 1 15 ? -1.225  0.190   33.491  1.00 93.07  ? 15  DG  A N2    1 
ATOM   305  N  N3    . DG  A 1 15 ? -1.651  1.042   35.586  1.00 102.97 ? 15  DG  A N3    1 
ATOM   306  C  C4    . DG  A 1 15 ? -1.497  2.152   36.341  1.00 99.90  ? 15  DG  A C4    1 
ATOM   307  P  P     . DC  A 1 16 ? -2.005  -1.756  40.911  1.00 117.17 ? 16  DC  A P     1 
ATOM   308  O  OP1   . DC  A 1 16 ? -2.416  -3.144  41.250  1.00 111.97 ? 16  DC  A OP1   1 
ATOM   309  O  OP2   . DC  A 1 16 ? -0.883  -1.120  41.653  1.00 116.33 ? 16  DC  A OP2   1 
ATOM   310  O  "O5'" . DC  A 1 16 ? -1.704  -1.714  39.348  1.00 122.43 ? 16  DC  A "O5'" 1 
ATOM   311  C  "C5'" . DC  A 1 16 ? -2.026  -2.825  38.486  1.00 119.31 ? 16  DC  A "C5'" 1 
ATOM   312  C  "C4'" . DC  A 1 16 ? -0.826  -3.150  37.633  1.00 106.51 ? 16  DC  A "C4'" 1 
ATOM   313  O  "O4'" . DC  A 1 16 ? -0.384  -1.925  36.994  1.00 115.03 ? 16  DC  A "O4'" 1 
ATOM   314  C  "C3'" . DC  A 1 16 ? 0.384   -3.671  38.418  1.00 107.34 ? 16  DC  A "C3'" 1 
ATOM   315  O  "O3'" . DC  A 1 16 ? 1.091   -4.649  37.648  1.00 118.18 ? 16  DC  A "O3'" 1 
ATOM   316  C  "C2'" . DC  A 1 16 ? 1.279   -2.447  38.521  1.00 107.76 ? 16  DC  A "C2'" 1 
ATOM   317  C  "C1'" . DC  A 1 16 ? 1.019   -1.818  37.168  1.00 100.64 ? 16  DC  A "C1'" 1 
ATOM   318  N  N1    . DC  A 1 16 ? 1.415   -0.410  36.959  1.00 86.74  ? 16  DC  A N1    1 
ATOM   319  C  C2    . DC  A 1 16 ? 1.820   -0.021  35.679  1.00 96.62  ? 16  DC  A C2    1 
ATOM   320  O  O2    . DC  A 1 16 ? 1.813   -0.863  34.768  1.00 94.80  ? 16  DC  A O2    1 
ATOM   321  N  N3    . DC  A 1 16 ? 2.194   1.262   35.462  1.00 99.42  ? 16  DC  A N3    1 
ATOM   322  C  C4    . DC  A 1 16 ? 2.166   2.143   36.465  1.00 85.20  ? 16  DC  A C4    1 
ATOM   323  N  N4    . DC  A 1 16 ? 2.535   3.397   36.203  1.00 80.31  ? 16  DC  A N4    1 
ATOM   324  C  C5    . DC  A 1 16 ? 1.736   1.781   37.774  1.00 78.87  ? 16  DC  A C5    1 
ATOM   325  C  C6    . DC  A 1 16 ? 1.373   0.505   37.975  1.00 91.09  ? 16  DC  A C6    1 
ATOM   326  P  P     . DG  A 1 17 ? 1.198   -6.174  38.130  1.00 117.57 ? 17  DG  A P     1 
ATOM   327  O  OP1   . DG  A 1 17 ? -0.190  -6.740  38.214  1.00 96.84  ? 17  DG  A OP1   1 
ATOM   328  O  OP2   . DG  A 1 17 ? 2.111   -6.214  39.299  1.00 110.50 ? 17  DG  A OP2   1 
ATOM   329  O  "O5'" . DG  A 1 17 ? 1.942   -6.881  36.906  1.00 109.20 ? 17  DG  A "O5'" 1 
ATOM   330  C  "C5'" . DG  A 1 17 ? 1.262   -7.124  35.646  1.00 94.05  ? 17  DG  A "C5'" 1 
ATOM   331  C  "C4'" . DG  A 1 17 ? 2.190   -6.865  34.482  1.00 98.18  ? 17  DG  A "C4'" 1 
ATOM   332  O  "O4'" . DG  A 1 17 ? 2.580   -5.467  34.418  1.00 103.74 ? 17  DG  A "O4'" 1 
ATOM   333  C  "C3'" . DG  A 1 17 ? 3.494   -7.661  34.500  1.00 94.17  ? 17  DG  A "C3'" 1 
ATOM   334  O  "O3'" . DG  A 1 17 ? 3.762   -8.091  33.171  1.00 103.32 ? 17  DG  A "O3'" 1 
ATOM   335  C  "C2'" . DG  A 1 17 ? 4.533   -6.643  34.933  1.00 98.68  ? 17  DG  A "C2'" 1 
ATOM   336  C  "C1'" . DG  A 1 17 ? 3.994   -5.354  34.337  1.00 97.86  ? 17  DG  A "C1'" 1 
ATOM   337  N  N9    . DG  A 1 17 ? 4.380   -4.141  35.054  1.00 109.16 ? 17  DG  A N9    1 
ATOM   338  C  C8    . DG  A 1 17 ? 4.384   -3.958  36.417  1.00 111.58 ? 17  DG  A C8    1 
ATOM   339  N  N7    . DG  A 1 17 ? 4.753   -2.756  36.771  1.00 105.23 ? 17  DG  A N7    1 
ATOM   340  C  C5    . DG  A 1 17 ? 4.985   -2.100  35.571  1.00 91.68  ? 17  DG  A C5    1 
ATOM   341  C  C6    . DG  A 1 17 ? 5.374   -0.761  35.320  1.00 88.89  ? 17  DG  A C6    1 
ATOM   342  O  O6    . DG  A 1 17 ? 5.620   0.135   36.133  1.00 89.18  ? 17  DG  A O6    1 
ATOM   343  N  N1    . DG  A 1 17 ? 5.504   -0.511  33.957  1.00 95.46  ? 17  DG  A N1    1 
ATOM   344  C  C2    . DG  A 1 17 ? 5.253   -1.422  32.962  1.00 101.61 ? 17  DG  A C2    1 
ATOM   345  N  N2    . DG  A 1 17 ? 5.413   -0.981  31.707  1.00 104.51 ? 17  DG  A N2    1 
ATOM   346  N  N3    . DG  A 1 17 ? 4.873   -2.673  33.182  1.00 101.64 ? 17  DG  A N3    1 
ATOM   347  C  C4    . DG  A 1 17 ? 4.760   -2.941  34.501  1.00 105.69 ? 17  DG  A C4    1 
HETATM 348  P  P     . OMG A 1 18 ? 5.051   -8.956  32.871  1.00 112.43 ? 18  OMG A P     1 
HETATM 349  O  OP1   . OMG A 1 18 ? 4.853   -9.626  31.560  1.00 95.79  ? 18  OMG A OP1   1 
HETATM 350  O  OP2   . OMG A 1 18 ? 5.362   -9.755  34.100  1.00 107.29 ? 18  OMG A OP2   1 
HETATM 351  O  "O5'" . OMG A 1 18 ? 6.168   -7.852  32.633  1.00 89.18  ? 18  OMG A "O5'" 1 
HETATM 352  C  "C5'" . OMG A 1 18 ? 6.950   -7.854  31.433  1.00 90.15  ? 18  OMG A "C5'" 1 
HETATM 353  C  "C4'" . OMG A 1 18 ? 8.066   -6.872  31.608  1.00 89.01  ? 18  OMG A "C4'" 1 
HETATM 354  O  "O4'" . OMG A 1 18 ? 7.619   -5.869  32.532  1.00 86.31  ? 18  OMG A "O4'" 1 
HETATM 355  C  "C3'" . OMG A 1 18 ? 9.316   -7.437  32.281  1.00 106.05 ? 18  OMG A "C3'" 1 
HETATM 356  O  "O3'" . OMG A 1 18 ? 10.319  -8.041  31.451  1.00 99.28  ? 18  OMG A "O3'" 1 
HETATM 357  C  "C2'" . OMG A 1 18 ? 9.869   -6.261  33.104  1.00 109.02 ? 18  OMG A "C2'" 1 
HETATM 358  O  "O2'" . OMG A 1 18 ? 11.091  -5.739  32.610  1.00 126.91 ? 18  OMG A "O2'" 1 
HETATM 359  C  CM2   . OMG A 1 18 ? 12.271  -6.393  33.052  1.00 142.27 ? 18  OMG A CM2   1 
HETATM 360  C  "C1'" . OMG A 1 18 ? 8.751   -5.213  33.022  1.00 106.56 ? 18  OMG A "C1'" 1 
HETATM 361  N  N9    . OMG A 1 18 ? 8.443   -4.604  34.311  1.00 99.68  ? 18  OMG A N9    1 
HETATM 362  C  C8    . OMG A 1 18 ? 8.132   -5.249  35.481  1.00 104.23 ? 18  OMG A C8    1 
HETATM 363  N  N7    . OMG A 1 18 ? 7.965   -4.432  36.485  1.00 111.37 ? 18  OMG A N7    1 
HETATM 364  C  C5    . OMG A 1 18 ? 8.230   -3.177  35.956  1.00 92.90  ? 18  OMG A C5    1 
HETATM 365  C  C6    . OMG A 1 18 ? 8.212   -1.900  36.568  1.00 104.95 ? 18  OMG A C6    1 
HETATM 366  O  O6    . OMG A 1 18 ? 7.967   -1.613  37.745  1.00 118.21 ? 18  OMG A O6    1 
HETATM 367  N  N1    . OMG A 1 18 ? 8.521   -0.893  35.660  1.00 102.54 ? 18  OMG A N1    1 
HETATM 368  C  C2    . OMG A 1 18 ? 8.800   -1.087  34.332  1.00 93.01  ? 18  OMG A C2    1 
HETATM 369  N  N2    . OMG A 1 18 ? 9.065   0.011   33.616  1.00 88.73  ? 18  OMG A N2    1 
HETATM 370  N  N3    . OMG A 1 18 ? 8.816   -2.273  33.748  1.00 99.82  ? 18  OMG A N3    1 
HETATM 371  C  C4    . OMG A 1 18 ? 8.533   -3.267  34.617  1.00 93.92  ? 18  OMG A C4    1 
ATOM   372  P  P     . A   A 1 19 ? 10.496  -7.617  29.935  1.00 109.41 ? 19  A   A P     1 
ATOM   373  O  OP1   . A   A 1 19 ? 11.531  -8.495  29.352  1.00 121.37 ? 19  A   A OP1   1 
ATOM   374  O  OP2   . A   A 1 19 ? 10.688  -6.138  29.883  1.00 117.42 ? 19  A   A OP2   1 
ATOM   375  O  "O5'" . A   A 1 19 ? 9.073   -7.970  29.316  1.00 97.08  ? 19  A   A "O5'" 1 
ATOM   376  C  "C5'" . A   A 1 19 ? 8.940   -8.552  28.015  1.00 103.84 ? 19  A   A "C5'" 1 
ATOM   377  C  "C4'" . A   A 1 19 ? 8.086   -7.672  27.141  1.00 101.21 ? 19  A   A "C4'" 1 
ATOM   378  O  "O4'" . A   A 1 19 ? 6.797   -7.426  27.755  1.00 111.54 ? 19  A   A "O4'" 1 
ATOM   379  C  "C3'" . A   A 1 19 ? 8.589   -6.257  26.928  1.00 105.11 ? 19  A   A "C3'" 1 
ATOM   380  O  "O3'" . A   A 1 19 ? 9.712   -6.186  26.063  1.00 120.89 ? 19  A   A "O3'" 1 
ATOM   381  C  "C2'" . A   A 1 19 ? 7.346   -5.584  26.364  1.00 102.01 ? 19  A   A "C2'" 1 
ATOM   382  O  "O2'" . A   A 1 19 ? 7.156   -5.892  25.003  1.00 112.01 ? 19  A   A "O2'" 1 
ATOM   383  C  "C1'" . A   A 1 19 ? 6.239   -6.252  27.184  1.00 104.21 ? 19  A   A "C1'" 1 
ATOM   384  N  N9    . A   A 1 19 ? 5.669   -5.423  28.251  1.00 93.47  ? 19  A   A N9    1 
ATOM   385  C  C8    . A   A 1 19 ? 6.201   -4.314  28.865  1.00 103.30 ? 19  A   A C8    1 
ATOM   386  N  N7    . A   A 1 19 ? 5.405   -3.773  29.758  1.00 96.92  ? 19  A   A N7    1 
ATOM   387  C  C5    . A   A 1 19 ? 4.273   -4.575  29.724  1.00 90.59  ? 19  A   A C5    1 
ATOM   388  C  C6    . A   A 1 19 ? 3.062   -4.536  30.439  1.00 99.67  ? 19  A   A C6    1 
ATOM   389  N  N6    . A   A 1 19 ? 2.779   -3.625  31.376  1.00 98.57  ? 19  A   A N6    1 
ATOM   390  N  N1    . A   A 1 19 ? 2.140   -5.483  30.163  1.00 96.21  ? 19  A   A N1    1 
ATOM   391  C  C2    . A   A 1 19 ? 2.427   -6.405  29.234  1.00 98.18  ? 19  A   A C2    1 
ATOM   392  N  N3    . A   A 1 19 ? 3.528   -6.548  28.501  1.00 88.35  ? 19  A   A N3    1 
ATOM   393  C  C4    . A   A 1 19 ? 4.421   -5.591  28.796  1.00 84.89  ? 19  A   A C4    1 
ATOM   394  P  P     . A   A 1 20 ? 10.445  -4.782  25.849  1.00 131.70 ? 20  A   A P     1 
ATOM   395  O  OP1   . A   A 1 20 ? 11.863  -5.057  25.490  1.00 128.51 ? 20  A   A OP1   1 
ATOM   396  O  OP2   . A   A 1 20 ? 10.159  -3.921  27.035  1.00 126.46 ? 20  A   A OP2   1 
ATOM   397  O  "O5'" . A   A 1 20 ? 9.667   -4.185  24.594  1.00 105.61 ? 20  A   A "O5'" 1 
ATOM   398  C  "C5'" . A   A 1 20 ? 9.662   -4.889  23.335  1.00 114.07 ? 20  A   A "C5'" 1 
ATOM   399  C  "C4'" . A   A 1 20 ? 10.964  -4.672  22.595  1.00 119.73 ? 20  A   A "C4'" 1 
ATOM   400  O  "O4'" . A   A 1 20 ? 10.791  -5.010  21.190  1.00 121.07 ? 20  A   A "O4'" 1 
ATOM   401  C  "C3'" . A   A 1 20 ? 11.492  -3.238  22.603  1.00 119.13 ? 20  A   A "C3'" 1 
ATOM   402  O  "O3'" . A   A 1 20 ? 12.906  -3.210  22.491  1.00 113.38 ? 20  A   A "O3'" 1 
ATOM   403  C  "C2'" . A   A 1 20 ? 10.853  -2.638  21.356  1.00 120.45 ? 20  A   A "C2'" 1 
ATOM   404  O  "O2'" . A   A 1 20 ? 11.538  -1.521  20.811  1.00 118.66 ? 20  A   A "O2'" 1 
ATOM   405  C  "C1'" . A   A 1 20 ? 10.866  -3.834  20.401  1.00 116.38 ? 20  A   A "C1'" 1 
ATOM   406  N  N9    . A   A 1 20 ? 9.722   -3.808  19.492  1.00 97.34  ? 20  A   A N9    1 
ATOM   407  C  C8    . A   A 1 20 ? 8.390   -3.836  19.822  1.00 104.09 ? 20  A   A C8    1 
ATOM   408  N  N7    . A   A 1 20 ? 7.587   -3.772  18.789  1.00 91.96  ? 20  A   A N7    1 
ATOM   409  C  C5    . A   A 1 20 ? 8.447   -3.682  17.705  1.00 94.47  ? 20  A   A C5    1 
ATOM   410  C  C6    . A   A 1 20 ? 8.217   -3.587  16.323  1.00 100.84 ? 20  A   A C6    1 
ATOM   411  N  N6    . A   A 1 20 ? 6.998   -3.546  15.777  1.00 87.03  ? 20  A   A N6    1 
ATOM   412  N  N1    . A   A 1 20 ? 9.295   -3.514  15.509  1.00 106.88 ? 20  A   A N1    1 
ATOM   413  C  C2    . A   A 1 20 ? 10.517  -3.535  16.061  1.00 108.38 ? 20  A   A C2    1 
ATOM   414  N  N3    . A   A 1 20 ? 10.860  -3.631  17.345  1.00 104.44 ? 20  A   A N3    1 
ATOM   415  C  C4    . A   A 1 20 ? 9.766   -3.702  18.124  1.00 94.87  ? 20  A   A C4    1 
ATOM   416  P  P     . DG  A 1 21 ? 13.759  -2.129  23.298  1.00 108.92 ? 21  DG  A P     1 
ATOM   417  O  OP1   . DG  A 1 21 ? 14.719  -1.486  22.343  1.00 92.10  ? 21  DG  A OP1   1 
ATOM   418  O  OP2   . DG  A 1 21 ? 14.269  -2.804  24.527  1.00 104.81 ? 21  DG  A OP2   1 
ATOM   419  O  "O5'" . DG  A 1 21 ? 12.665  -1.044  23.702  1.00 91.34  ? 21  DG  A "O5'" 1 
ATOM   420  C  "C5'" . DG  A 1 21 ? 12.886  0.345   23.401  1.00 90.41  ? 21  DG  A "C5'" 1 
ATOM   421  C  "C4'" . DG  A 1 21 ? 11.974  1.226   24.217  1.00 80.30  ? 21  DG  A "C4'" 1 
ATOM   422  O  "O4'" . DG  A 1 21 ? 10.968  0.444   24.905  1.00 81.80  ? 21  DG  A "O4'" 1 
ATOM   423  C  "C3'" . DG  A 1 21 ? 12.692  2.003   25.312  1.00 85.91  ? 21  DG  A "C3'" 1 
ATOM   424  O  "O3'" . DG  A 1 21 ? 13.230  3.210   24.784  1.00 84.31  ? 21  DG  A "O3'" 1 
ATOM   425  C  "C2'" . DG  A 1 21 ? 11.585  2.218   26.329  1.00 94.16  ? 21  DG  A "C2'" 1 
ATOM   426  C  "C1'" . DG  A 1 21 ? 10.868  0.881   26.270  1.00 91.52  ? 21  DG  A "C1'" 1 
ATOM   427  N  N9    . DG  A 1 21 ? 11.442  -0.158  27.130  1.00 99.91  ? 21  DG  A N9    1 
ATOM   428  C  C8    . DG  A 1 21 ? 11.979  -1.362  26.737  1.00 118.37 ? 21  DG  A C8    1 
ATOM   429  N  N7    . DG  A 1 21 ? 12.395  -2.090  27.737  1.00 119.92 ? 21  DG  A N7    1 
ATOM   430  C  C5    . DG  A 1 21 ? 12.106  -1.329  28.861  1.00 120.77 ? 21  DG  A C5    1 
ATOM   431  C  C6    . DG  A 1 21 ? 12.318  -1.602  30.240  1.00 118.08 ? 21  DG  A C6    1 
ATOM   432  O  O6    . DG  A 1 21 ? 12.816  -2.610  30.762  1.00 120.89 ? 21  DG  A O6    1 
ATOM   433  N  N1    . DG  A 1 21 ? 11.883  -0.551  31.043  1.00 96.53  ? 21  DG  A N1    1 
ATOM   434  C  C2    . DG  A 1 21 ? 11.317  0.610   30.581  1.00 89.87  ? 21  DG  A C2    1 
ATOM   435  N  N2    . DG  A 1 21 ? 10.968  1.510   31.510  1.00 91.63  ? 21  DG  A N2    1 
ATOM   436  N  N3    . DG  A 1 21 ? 11.103  0.872   29.302  1.00 101.97 ? 21  DG  A N3    1 
ATOM   437  C  C4    . DG  A 1 21 ? 11.521  -0.131  28.503  1.00 106.69 ? 21  DG  A C4    1 
ATOM   438  P  P     . DG  A 1 22 ? 14.786  3.508   24.902  1.00 116.85 ? 22  DG  A P     1 
ATOM   439  O  OP1   . DG  A 1 22 ? 15.104  4.660   24.025  1.00 126.36 ? 22  DG  A OP1   1 
ATOM   440  O  OP2   . DG  A 1 22 ? 15.526  2.228   24.753  1.00 114.92 ? 22  DG  A OP2   1 
ATOM   441  O  "O5'" . DG  A 1 22 ? 14.925  4.044   26.391  1.00 125.63 ? 22  DG  A "O5'" 1 
ATOM   442  C  "C5'" . DG  A 1 22 ? 14.218  5.227   26.791  1.00 126.01 ? 22  DG  A "C5'" 1 
ATOM   443  C  "C4'" . DG  A 1 22 ? 14.476  5.504   28.252  1.00 116.63 ? 22  DG  A "C4'" 1 
ATOM   444  O  "O4'" . DG  A 1 22 ? 13.730  4.568   29.061  1.00 106.44 ? 22  DG  A "O4'" 1 
ATOM   445  C  "C3'" . DG  A 1 22 ? 15.926  5.330   28.687  1.00 116.61 ? 22  DG  A "C3'" 1 
ATOM   446  O  "O3'" . DG  A 1 22 ? 16.655  6.527   28.403  1.00 117.41 ? 22  DG  A "O3'" 1 
ATOM   447  C  "C2'" . DG  A 1 22 ? 15.774  5.012   30.162  1.00 119.96 ? 22  DG  A "C2'" 1 
ATOM   448  C  "C1'" . DG  A 1 22 ? 14.498  4.182   30.197  1.00 104.43 ? 22  DG  A "C1'" 1 
ATOM   449  N  N9    . DG  A 1 22 ? 14.717  2.746   30.115  1.00 95.28  ? 22  DG  A N9    1 
ATOM   450  C  C8    . DG  A 1 22 ? 14.642  1.972   28.983  1.00 93.68  ? 22  DG  A C8    1 
ATOM   451  N  N7    . DG  A 1 22 ? 14.852  0.706   29.215  1.00 105.43 ? 22  DG  A N7    1 
ATOM   452  C  C5    . DG  A 1 22 ? 15.104  0.642   30.578  1.00 91.19  ? 22  DG  A C5    1 
ATOM   453  C  C6    . DG  A 1 22 ? 15.424  -0.468  31.400  1.00 96.23  ? 22  DG  A C6    1 
ATOM   454  O  O6    . DG  A 1 22 ? 15.554  -1.654  31.077  1.00 94.27  ? 22  DG  A O6    1 
ATOM   455  N  N1    . DG  A 1 22 ? 15.592  -0.090  32.729  1.00 103.08 ? 22  DG  A N1    1 
ATOM   456  C  C2    . DG  A 1 22 ? 15.488  1.195   33.202  1.00 106.43 ? 22  DG  A C2    1 
ATOM   457  N  N2    . DG  A 1 22 ? 15.692  1.351   34.518  1.00 98.48  ? 22  DG  A N2    1 
ATOM   458  N  N3    . DG  A 1 22 ? 15.210  2.245   32.439  1.00 100.75 ? 22  DG  A N3    1 
ATOM   459  C  C4    . DG  A 1 22 ? 15.023  1.894   31.149  1.00 95.75  ? 22  DG  A C4    1 
ATOM   460  P  P     . DA  A 1 23 ? 18.257  6.559   28.508  1.00 121.17 ? 23  DA  A P     1 
ATOM   461  O  OP1   . DA  A 1 23 ? 18.675  7.988   28.410  1.00 127.76 ? 23  DA  A OP1   1 
ATOM   462  O  OP2   . DA  A 1 23 ? 18.825  5.582   27.539  1.00 98.76  ? 23  DA  A OP2   1 
ATOM   463  O  "O5'" . DA  A 1 23 ? 18.508  6.103   30.013  1.00 112.09 ? 23  DA  A "O5'" 1 
ATOM   464  C  "C5'" . DA  A 1 23 ? 18.205  7.018   31.092  1.00 122.14 ? 23  DA  A "C5'" 1 
ATOM   465  C  "C4'" . DA  A 1 23 ? 18.615  6.427   32.419  1.00 113.47 ? 23  DA  A "C4'" 1 
ATOM   466  O  "O4'" . DA  A 1 23 ? 17.892  5.200   32.647  1.00 106.53 ? 23  DA  A "O4'" 1 
ATOM   467  C  "C3'" . DA  A 1 23 ? 20.088  6.046   32.493  1.00 118.23 ? 23  DA  A "C3'" 1 
ATOM   468  O  "O3'" . DA  A 1 23 ? 20.849  7.177   32.927  1.00 130.35 ? 23  DA  A "O3'" 1 
ATOM   469  C  "C2'" . DA  A 1 23 ? 20.088  4.891   33.476  1.00 116.38 ? 23  DA  A "C2'" 1 
ATOM   470  C  "C1'" . DA  A 1 23 ? 18.742  4.221   33.233  1.00 107.88 ? 23  DA  A "C1'" 1 
ATOM   471  N  N9    . DA  A 1 23 ? 18.781  3.064   32.336  1.00 106.95 ? 23  DA  A N9    1 
ATOM   472  C  C8    . DA  A 1 23 ? 18.787  3.057   30.963  1.00 110.17 ? 23  DA  A C8    1 
ATOM   473  N  N7    . DA  A 1 23 ? 18.822  1.854   30.441  1.00 112.30 ? 23  DA  A N7    1 
ATOM   474  C  C5    . DA  A 1 23 ? 18.846  1.013   31.544  1.00 107.08 ? 23  DA  A C5    1 
ATOM   475  C  C6    . DA  A 1 23 ? 18.893  -0.387  31.665  1.00 110.95 ? 23  DA  A C6    1 
ATOM   476  N  N6    . DA  A 1 23 ? 18.917  -1.219  30.620  1.00 117.52 ? 23  DA  A N6    1 
ATOM   477  N  N1    . DA  A 1 23 ? 18.921  -0.911  32.911  1.00 104.89 ? 23  DA  A N1    1 
ATOM   478  C  C2    . DA  A 1 23 ? 18.892  -0.074  33.958  1.00 103.07 ? 23  DA  A C2    1 
ATOM   479  N  N3    . DA  A 1 23 ? 18.848  1.256   33.971  1.00 109.28 ? 23  DA  A N3    1 
ATOM   480  C  C4    . DA  A 1 23 ? 18.825  1.743   32.717  1.00 106.72 ? 23  DA  A C4    1 
ATOM   481  P  P     . DT  A 1 24 ? 22.416  7.262   32.613  1.00 147.30 ? 24  DT  A P     1 
ATOM   482  O  OP1   . DT  A 1 24 ? 22.929  8.521   33.214  1.00 131.94 ? 24  DT  A OP1   1 
ATOM   483  O  OP2   . DT  A 1 24 ? 22.617  6.990   31.156  1.00 126.99 ? 24  DT  A OP2   1 
ATOM   484  O  "O5'" . DT  A 1 24 ? 23.009  6.065   33.479  1.00 125.24 ? 24  DT  A "O5'" 1 
ATOM   485  C  "C5'" . DT  A 1 24 ? 22.961  6.124   34.913  1.00 121.01 ? 24  DT  A "C5'" 1 
ATOM   486  C  "C4'" . DT  A 1 24 ? 23.265  4.761   35.485  1.00 124.71 ? 24  DT  A "C4'" 1 
ATOM   487  O  "O4'" . DT  A 1 24 ? 22.533  3.766   34.739  1.00 123.66 ? 24  DT  A "O4'" 1 
ATOM   488  C  "C3'" . DT  A 1 24 ? 24.734  4.355   35.378  1.00 125.37 ? 24  DT  A "C3'" 1 
ATOM   489  O  "O3'" . DT  A 1 24 ? 25.415  4.477   36.629  1.00 138.51 ? 24  DT  A "O3'" 1 
ATOM   490  C  "C2'" . DT  A 1 24 ? 24.698  2.902   34.929  1.00 123.33 ? 24  DT  A "C2'" 1 
ATOM   491  C  "C1'" . DT  A 1 24 ? 23.223  2.540   34.858  1.00 118.32 ? 24  DT  A "C1'" 1 
ATOM   492  N  N1    . DT  A 1 24 ? 22.854  1.687   33.703  1.00 114.77 ? 24  DT  A N1    1 
ATOM   493  C  C2    . DT  A 1 24 ? 22.727  0.333   33.928  1.00 112.78 ? 24  DT  A C2    1 
ATOM   494  O  O2    . DT  A 1 24 ? 22.892  -0.178  35.023  1.00 128.40 ? 24  DT  A O2    1 
ATOM   495  N  N3    . DT  A 1 24 ? 22.382  -0.402  32.823  1.00 100.39 ? 24  DT  A N3    1 
ATOM   496  C  C4    . DT  A 1 24 ? 22.183  0.066   31.538  1.00 105.49 ? 24  DT  A C4    1 
ATOM   497  O  O4    . DT  A 1 24 ? 21.886  -0.718  30.642  1.00 109.93 ? 24  DT  A O4    1 
ATOM   498  C  C5    . DT  A 1 24 ? 22.341  1.492   31.370  1.00 101.73 ? 24  DT  A C5    1 
ATOM   499  C  C7    . DT  A 1 24 ? 22.132  2.086   30.014  1.00 99.95  ? 24  DT  A C7    1 
ATOM   500  C  C6    . DT  A 1 24 ? 22.667  2.222   32.445  1.00 101.25 ? 24  DT  A C6    1 
ATOM   501  P  P     . DC  A 1 25 ? 27.016  4.406   36.680  1.00 150.59 ? 25  DC  A P     1 
ATOM   502  O  OP1   . DC  A 1 25 ? 27.471  5.244   37.820  1.00 148.39 ? 25  DC  A OP1   1 
ATOM   503  O  OP2   . DC  A 1 25 ? 27.527  4.677   35.312  1.00 133.85 ? 25  DC  A OP2   1 
ATOM   504  O  "O5'" . DC  A 1 25 ? 27.310  2.886   37.062  1.00 149.61 ? 25  DC  A "O5'" 1 
ATOM   505  C  "C5'" . DC  A 1 25 ? 27.974  1.991   36.143  1.00 156.50 ? 25  DC  A "C5'" 1 
ATOM   506  C  "C4'" . DC  A 1 25 ? 27.551  0.560   36.385  1.00 158.34 ? 25  DC  A "C4'" 1 
ATOM   507  O  "O4'" . DC  A 1 25 ? 26.302  0.285   35.707  1.00 158.86 ? 25  DC  A "O4'" 1 
ATOM   508  C  "C3'" . DC  A 1 25 ? 28.535  -0.492  35.877  1.00 156.51 ? 25  DC  A "C3'" 1 
ATOM   509  O  "O3'" . DC  A 1 25 ? 29.414  -0.883  36.935  1.00 164.39 ? 25  DC  A "O3'" 1 
ATOM   510  C  "C2'" . DC  A 1 25 ? 27.639  -1.661  35.513  1.00 157.16 ? 25  DC  A "C2'" 1 
ATOM   511  C  "C1'" . DC  A 1 25 ? 26.327  -1.005  35.103  1.00 148.05 ? 25  DC  A "C1'" 1 
ATOM   512  N  N1    . DC  A 1 25 ? 26.161  -0.830  33.650  1.00 135.72 ? 25  DC  A N1    1 
ATOM   513  C  C2    . DC  A 1 25 ? 25.971  -1.962  32.851  1.00 134.51 ? 25  DC  A C2    1 
ATOM   514  O  O2    . DC  A 1 25 ? 25.944  -3.080  33.388  1.00 137.63 ? 25  DC  A O2    1 
ATOM   515  N  N3    . DC  A 1 25 ? 25.819  -1.811  31.517  1.00 128.12 ? 25  DC  A N3    1 
ATOM   516  C  C4    . DC  A 1 25 ? 25.850  -0.590  30.976  1.00 131.92 ? 25  DC  A C4    1 
ATOM   517  N  N4    . DC  A 1 25 ? 25.699  -0.490  29.654  1.00 133.18 ? 25  DC  A N4    1 
ATOM   518  C  C5    . DC  A 1 25 ? 26.051  0.578   31.766  1.00 132.20 ? 25  DC  A C5    1 
ATOM   519  C  C6    . DC  A 1 25 ? 26.198  0.414   33.086  1.00 124.25 ? 25  DC  A C6    1 
ATOM   520  P  P     . DC  A 1 26 ? 31.008  -0.900  36.737  1.00 160.13 ? 26  DC  A P     1 
ATOM   521  O  OP1   . DC  A 1 26 ? 31.598  -0.187  37.900  1.00 119.03 ? 26  DC  A OP1   1 
ATOM   522  O  OP2   . DC  A 1 26 ? 31.325  -0.428  35.361  1.00 146.01 ? 26  DC  A OP2   1 
ATOM   523  O  "O5'" . DC  A 1 26 ? 31.348  -2.460  36.798  1.00 170.20 ? 26  DC  A "O5'" 1 
ATOM   524  C  "C5'" . DC  A 1 26 ? 31.729  -3.169  35.598  1.00 177.89 ? 26  DC  A "C5'" 1 
ATOM   525  C  "C4'" . DC  A 1 26 ? 31.438  -4.652  35.685  1.00 181.61 ? 26  DC  A "C4'" 1 
ATOM   526  O  "O4'" . DC  A 1 26 ? 30.193  -4.968  35.016  1.00 168.62 ? 26  DC  A "O4'" 1 
ATOM   527  C  "C3'" . DC  A 1 26 ? 32.490  -5.538  35.018  1.00 174.17 ? 26  DC  A "C3'" 1 
ATOM   528  O  "O3'" . DC  A 1 26 ? 32.647  -6.784  35.703  1.00 182.49 ? 26  DC  A "O3'" 1 
ATOM   529  C  "C2'" . DC  A 1 26 ? 31.953  -5.727  33.609  1.00 164.48 ? 26  DC  A "C2'" 1 
ATOM   530  C  "C1'" . DC  A 1 26 ? 30.442  -5.531  33.729  1.00 148.25 ? 26  DC  A "C1'" 1 
ATOM   531  N  N1    . DC  A 1 26 ? 29.882  -4.611  32.724  1.00 133.81 ? 26  DC  A N1    1 
ATOM   532  C  C2    . DC  A 1 26 ? 29.093  -5.118  31.682  1.00 126.36 ? 26  DC  A C2    1 
ATOM   533  O  O2    . DC  A 1 26 ? 28.884  -6.339  31.627  1.00 123.49 ? 26  DC  A O2    1 
ATOM   534  N  N3    . DC  A 1 26 ? 28.585  -4.263  30.761  1.00 102.13 ? 26  DC  A N3    1 
ATOM   535  C  C4    . DC  A 1 26 ? 28.818  -2.951  30.871  1.00 107.68 ? 26  DC  A C4    1 
ATOM   536  N  N4    . DC  A 1 26 ? 28.305  -2.140  29.942  1.00 96.85  ? 26  DC  A N4    1 
ATOM   537  C  C5    . DC  A 1 26 ? 29.616  -2.412  31.923  1.00 109.06 ? 26  DC  A C5    1 
ATOM   538  C  C6    . DC  A 1 26 ? 30.137  -3.270  32.806  1.00 121.05 ? 26  DC  A C6    1 
ATOM   539  O  "O5'" A DG  B 1 1  ? -8.965  15.208  -8.094  0.60 130.69 ? 1   DG  B "O5'" 1 
ATOM   540  O  "O5'" B DG  B 1 1  ? -8.752  14.172  -9.281  0.40 95.44  ? 1   DG  B "O5'" 1 
ATOM   541  C  "C5'" A DG  B 1 1  ? -7.825  15.932  -7.596  0.60 128.38 ? 1   DG  B "C5'" 1 
ATOM   542  C  "C5'" B DG  B 1 1  ? -9.431  15.079  -8.395  0.40 92.65  ? 1   DG  B "C5'" 1 
ATOM   543  C  "C4'" A DG  B 1 1  ? -7.903  17.392  -7.986  0.60 131.71 ? 1   DG  B "C4'" 1 
ATOM   544  C  "C4'" B DG  B 1 1  ? -8.489  16.117  -7.824  0.40 91.85  ? 1   DG  B "C4'" 1 
ATOM   545  O  "O4'" A DG  B 1 1  ? -7.388  18.212  -6.907  0.60 133.12 ? 1   DG  B "O4'" 1 
ATOM   546  O  "O4'" B DG  B 1 1  ? -7.596  15.512  -6.871  0.40 94.72  ? 1   DG  B "O4'" 1 
ATOM   547  C  "C3'" A DG  B 1 1  ? -7.045  17.748  -9.202  0.60 146.91 ? 1   DG  B "C3'" 1 
ATOM   548  C  "C3'" B DG  B 1 1  ? -7.595  16.830  -8.826  0.40 92.87  ? 1   DG  B "C3'" 1 
ATOM   549  O  "O3'" A DG  B 1 1  ? -7.610  17.706  -10.534 0.60 179.39 ? 1   DG  B "O3'" 1 
ATOM   550  O  "O3'" B DG  B 1 1  ? -8.323  17.993  -9.213  0.40 108.63 ? 1   DG  B "O3'" 1 
ATOM   551  C  "C2'" A DG  B 1 1  ? -6.508  19.129  -8.863  0.60 136.89 ? 1   DG  B "C2'" 1 
ATOM   552  C  "C2'" B DG  B 1 1  ? -6.340  17.151  -8.038  0.40 86.33  ? 1   DG  B "C2'" 1 
ATOM   553  C  "C1'" A DG  B 1 1  ? -6.313  19.026  -7.368  0.60 118.24 ? 1   DG  B "C1'" 1 
ATOM   554  C  "C1'" B DG  B 1 1  ? -6.318  16.131  -6.913  0.40 88.08  ? 1   DG  B "C1'" 1 
ATOM   555  N  N9    A DG  B 1 1  ? -5.067  18.408  -6.921  0.60 101.34 ? 1   DG  B N9    1 
ATOM   556  N  N9    B DG  B 1 1  ? -5.336  15.066  -7.024  0.40 89.58  ? 1   DG  B N9    1 
ATOM   557  C  C8    A DG  B 1 1  ? -4.882  17.078  -6.622  0.60 104.96 ? 1   DG  B C8    1 
ATOM   558  C  C8    B DG  B 1 1  ? -3.968  15.152  -6.935  0.40 95.67  ? 1   DG  B C8    1 
ATOM   559  N  N7    A DG  B 1 1  ? -3.678  16.811  -6.194  0.60 102.78 ? 1   DG  B N7    1 
ATOM   560  N  N7    B DG  B 1 1  ? -3.376  13.994  -7.049  0.40 99.27  ? 1   DG  B N7    1 
ATOM   561  C  C5    A DG  B 1 1  ? -3.030  18.038  -6.201  0.60 97.34  ? 1   DG  B C5    1 
ATOM   562  C  C5    B DG  B 1 1  ? -4.417  13.088  -7.193  0.40 102.30 ? 1   DG  B C5    1 
ATOM   563  C  C6    A DG  B 1 1  ? -1.701  18.376  -5.833  0.60 97.26  ? 1   DG  B C6    1 
ATOM   564  C  C6    B DG  B 1 1  ? -4.396  11.680  -7.355  0.40 109.22 ? 1   DG  B C6    1 
ATOM   565  O  O6    A DG  B 1 1  ? -0.806  17.635  -5.409  0.60 103.85 ? 1   DG  B O6    1 
ATOM   566  O  O6    B DG  B 1 1  ? -3.418  10.924  -7.400  0.40 128.08 ? 1   DG  B O6    1 
ATOM   567  N  N1    A DG  B 1 1  ? -1.452  19.733  -6.007  0.60 98.22  ? 1   DG  B N1    1 
ATOM   568  N  N1    B DG  B 1 1  ? -5.681  11.158  -7.469  0.40 106.18 ? 1   DG  B N1    1 
ATOM   569  C  C2    A DG  B 1 1  ? -2.368  20.653  -6.461  0.60 105.03 ? 1   DG  B C2    1 
ATOM   570  C  C2    B DG  B 1 1  ? -6.838  11.897  -7.433  0.40 100.69 ? 1   DG  B C2    1 
ATOM   571  N  N2    A DG  B 1 1  ? -1.941  21.923  -6.541  0.60 99.11  ? 1   DG  B N2    1 
ATOM   572  N  N2    B DG  B 1 1  ? -7.985  11.211  -7.561  0.40 98.69  ? 1   DG  B N2    1 
ATOM   573  N  N3    A DG  B 1 1  ? -3.616  20.353  -6.796  0.60 106.44 ? 1   DG  B N3    1 
ATOM   574  N  N3    B DG  B 1 1  ? -6.871  13.209  -7.281  0.40 94.90  ? 1   DG  B N3    1 
ATOM   575  C  C4    A DG  B 1 1  ? -3.875  19.036  -6.644  0.60 99.41  ? 1   DG  B C4    1 
ATOM   576  C  C4    B DG  B 1 1  ? -5.634  13.734  -7.167  0.40 95.55  ? 1   DG  B C4    1 
ATOM   577  P  P     A DG  B 1 2  ? -9.152  17.333  -10.867 0.60 198.99 ? 2   DG  B P     1 
ATOM   578  P  P     B DG  B 1 2  ? -9.592  17.824  -10.158 0.40 136.37 ? 2   DG  B P     1 
ATOM   579  O  OP1   A DG  B 1 2  ? -10.027 17.858  -9.783  0.60 191.05 ? 2   DG  B OP1   1 
ATOM   580  O  OP1   B DG  B 1 2  ? -10.593 18.853  -9.764  0.40 128.39 ? 2   DG  B OP1   1 
ATOM   581  O  OP2   A DG  B 1 2  ? -9.220  15.886  -11.266 0.70 187.42 ? 2   DG  B OP2   1 
ATOM   582  O  OP2   B DG  B 1 2  ? -9.990  16.390  -10.132 0.30 132.72 ? 2   DG  B OP2   1 
ATOM   583  O  "O5'" A DG  B 1 2  ? -9.430  18.173  -12.200 0.60 180.09 ? 2   DG  B "O5'" 1 
ATOM   584  O  "O5'" B DG  B 1 2  ? -8.978  18.119  -11.606 0.40 136.29 ? 2   DG  B "O5'" 1 
ATOM   585  C  "C5'" A DG  B 1 2  ? -9.231  19.611  -12.295 0.70 170.55 ? 2   DG  B "C5'" 1 
ATOM   586  C  "C5'" B DG  B 1 2  ? -9.074  19.438  -12.210 0.30 140.72 ? 2   DG  B "C5'" 1 
ATOM   587  C  "C4'" A DG  B 1 2  ? -7.799  19.921  -12.694 0.60 165.97 ? 2   DG  B "C4'" 1 
ATOM   588  C  "C4'" B DG  B 1 2  ? -7.725  19.923  -12.696 0.40 145.51 ? 2   DG  B "C4'" 1 
ATOM   589  O  "O4'" A DG  B 1 2  ? -6.824  19.436  -11.724 0.60 153.65 ? 2   DG  B "O4'" 1 
ATOM   590  O  "O4'" B DG  B 1 2  ? -6.712  19.523  -11.743 0.40 139.81 ? 2   DG  B "O4'" 1 
ATOM   591  C  "C3'" A DG  B 1 2  ? -7.347  19.360  -14.051 0.60 165.89 ? 2   DG  B "C3'" 1 
ATOM   592  C  "C3'" B DG  B 1 2  ? -7.296  19.354  -14.052 0.40 150.79 ? 2   DG  B "C3'" 1 
ATOM   593  O  "O3'" A DG  B 1 2  ? -6.739  20.384  -14.855 0.60 169.01 ? 2   DG  B "O3'" 1 
ATOM   594  O  "O3'" B DG  B 1 2  ? -6.721  20.384  -14.862 0.40 159.56 ? 2   DG  B "O3'" 1 
ATOM   595  C  "C2'" A DG  B 1 2  ? -6.294  18.330  -13.681 0.60 158.10 ? 2   DG  B "C2'" 1 
ATOM   596  C  "C2'" B DG  B 1 2  ? -6.275  18.303  -13.672 0.40 145.91 ? 2   DG  B "C2'" 1 
ATOM   597  C  "C1'" A DG  B 1 2  ? -5.695  18.955  -12.441 0.60 144.14 ? 2   DG  B "C1'" 1 
ATOM   598  C  "C1'" B DG  B 1 2  ? -5.646  18.956  -12.462 0.40 135.69 ? 2   DG  B "C1'" 1 
ATOM   599  N  N9    . DG  B 1 2  ? -4.943  18.030  -11.590 1.00 125.03 ? 2   DG  B N9    1 
ATOM   600  C  C8    . DG  B 1 2  ? -5.214  16.697  -11.384 1.00 114.25 ? 2   DG  B C8    1 
ATOM   601  N  N7    . DG  B 1 2  ? -4.342  16.111  -10.612 1.00 100.81 ? 2   DG  B N7    1 
ATOM   602  C  C5    . DG  B 1 2  ? -3.425  17.108  -10.311 1.00 101.88 ? 2   DG  B C5    1 
ATOM   603  C  C6    . DG  B 1 2  ? -2.258  17.065  -9.514  1.00 103.64 ? 2   DG  B C6    1 
ATOM   604  O  O6    . DG  B 1 2  ? -1.796  16.108  -8.887  1.00 102.32 ? 2   DG  B O6    1 
ATOM   605  N  N1    . DG  B 1 2  ? -1.616  18.299  -9.476  1.00 107.09 ? 2   DG  B N1    1 
ATOM   606  C  C2    . DG  B 1 2  ? -2.050  19.433  -10.121 1.00 119.33 ? 2   DG  B C2    1 
ATOM   607  N  N2    . DG  B 1 2  ? -1.296  20.532  -9.961  1.00 133.49 ? 2   DG  B N2    1 
ATOM   608  N  N3    . DG  B 1 2  ? -3.139  19.485  -10.871 1.00 103.61 ? 2   DG  B N3    1 
ATOM   609  C  C4    . DG  B 1 2  ? -3.776  18.296  -10.917 1.00 105.48 ? 2   DG  B C4    1 
ATOM   610  P  P     . DA  B 1 3  ? -6.279  20.080  -16.370 1.00 166.80 ? 3   DA  B P     1 
ATOM   611  O  OP1   . DA  B 1 3  ? -7.084  20.947  -17.270 1.00 181.33 ? 3   DA  B OP1   1 
ATOM   612  O  OP2   . DA  B 1 3  ? -6.284  18.606  -16.581 1.00 151.23 ? 3   DA  B OP2   1 
ATOM   613  O  "O5'" . DA  B 1 3  ? -4.778  20.614  -16.403 1.00 161.13 ? 3   DA  B "O5'" 1 
ATOM   614  C  "C5'" . DA  B 1 3  ? -3.655  19.728  -16.303 1.00 143.78 ? 3   DA  B "C5'" 1 
ATOM   615  C  "C4'" . DA  B 1 3  ? -2.526  20.426  -15.583 1.00 143.95 ? 3   DA  B "C4'" 1 
ATOM   616  O  "O4'" . DA  B 1 3  ? -2.496  20.013  -14.195 1.00 139.24 ? 3   DA  B "O4'" 1 
ATOM   617  C  "C3'" . DA  B 1 3  ? -1.142  20.134  -16.165 1.00 146.51 ? 3   DA  B "C3'" 1 
ATOM   618  O  "O3'" . DA  B 1 3  ? -0.743  21.268  -16.949 1.00 154.35 ? 3   DA  B "O3'" 1 
ATOM   619  C  "C2'" . DA  B 1 3  ? -0.253  19.912  -14.951 1.00 138.62 ? 3   DA  B "C2'" 1 
ATOM   620  C  "C1'" . DA  B 1 3  ? -1.206  19.538  -13.826 1.00 129.23 ? 3   DA  B "C1'" 1 
ATOM   621  N  N9    . DA  B 1 3  ? -1.323  18.112  -13.503 1.00 111.90 ? 3   DA  B N9    1 
ATOM   622  C  C8    . DA  B 1 3  ? -2.409  17.295  -13.713 1.00 110.13 ? 3   DA  B C8    1 
ATOM   623  N  N7    . DA  B 1 3  ? -2.244  16.071  -13.270 1.00 100.82 ? 3   DA  B N7    1 
ATOM   624  C  C5    . DA  B 1 3  ? -0.973  16.090  -12.711 1.00 97.83  ? 3   DA  B C5    1 
ATOM   625  C  C6    . DA  B 1 3  ? -0.215  15.102  -12.063 1.00 101.34 ? 3   DA  B C6    1 
ATOM   626  N  N6    . DA  B 1 3  ? -0.643  13.852  -11.870 1.00 95.86  ? 3   DA  B N6    1 
ATOM   627  N  N1    . DA  B 1 3  ? 1.018   15.440  -11.622 1.00 105.79 ? 3   DA  B N1    1 
ATOM   628  C  C2    . DA  B 1 3  ? 1.446   16.695  -11.820 1.00 111.71 ? 3   DA  B C2    1 
ATOM   629  N  N3    . DA  B 1 3  ? 0.821   17.716  -12.408 1.00 119.05 ? 3   DA  B N3    1 
ATOM   630  C  C4    . DA  B 1 3  ? -0.398  17.342  -12.836 1.00 101.70 ? 3   DA  B C4    1 
ATOM   631  P  P     . DT  B 1 4  ? 0.255   21.092  -18.198 1.00 164.11 ? 4   DT  B P     1 
ATOM   632  O  OP1   . DT  B 1 4  ? 0.672   22.450  -18.653 1.00 122.74 ? 4   DT  B OP1   1 
ATOM   633  O  OP2   . DT  B 1 4  ? -0.375  20.147  -19.168 1.00 148.43 ? 4   DT  B OP2   1 
ATOM   634  O  "O5'" . DT  B 1 4  ? 1.510   20.370  -17.535 1.00 143.46 ? 4   DT  B "O5'" 1 
ATOM   635  C  "C5'" . DT  B 1 4  ? 2.386   21.089  -16.656 1.00 153.78 ? 4   DT  B "C5'" 1 
ATOM   636  C  "C4'" . DT  B 1 4  ? 3.550   20.206  -16.280 1.00 166.39 ? 4   DT  B "C4'" 1 
ATOM   637  O  "O4'" . DT  B 1 4  ? 3.070   19.058  -15.534 1.00 164.28 ? 4   DT  B "O4'" 1 
ATOM   638  C  "C3'" . DT  B 1 4  ? 4.311   19.640  -17.481 1.00 169.51 ? 4   DT  B "C3'" 1 
ATOM   639  O  "O3'" . DT  B 1 4  ? 5.719   19.706  -17.221 1.00 182.47 ? 4   DT  B "O3'" 1 
ATOM   640  C  "C2'" . DT  B 1 4  ? 3.795   18.216  -17.573 1.00 169.98 ? 4   DT  B "C2'" 1 
ATOM   641  C  "C1'" . DT  B 1 4  ? 3.627   17.883  -16.101 1.00 156.90 ? 4   DT  B "C1'" 1 
ATOM   642  N  N1    . DT  B 1 4  ? 2.723   16.750  -15.798 1.00 135.84 ? 4   DT  B N1    1 
ATOM   643  C  C2    . DT  B 1 4  ? 3.232   15.660  -15.124 1.00 119.07 ? 4   DT  B C2    1 
ATOM   644  O  O2    . DT  B 1 4  ? 4.397   15.576  -14.769 1.00 112.28 ? 4   DT  B O2    1 
ATOM   645  N  N3    . DT  B 1 4  ? 2.321   14.660  -14.883 1.00 99.27  ? 4   DT  B N3    1 
ATOM   646  C  C4    . DT  B 1 4  ? 0.993   14.638  -15.253 1.00 102.91 ? 4   DT  B C4    1 
ATOM   647  O  O4    . DT  B 1 4  ? 0.300   13.665  -14.980 1.00 125.88 ? 4   DT  B O4    1 
ATOM   648  C  C5    . DT  B 1 4  ? 0.527   15.810  -15.959 1.00 109.94 ? 4   DT  B C5    1 
ATOM   649  C  C7    . DT  B 1 4  ? -0.901  15.871  -16.403 1.00 107.80 ? 4   DT  B C7    1 
ATOM   650  C  C6    . DT  B 1 4  ? 1.405   16.792  -16.197 1.00 118.11 ? 4   DT  B C6    1 
ATOM   651  P  P     . DC  B 1 5  ? 6.779   19.580  -18.416 1.00 178.07 ? 5   DC  B P     1 
ATOM   652  O  OP1   . DC  B 1 5  ? 7.681   20.759  -18.353 1.00 161.42 ? 5   DC  B OP1   1 
ATOM   653  O  OP2   . DC  B 1 5  ? 6.023   19.308  -19.666 1.00 174.61 ? 5   DC  B OP2   1 
ATOM   654  O  "O5'" . DC  B 1 5  ? 7.608   18.277  -18.014 1.00 164.70 ? 5   DC  B "O5'" 1 
ATOM   655  C  "C5'" . DC  B 1 5  ? 6.914   17.044  -17.756 1.00 157.25 ? 5   DC  B "C5'" 1 
ATOM   656  C  "C4'" . DC  B 1 5  ? 7.831   15.959  -17.238 1.00 165.76 ? 5   DC  B "C4'" 1 
ATOM   657  O  "O4'" . DC  B 1 5  ? 7.109   15.133  -16.288 1.00 153.29 ? 5   DC  B "O4'" 1 
ATOM   658  C  "C3'" . DC  B 1 5  ? 8.365   15.021  -18.326 1.00 173.49 ? 5   DC  B "C3'" 1 
ATOM   659  O  "O3'" . DC  B 1 5  ? 9.793   15.122  -18.420 1.00 192.42 ? 5   DC  B "O3'" 1 
ATOM   660  C  "C2'" . DC  B 1 5  ? 7.948   13.624  -17.888 1.00 158.39 ? 5   DC  B "C2'" 1 
ATOM   661  C  "C1'" . DC  B 1 5  ? 6.905   13.819  -16.801 1.00 136.67 ? 5   DC  B "C1'" 1 
ATOM   662  N  N1    . DC  B 1 5  ? 5.486   13.691  -17.234 1.00 103.76 ? 5   DC  B N1    1 
ATOM   663  C  C2    . DC  B 1 5  ? 4.713   12.632  -16.731 1.00 97.85  ? 5   DC  B C2    1 
ATOM   664  O  O2    . DC  B 1 5  ? 5.235   11.829  -15.939 1.00 89.67  ? 5   DC  B O2    1 
ATOM   665  N  N3    . DC  B 1 5  ? 3.416   12.520  -17.109 1.00 80.63  ? 5   DC  B N3    1 
ATOM   666  C  C4    . DC  B 1 5  ? 2.891   13.408  -17.961 1.00 90.15  ? 5   DC  B C4    1 
ATOM   667  N  N4    . DC  B 1 5  ? 1.612   13.252  -18.325 1.00 81.96  ? 5   DC  B N4    1 
ATOM   668  C  C5    . DC  B 1 5  ? 3.657   14.491  -18.488 1.00 83.52  ? 5   DC  B C5    1 
ATOM   669  C  C6    . DC  B 1 5  ? 4.937   14.588  -18.110 1.00 82.80  ? 5   DC  B C6    1 
ATOM   670  P  P     . DA  B 1 6  ? 10.505  15.487  -19.816 1.00 186.09 ? 6   DA  B P     1 
ATOM   671  O  OP1   . DA  B 1 6  ? 10.691  16.963  -19.861 1.00 173.32 ? 6   DA  B OP1   1 
ATOM   672  O  OP2   . DA  B 1 6  ? 9.761   14.810  -20.915 1.00 155.69 ? 6   DA  B OP2   1 
ATOM   673  O  "O5'" . DA  B 1 6  ? 11.940  14.813  -19.647 1.00 179.30 ? 6   DA  B "O5'" 1 
ATOM   674  C  "C5'" . DA  B 1 6  ? 12.377  13.745  -20.508 1.00 185.61 ? 6   DA  B "C5'" 1 
ATOM   675  C  "C4'" . DA  B 1 6  ? 12.019  12.398  -19.920 1.00 176.50 ? 6   DA  B "C4'" 1 
ATOM   676  O  "O4'" . DA  B 1 6  ? 10.601  12.360  -19.599 1.00 161.66 ? 6   DA  B "O4'" 1 
ATOM   677  C  "C3'" . DA  B 1 6  ? 12.261  11.222  -20.876 1.00 163.55 ? 6   DA  B "C3'" 1 
ATOM   678  O  "O3'" . DA  B 1 6  ? 12.727  9.979   -20.307 1.00 158.43 ? 6   DA  B "O3'" 1 
ATOM   679  C  "C2'" . DA  B 1 6  ? 10.878  10.978  -21.446 1.00 154.03 ? 6   DA  B "C2'" 1 
ATOM   680  C  "C1'" . DA  B 1 6  ? 10.045  11.200  -20.199 1.00 148.10 ? 6   DA  B "C1'" 1 
ATOM   681  N  N9    . DA  B 1 6  ? 8.614   11.422  -20.419 1.00 130.63 ? 6   DA  B N9    1 
ATOM   682  C  C8    . DA  B 1 6  ? 8.002   12.170  -21.397 1.00 119.34 ? 6   DA  B C8    1 
ATOM   683  N  N7    . DA  B 1 6  ? 6.693   12.137  -21.345 1.00 108.74 ? 6   DA  B N7    1 
ATOM   684  C  C5    . DA  B 1 6  ? 6.423   11.299  -20.272 1.00 98.83  ? 6   DA  B C5    1 
ATOM   685  C  C6    . DA  B 1 6  ? 5.218   10.848  -19.706 1.00 95.88  ? 6   DA  B C6    1 
ATOM   686  N  N6    . DA  B 1 6  ? 4.013   11.203  -20.155 1.00 101.80 ? 6   DA  B N6    1 
ATOM   687  N  N1    . DA  B 1 6  ? 5.294   10.005  -18.651 1.00 87.78  ? 6   DA  B N1    1 
ATOM   688  C  C2    . DA  B 1 6  ? 6.508   9.655   -18.198 1.00 99.48  ? 6   DA  B C2    1 
ATOM   689  N  N3    . DA  B 1 6  ? 7.713   10.019  -18.643 1.00 89.60  ? 6   DA  B N3    1 
ATOM   690  C  C4    . DA  B 1 6  ? 7.598   10.842  -19.700 1.00 103.01 ? 6   DA  B C4    1 
ATOM   691  P  P     . DC  B 1 7  ? 13.132  9.861   -18.761 1.00 134.26 ? 7   DC  B P     1 
ATOM   692  O  OP1   . DC  B 1 7  ? 12.033  10.433  -17.946 1.00 149.20 ? 7   DC  B OP1   1 
ATOM   693  O  OP2   . DC  B 1 7  ? 14.518  10.358  -18.618 1.00 172.28 ? 7   DC  B OP2   1 
ATOM   694  O  "O5'" . DC  B 1 7  ? 13.122  8.293   -18.466 1.00 133.80 ? 7   DC  B "O5'" 1 
ATOM   695  C  "C5'" . DC  B 1 7  ? 13.952  7.702   -17.437 1.00 123.44 ? 7   DC  B "C5'" 1 
ATOM   696  C  "C4'" . DC  B 1 7  ? 13.567  8.175   -16.052 1.00 129.41 ? 7   DC  B "C4'" 1 
ATOM   697  O  "O4'" . DC  B 1 7  ? 13.581  9.619   -15.974 1.00 134.48 ? 7   DC  B "O4'" 1 
ATOM   698  C  "C3'" . DC  B 1 7  ? 12.184  7.736   -15.551 1.00 141.38 ? 7   DC  B "C3'" 1 
ATOM   699  O  "O3'" . DC  B 1 7  ? 12.294  6.939   -14.366 1.00 150.14 ? 7   DC  B "O3'" 1 
ATOM   700  C  "C2'" . DC  B 1 7  ? 11.465  9.037   -15.224 1.00 141.05 ? 7   DC  B "C2'" 1 
ATOM   701  C  "C1'" . DC  B 1 7  ? 12.607  10.012  -15.023 1.00 148.80 ? 7   DC  B "C1'" 1 
ATOM   702  N  N1    . DC  B 1 7  ? 12.283  11.437  -15.243 1.00 160.18 ? 7   DC  B N1    1 
ATOM   703  C  C2    . DC  B 1 7  ? 11.350  12.053  -14.397 1.00 163.80 ? 7   DC  B C2    1 
ATOM   704  O  O2    . DC  B 1 7  ? 10.809  11.379  -13.506 1.00 145.68 ? 7   DC  B O2    1 
ATOM   705  N  N3    . DC  B 1 7  ? 11.058  13.362  -14.577 1.00 170.93 ? 7   DC  B N3    1 
ATOM   706  C  C4    . DC  B 1 7  ? 11.665  14.055  -15.544 1.00 170.43 ? 7   DC  B C4    1 
ATOM   707  N  N4    . DC  B 1 7  ? 11.345  15.344  -15.686 1.00 171.96 ? 7   DC  B N4    1 
ATOM   708  C  C5    . DC  B 1 7  ? 12.625  13.457  -16.411 1.00 150.95 ? 7   DC  B C5    1 
ATOM   709  C  C6    . DC  B 1 7  ? 12.910  12.162  -16.220 1.00 151.25 ? 7   DC  B C6    1 
ATOM   710  P  P     . DC  B 1 8  ? 12.315  5.342   -14.479 1.00 175.42 ? 8   DC  B P     1 
ATOM   711  O  OP1   . DC  B 1 8  ? 12.300  4.776   -13.101 1.00 151.42 ? 8   DC  B OP1   1 
ATOM   712  O  OP2   . DC  B 1 8  ? 13.404  4.968   -15.422 1.00 169.43 ? 8   DC  B OP2   1 
ATOM   713  O  "O5'" . DC  B 1 8  ? 10.908  5.016   -15.153 1.00 175.72 ? 8   DC  B "O5'" 1 
ATOM   714  C  "C5'" . DC  B 1 8  ? 9.695   5.602   -14.632 1.00 160.21 ? 8   DC  B "C5'" 1 
ATOM   715  C  "C4'" . DC  B 1 8  ? 8.466   4.974   -15.251 1.00 140.92 ? 8   DC  B "C4'" 1 
ATOM   716  O  "O4'" . DC  B 1 8  ? 8.048   5.724   -16.418 1.00 137.28 ? 8   DC  B "O4'" 1 
ATOM   717  C  "C3'" . DC  B 1 8  ? 8.605   3.525   -15.716 1.00 115.78 ? 8   DC  B "C3'" 1 
ATOM   718  O  "O3'" . DC  B 1 8  ? 7.385   2.893   -15.339 1.00 118.88 ? 8   DC  B "O3'" 1 
ATOM   719  C  "C2'" . DC  B 1 8  ? 8.812   3.656   -17.217 1.00 101.31 ? 8   DC  B "C2'" 1 
ATOM   720  C  "C1'" . DC  B 1 8  ? 7.956   4.866   -17.549 1.00 105.18 ? 8   DC  B "C1'" 1 
ATOM   721  N  N1    . DC  B 1 8  ? 8.324   5.661   -18.735 1.00 86.02  ? 8   DC  B N1    1 
ATOM   722  C  C2    . DC  B 1 8  ? 7.302   6.142   -19.559 1.00 92.95  ? 8   DC  B C2    1 
ATOM   723  O  O2    . DC  B 1 8  ? 6.129   5.815   -19.315 1.00 102.49 ? 8   DC  B O2    1 
ATOM   724  N  N3    . DC  B 1 8  ? 7.616   6.929   -20.615 1.00 84.31  ? 8   DC  B N3    1 
ATOM   725  C  C4    . DC  B 1 8  ? 8.889   7.253   -20.847 1.00 83.95  ? 8   DC  B C4    1 
ATOM   726  N  N4    . DC  B 1 8  ? 9.153   8.026   -21.900 1.00 89.23  ? 8   DC  B N4    1 
ATOM   727  C  C5    . DC  B 1 8  ? 9.945   6.805   -20.005 1.00 78.40  ? 8   DC  B C5    1 
ATOM   728  C  C6    . DC  B 1 8  ? 9.620   6.026   -18.963 1.00 79.33  ? 8   DC  B C6    1 
ATOM   729  P  P     . DC  B 1 9  ? 7.225   1.310   -15.432 1.00 148.98 ? 9   DC  B P     1 
ATOM   730  O  OP1   . DC  B 1 9  ? 7.138   0.768   -14.047 1.00 133.56 ? 9   DC  B OP1   1 
ATOM   731  O  OP2   . DC  B 1 9  ? 8.217   0.789   -16.407 1.00 143.94 ? 9   DC  B OP2   1 
ATOM   732  O  "O5'" . DC  B 1 9  ? 5.791   1.125   -16.095 1.00 145.27 ? 9   DC  B "O5'" 1 
ATOM   733  C  "C5'" . DC  B 1 9  ? 4.637   1.783   -15.542 1.00 135.88 ? 9   DC  B "C5'" 1 
ATOM   734  C  "C4'" . DC  B 1 9  ? 3.679   2.128   -16.657 1.00 111.53 ? 9   DC  B "C4'" 1 
ATOM   735  O  "O4'" . DC  B 1 9  ? 4.365   2.921   -17.659 1.00 88.01  ? 9   DC  B "O4'" 1 
ATOM   736  C  "C3'" . DC  B 1 9  ? 3.121   0.903   -17.388 1.00 97.38  ? 9   DC  B "C3'" 1 
ATOM   737  O  "O3'" . DC  B 1 9  ? 1.692   0.986   -17.414 1.00 96.39  ? 9   DC  B "O3'" 1 
ATOM   738  C  "C2'" . DC  B 1 9  ? 3.739   1.001   -18.774 1.00 96.35  ? 9   DC  B "C2'" 1 
ATOM   739  C  "C1'" . DC  B 1 9  ? 3.929   2.495   -18.927 1.00 80.35  ? 9   DC  B "C1'" 1 
ATOM   740  N  N1    . DC  B 1 9  ? 4.922   2.927   -19.922 1.00 81.29  ? 9   DC  B N1    1 
ATOM   741  C  C2    . DC  B 1 9  ? 4.503   3.752   -20.965 1.00 92.83  ? 9   DC  B C2    1 
ATOM   742  O  O2    . DC  B 1 9  ? 3.316   4.094   -21.016 1.00 119.66 ? 9   DC  B O2    1 
ATOM   743  N  N3    . DC  B 1 9  ? 5.406   4.178   -21.880 1.00 91.53  ? 9   DC  B N3    1 
ATOM   744  C  C4    . DC  B 1 9  ? 6.678   3.784   -21.792 1.00 81.31  ? 9   DC  B C4    1 
ATOM   745  N  N4    . DC  B 1 9  ? 7.523   4.194   -22.738 1.00 77.13  ? 9   DC  B N4    1 
ATOM   746  C  C5    . DC  B 1 9  ? 7.129   2.919   -20.752 1.00 71.52  ? 9   DC  B C5    1 
ATOM   747  C  C6    . DC  B 1 9  ? 6.228   2.527   -19.840 1.00 85.69  ? 9   DC  B C6    1 
ATOM   748  P  P     . DG  B 1 10 ? 0.808   -0.335  -17.404 1.00 106.08 ? 10  DG  B P     1 
ATOM   749  O  OP1   . DG  B 1 10 ? -0.408  -0.079  -16.562 1.00 79.66  ? 10  DG  B OP1   1 
ATOM   750  O  OP2   . DG  B 1 10 ? 1.711   -1.482  -17.129 1.00 111.50 ? 10  DG  B OP2   1 
ATOM   751  O  "O5'" . DG  B 1 10 ? 0.434   -0.573  -18.932 1.00 82.92  ? 10  DG  B "O5'" 1 
ATOM   752  C  "C5'" . DG  B 1 10 ? -0.036  0.470   -19.777 1.00 82.41  ? 10  DG  B "C5'" 1 
ATOM   753  C  "C4'" . DG  B 1 10 ? 0.022   0.004   -21.211 1.00 91.45  ? 10  DG  B "C4'" 1 
ATOM   754  O  "O4'" . DG  B 1 10 ? 1.266   0.447   -21.823 1.00 91.29  ? 10  DG  B "O4'" 1 
ATOM   755  C  "C3'" . DG  B 1 10 ? -0.008  -1.517  -21.392 1.00 90.26  ? 10  DG  B "C3'" 1 
ATOM   756  O  "O3'" . DG  B 1 10 ? -0.519  -1.808  -22.696 1.00 108.37 ? 10  DG  B "O3'" 1 
ATOM   757  C  "C2'" . DG  B 1 10 ? 1.464   -1.856  -21.515 1.00 99.34  ? 10  DG  B "C2'" 1 
ATOM   758  C  "C1'" . DG  B 1 10 ? 1.935   -0.685  -22.357 1.00 93.95  ? 10  DG  B "C1'" 1 
ATOM   759  N  N9    . DG  B 1 10 ? 3.375   -0.420  -22.386 1.00 107.55 ? 10  DG  B N9    1 
ATOM   760  C  C8    . DG  B 1 10 ? 4.359   -1.019  -21.635 1.00 103.42 ? 10  DG  B C8    1 
ATOM   761  N  N7    . DG  B 1 10 ? 5.560   -0.598  -21.934 1.00 95.49  ? 10  DG  B N7    1 
ATOM   762  C  C5    . DG  B 1 10 ? 5.358   0.314   -22.961 1.00 82.50  ? 10  DG  B C5    1 
ATOM   763  C  C6    . DG  B 1 10 ? 6.286   1.092   -23.693 1.00 93.28  ? 10  DG  B C6    1 
ATOM   764  O  O6    . DG  B 1 10 ? 7.518   1.145   -23.568 1.00 103.30 ? 10  DG  B O6    1 
ATOM   765  N  N1    . DG  B 1 10 ? 5.653   1.890   -24.635 1.00 89.46  ? 10  DG  B N1    1 
ATOM   766  C  C2    . DG  B 1 10 ? 4.298   1.936   -24.848 1.00 82.47  ? 10  DG  B C2    1 
ATOM   767  N  N2    . DG  B 1 10 ? 3.878   2.754   -25.822 1.00 80.82  ? 10  DG  B N2    1 
ATOM   768  N  N3    . DG  B 1 10 ? 3.422   1.227   -24.166 1.00 91.91  ? 10  DG  B N3    1 
ATOM   769  C  C4    . DG  B 1 10 ? 4.018   0.436   -23.251 1.00 96.19  ? 10  DG  B C4    1 
ATOM   770  P  P     . DC  B 1 11 ? -1.874  -2.602  -22.907 1.00 95.58  ? 11  DC  B P     1 
ATOM   771  O  OP1   . DC  B 1 11 ? -2.996  -1.682  -22.642 1.00 92.17  ? 11  DC  B OP1   1 
ATOM   772  O  OP2   . DC  B 1 11 ? -1.746  -3.945  -22.248 1.00 86.00  ? 11  DC  B OP2   1 
ATOM   773  O  "O5'" . DC  B 1 11 ? -1.910  -2.784  -24.476 1.00 77.31  ? 11  DC  B "O5'" 1 
ATOM   774  C  "C5'" . DC  B 1 11 ? -2.468  -1.780  -25.303 1.00 86.75  ? 11  DC  B "C5'" 1 
ATOM   775  C  "C4'" . DC  B 1 11 ? -1.442  -1.414  -26.345 1.00 89.65  ? 11  DC  B "C4'" 1 
ATOM   776  O  "O4'" . DC  B 1 11 ? -0.169  -1.345  -25.700 1.00 88.14  ? 11  DC  B "O4'" 1 
ATOM   777  C  "C3'" . DC  B 1 11 ? -1.236  -2.396  -27.496 1.00 83.85  ? 11  DC  B "C3'" 1 
ATOM   778  O  "O3'" . DC  B 1 11 ? -1.907  -1.902  -28.662 1.00 105.26 ? 11  DC  B "O3'" 1 
ATOM   779  C  "C2'" . DC  B 1 11 ? 0.269   -2.375  -27.714 1.00 85.01  ? 11  DC  B "C2'" 1 
ATOM   780  C  "C1'" . DC  B 1 11 ? 0.772   -1.316  -26.739 1.00 80.27  ? 11  DC  B "C1'" 1 
ATOM   781  N  N1    . DC  B 1 11 ? 2.097   -1.593  -26.155 1.00 74.74  ? 11  DC  B N1    1 
ATOM   782  C  C2    . DC  B 1 11 ? 3.237   -1.208  -26.858 1.00 71.36  ? 11  DC  B C2    1 
ATOM   783  O  O2    . DC  B 1 11 ? 3.103   -0.601  -27.927 1.00 81.25  ? 11  DC  B O2    1 
ATOM   784  N  N3    . DC  B 1 11 ? 4.456   -1.508  -26.357 1.00 78.90  ? 11  DC  B N3    1 
ATOM   785  C  C4    . DC  B 1 11 ? 4.558   -2.152  -25.193 1.00 82.65  ? 11  DC  B C4    1 
ATOM   786  N  N4    . DC  B 1 11 ? 5.780   -2.406  -24.726 1.00 101.50 ? 11  DC  B N4    1 
ATOM   787  C  C5    . DC  B 1 11 ? 3.410   -2.551  -24.450 1.00 75.67  ? 11  DC  B C5    1 
ATOM   788  C  C6    . DC  B 1 11 ? 2.211   -2.269  -24.970 1.00 76.88  ? 11  DC  B C6    1 
ATOM   789  P  P     . DG  B 1 12 ? -2.609  -2.913  -29.703 1.00 125.03 ? 12  DG  B P     1 
ATOM   790  O  OP1   . DG  B 1 12 ? -3.423  -2.117  -30.658 1.00 136.59 ? 12  DG  B OP1   1 
ATOM   791  O  OP2   . DG  B 1 12 ? -3.255  -4.008  -28.928 1.00 101.39 ? 12  DG  B OP2   1 
ATOM   792  O  "O5'" . DG  B 1 12 ? -1.362  -3.468  -30.518 1.00 105.43 ? 12  DG  B "O5'" 1 
ATOM   793  C  "C5'" . DG  B 1 12 ? -0.585  -4.497  -29.920 1.00 97.01  ? 12  DG  B "C5'" 1 
ATOM   794  C  "C4'" . DG  B 1 12 ? 0.604   -4.833  -30.781 1.00 91.03  ? 12  DG  B "C4'" 1 
ATOM   795  O  "O4'" . DG  B 1 12 ? 1.744   -4.954  -29.918 1.00 92.67  ? 12  DG  B "O4'" 1 
ATOM   796  C  "C3'" . DG  B 1 12 ? 0.482   -6.201  -31.426 1.00 88.98  ? 12  DG  B "C3'" 1 
ATOM   797  O  "O3'" . DG  B 1 12 ? 1.377   -6.332  -32.522 1.00 93.88  ? 12  DG  B "O3'" 1 
ATOM   798  C  "C2'" . DG  B 1 12 ? 0.875   -7.131  -30.294 1.00 85.97  ? 12  DG  B "C2'" 1 
ATOM   799  C  "C1'" . DG  B 1 12 ? 1.834   -6.296  -29.452 1.00 82.61  ? 12  DG  B "C1'" 1 
ATOM   800  N  N9    . DG  B 1 12 ? 1.568   -6.283  -28.019 1.00 81.06  ? 12  DG  B N9    1 
ATOM   801  C  C8    . DG  B 1 12 ? 0.354   -6.321  -27.376 1.00 88.55  ? 12  DG  B C8    1 
ATOM   802  N  N7    . DG  B 1 12 ? 0.461   -6.255  -26.075 1.00 76.78  ? 12  DG  B N7    1 
ATOM   803  C  C5    . DG  B 1 12 ? 1.825   -6.144  -25.851 1.00 77.32  ? 12  DG  B C5    1 
ATOM   804  C  C6    . DG  B 1 12 ? 2.551   -6.051  -24.638 1.00 75.65  ? 12  DG  B C6    1 
ATOM   805  O  O6    . DG  B 1 12 ? 2.118   -6.025  -23.481 1.00 97.46  ? 12  DG  B O6    1 
ATOM   806  N  N1    . DG  B 1 12 ? 3.920   -5.977  -24.868 1.00 81.56  ? 12  DG  B N1    1 
ATOM   807  C  C2    . DG  B 1 12 ? 4.514   -5.964  -26.106 1.00 85.18  ? 12  DG  B C2    1 
ATOM   808  N  N2    . DG  B 1 12 ? 5.847   -5.851  -26.126 1.00 90.31  ? 12  DG  B N2    1 
ATOM   809  N  N3    . DG  B 1 12 ? 3.850   -6.050  -27.244 1.00 82.14  ? 12  DG  B N3    1 
ATOM   810  C  C4    . DG  B 1 12 ? 2.520   -6.149  -27.042 1.00 81.49  ? 12  DG  B C4    1 
ATOM   811  P  P     . DA  B 1 13 ? 1.014   -7.332  -33.708 1.00 107.28 ? 13  DA  B P     1 
ATOM   812  O  OP1   . DA  B 1 13 ? 0.155   -6.618  -34.693 1.00 86.87  ? 13  DA  B OP1   1 
ATOM   813  O  OP2   . DA  B 1 13 ? 0.583   -8.633  -33.111 1.00 97.11  ? 13  DA  B OP2   1 
ATOM   814  O  "O5'" . DA  B 1 13 ? 2.437   -7.642  -34.332 1.00 104.25 ? 13  DA  B "O5'" 1 
ATOM   815  C  "C5'" . DA  B 1 13 ? 3.070   -6.806  -35.297 1.00 98.23  ? 13  DA  B "C5'" 1 
ATOM   816  C  "C4'" . DA  B 1 13 ? 4.494   -7.293  -35.386 1.00 105.71 ? 13  DA  B "C4'" 1 
ATOM   817  O  "O4'" . DA  B 1 13 ? 4.961   -7.358  -34.026 1.00 104.43 ? 13  DA  B "O4'" 1 
ATOM   818  C  "C3'" . DA  B 1 13 ? 4.634   -8.724  -35.912 1.00 116.57 ? 13  DA  B "C3'" 1 
ATOM   819  O  "O3'" . DA  B 1 13 ? 5.041   -8.784  -37.285 1.00 139.31 ? 13  DA  B "O3'" 1 
ATOM   820  C  "C2'" . DA  B 1 13 ? 5.628   -9.378  -34.960 1.00 109.53 ? 13  DA  B "C2'" 1 
ATOM   821  C  "C1'" . DA  B 1 13 ? 6.004   -8.296  -33.969 1.00 92.03  ? 13  DA  B "C1'" 1 
ATOM   822  N  N9    . DA  B 1 13 ? 6.125   -8.741  -32.584 1.00 81.60  ? 13  DA  B N9    1 
ATOM   823  C  C8    . DA  B 1 13 ? 5.230   -8.604  -31.548 1.00 89.54  ? 13  DA  B C8    1 
ATOM   824  N  N7    . DA  B 1 13 ? 5.656   -9.108  -30.414 1.00 87.82  ? 13  DA  B N7    1 
ATOM   825  C  C5    . DA  B 1 13 ? 6.912   -9.613  -30.725 1.00 70.70  ? 13  DA  B C5    1 
ATOM   826  C  C6    . DA  B 1 13 ? 7.889   -10.260 -29.951 1.00 68.53  ? 13  DA  B C6    1 
ATOM   827  N  N6    . DA  B 1 13 ? 7.745   -10.536 -28.655 1.00 90.30  ? 13  DA  B N6    1 
ATOM   828  N  N1    . DA  B 1 13 ? 9.034   -10.622 -30.561 1.00 70.08  ? 13  DA  B N1    1 
ATOM   829  C  C2    . DA  B 1 13 ? 9.185   -10.339 -31.861 1.00 90.49  ? 13  DA  B C2    1 
ATOM   830  N  N3    . DA  B 1 13 ? 8.340   -9.732  -32.695 1.00 79.79  ? 13  DA  B N3    1 
ATOM   831  C  C4    . DA  B 1 13 ? 7.214   -9.385  -32.055 1.00 71.09  ? 13  DA  B C4    1 
ATOM   832  P  P     . DA  B 1 14 ? 4.695   -10.084 -38.174 1.00 148.87 ? 14  DA  B P     1 
ATOM   833  O  OP1   . DA  B 1 14 ? 4.933   -9.741  -39.599 1.00 161.53 ? 14  DA  B OP1   1 
ATOM   834  O  OP2   . DA  B 1 14 ? 3.362   -10.591 -37.757 1.00 137.81 ? 14  DA  B OP2   1 
ATOM   835  O  "O5'" . DA  B 1 14 ? 5.805   -11.130 -37.719 1.00 118.43 ? 14  DA  B "O5'" 1 
ATOM   836  C  "C5'" . DA  B 1 14 ? 7.207   -10.827 -37.831 1.00 113.65 ? 14  DA  B "C5'" 1 
ATOM   837  C  "C4'" . DA  B 1 14 ? 8.015   -11.987 -37.297 1.00 126.14 ? 14  DA  B "C4'" 1 
ATOM   838  O  "O4'" . DA  B 1 14 ? 7.937   -12.034 -35.848 1.00 122.49 ? 14  DA  B "O4'" 1 
ATOM   839  C  "C3'" . DA  B 1 14 ? 7.531   -13.349 -37.789 1.00 126.47 ? 14  DA  B "C3'" 1 
ATOM   840  O  "O3'" . DA  B 1 14 ? 8.619   -14.254 -37.968 1.00 148.38 ? 14  DA  B "O3'" 1 
ATOM   841  C  "C2'" . DA  B 1 14 ? 6.630   -13.825 -36.665 1.00 134.23 ? 14  DA  B "C2'" 1 
ATOM   842  C  "C1'" . DA  B 1 14 ? 7.248   -13.205 -35.420 1.00 116.25 ? 14  DA  B "C1'" 1 
ATOM   843  N  N9    . DA  B 1 14 ? 6.260   -12.813 -34.410 1.00 99.84  ? 14  DA  B N9    1 
ATOM   844  C  C8    . DA  B 1 14 ? 4.998   -12.302 -34.606 1.00 95.13  ? 14  DA  B C8    1 
ATOM   845  N  N7    . DA  B 1 14 ? 4.348   -12.062 -33.491 1.00 82.49  ? 14  DA  B N7    1 
ATOM   846  C  C5    . DA  B 1 14 ? 5.228   -12.472 -32.500 1.00 80.25  ? 14  DA  B C5    1 
ATOM   847  C  C6    . DA  B 1 14 ? 5.137   -12.467 -31.105 1.00 90.97  ? 14  DA  B C6    1 
ATOM   848  N  N6    . DA  B 1 14 ? 4.062   -12.045 -30.437 1.00 116.36 ? 14  DA  B N6    1 
ATOM   849  N  N1    . DA  B 1 14 ? 6.201   -12.920 -30.405 1.00 90.75  ? 14  DA  B N1    1 
ATOM   850  C  C2    . DA  B 1 14 ? 7.273   -13.354 -31.074 1.00 88.85  ? 14  DA  B C2    1 
ATOM   851  N  N3    . DA  B 1 14 ? 7.484   -13.390 -32.387 1.00 94.86  ? 14  DA  B N3    1 
ATOM   852  C  C4    . DA  B 1 14 ? 6.408   -12.937 -33.051 1.00 89.55  ? 14  DA  B C4    1 
ATOM   853  P  P     . DG  B 1 15 ? 8.359   -15.671 -38.635 1.00 142.42 ? 15  DG  B P     1 
ATOM   854  O  OP1   . DG  B 1 15 ? 8.937   -15.643 -40.004 1.00 163.98 ? 15  DG  B OP1   1 
ATOM   855  O  OP2   . DG  B 1 15 ? 6.924   -16.011 -38.436 1.00 130.84 ? 15  DG  B OP2   1 
ATOM   856  O  "O5'" . DG  B 1 15 ? 9.267   -16.649 -37.768 1.00 129.61 ? 15  DG  B "O5'" 1 
ATOM   857  C  "C5'" . DG  B 1 15 ? 8.766   -17.930 -37.356 1.00 138.23 ? 15  DG  B "C5'" 1 
ATOM   858  C  "C4'" . DG  B 1 15 ? 8.559   -17.953 -35.859 1.00 127.69 ? 15  DG  B "C4'" 1 
ATOM   859  O  "O4'" . DG  B 1 15 ? 7.544   -17.003 -35.468 1.00 120.23 ? 15  DG  B "O4'" 1 
ATOM   860  C  "C3'" . DG  B 1 15 ? 8.111   -19.306 -35.295 1.00 116.85 ? 15  DG  B "C3'" 1 
ATOM   861  O  "O3'" . DG  B 1 15 ? 9.257   -19.899 -34.669 1.00 122.75 ? 15  DG  B "O3'" 1 
ATOM   862  C  "C2'" . DG  B 1 15 ? 6.968   -18.960 -34.344 1.00 119.20 ? 15  DG  B "C2'" 1 
ATOM   863  C  "C1'" . DG  B 1 15 ? 7.022   -17.439 -34.229 1.00 108.96 ? 15  DG  B "C1'" 1 
ATOM   864  N  N9    . DG  B 1 15 ? 5.753   -16.747 -34.004 1.00 92.79  ? 15  DG  B N9    1 
ATOM   865  C  C8    . DG  B 1 15 ? 4.897   -16.258 -34.962 1.00 100.31 ? 15  DG  B C8    1 
ATOM   866  N  N7    . DG  B 1 15 ? 3.846   -15.665 -34.458 1.00 89.16  ? 15  DG  B N7    1 
ATOM   867  C  C5    . DG  B 1 15 ? 4.022   -15.761 -33.085 1.00 94.78  ? 15  DG  B C5    1 
ATOM   868  C  C6    . DG  B 1 15 ? 3.218   -15.276 -32.020 1.00 96.46  ? 15  DG  B C6    1 
ATOM   869  O  O6    . DG  B 1 15 ? 2.139   -14.660 -32.082 1.00 95.02  ? 15  DG  B O6    1 
ATOM   870  N  N1    . DG  B 1 15 ? 3.786   -15.563 -30.781 1.00 83.31  ? 15  DG  B N1    1 
ATOM   871  C  C2    . DG  B 1 15 ? 4.966   -16.237 -30.590 1.00 83.22  ? 15  DG  B C2    1 
ATOM   872  N  N2    . DG  B 1 15 ? 5.332   -16.436 -29.320 1.00 84.01  ? 15  DG  B N2    1 
ATOM   873  N  N3    . DG  B 1 15 ? 5.728   -16.690 -31.573 1.00 91.45  ? 15  DG  B N3    1 
ATOM   874  C  C4    . DG  B 1 15 ? 5.200   -16.416 -32.786 1.00 101.40 ? 15  DG  B C4    1 
ATOM   875  P  P     . DC  B 1 16 ? 9.329   -21.482 -34.402 1.00 135.69 ? 16  DC  B P     1 
ATOM   876  O  OP1   . DC  B 1 16 ? 10.727  -21.840 -34.015 1.00 111.76 ? 16  DC  B OP1   1 
ATOM   877  O  OP2   . DC  B 1 16 ? 8.616   -22.185 -35.504 1.00 124.65 ? 16  DC  B OP2   1 
ATOM   878  O  "O5'" . DC  B 1 16 ? 8.448   -21.666 -33.097 1.00 122.17 ? 16  DC  B "O5'" 1 
ATOM   879  C  "C5'" . DC  B 1 16 ? 8.967   -21.324 -31.806 1.00 104.87 ? 16  DC  B "C5'" 1 
ATOM   880  C  "C4'" . DC  B 1 16 ? 7.832   -21.439 -30.824 1.00 97.22  ? 16  DC  B "C4'" 1 
ATOM   881  O  "O4'" . DC  B 1 16 ? 6.811   -20.479 -31.189 1.00 99.55  ? 16  DC  B "O4'" 1 
ATOM   882  C  "C3'" . DC  B 1 16 ? 7.133   -22.805 -30.845 1.00 95.21  ? 16  DC  B "C3'" 1 
ATOM   883  O  "O3'" . DC  B 1 16 ? 7.178   -23.433 -29.570 1.00 114.45 ? 16  DC  B "O3'" 1 
ATOM   884  C  "C2'" . DC  B 1 16 ? 5.687   -22.478 -31.184 1.00 94.36  ? 16  DC  B "C2'" 1 
ATOM   885  C  "C1'" . DC  B 1 16 ? 5.598   -21.034 -30.745 1.00 89.27  ? 16  DC  B "C1'" 1 
ATOM   886  N  N1    . DC  B 1 16 ? 4.493   -20.243 -31.302 1.00 82.46  ? 16  DC  B N1    1 
ATOM   887  C  C2    . DC  B 1 16 ? 3.695   -19.492 -30.429 1.00 98.62  ? 16  DC  B C2    1 
ATOM   888  O  O2    . DC  B 1 16 ? 3.962   -19.493 -29.215 1.00 88.48  ? 16  DC  B O2    1 
ATOM   889  N  N3    . DC  B 1 16 ? 2.656   -18.782 -30.932 1.00 98.85  ? 16  DC  B N3    1 
ATOM   890  C  C4    . DC  B 1 16 ? 2.408   -18.803 -32.245 1.00 89.50  ? 16  DC  B C4    1 
ATOM   891  N  N4    . DC  B 1 16 ? 1.374   -18.092 -32.698 1.00 92.97  ? 16  DC  B N4    1 
ATOM   892  C  C5    . DC  B 1 16 ? 3.202   -19.559 -33.149 1.00 77.88  ? 16  DC  B C5    1 
ATOM   893  C  C6    . DC  B 1 16 ? 4.223   -20.261 -32.639 1.00 80.46  ? 16  DC  B C6    1 
ATOM   894  P  P     . DG  B 1 17 ? 8.094   -24.705 -29.361 1.00 125.83 ? 17  DG  B P     1 
ATOM   895  O  OP1   . DG  B 1 17 ? 9.514   -24.261 -29.410 1.00 111.17 ? 17  DG  B OP1   1 
ATOM   896  O  OP2   . DG  B 1 17 ? 7.614   -25.745 -30.304 1.00 138.04 ? 17  DG  B OP2   1 
ATOM   897  O  "O5'" . DG  B 1 17 ? 7.754   -25.154 -27.867 1.00 119.04 ? 17  DG  B "O5'" 1 
ATOM   898  C  "C5'" . DG  B 1 17 ? 8.081   -24.328 -26.724 1.00 101.59 ? 17  DG  B "C5'" 1 
ATOM   899  C  "C4'" . DG  B 1 17 ? 6.892   -24.209 -25.797 1.00 94.66  ? 17  DG  B "C4'" 1 
ATOM   900  O  "O4'" . DG  B 1 17 ? 5.927   -23.334 -26.407 1.00 98.93  ? 17  DG  B "O4'" 1 
ATOM   901  C  "C3'" . DG  B 1 17 ? 6.159   -25.520 -25.500 1.00 95.36  ? 17  DG  B "C3'" 1 
ATOM   902  O  "O3'" . DG  B 1 17 ? 6.469   -26.071 -24.206 1.00 110.68 ? 17  DG  B "O3'" 1 
ATOM   903  C  "C2'" . DG  B 1 17 ? 4.693   -25.230 -25.799 1.00 101.98 ? 17  DG  B "C2'" 1 
ATOM   904  C  "C1'" . DG  B 1 17 ? 4.607   -23.748 -26.108 1.00 99.40  ? 17  DG  B "C1'" 1 
ATOM   905  N  N9    . DG  B 1 17 ? 3.785   -23.428 -27.272 1.00 100.14 ? 17  DG  B N9    1 
ATOM   906  C  C8    . DG  B 1 17 ? 3.992   -23.885 -28.550 1.00 99.79  ? 17  DG  B C8    1 
ATOM   907  N  N7    . DG  B 1 17 ? 3.131   -23.410 -29.408 1.00 99.84  ? 17  DG  B N7    1 
ATOM   908  C  C5    . DG  B 1 17 ? 2.324   -22.568 -28.659 1.00 78.98  ? 17  DG  B C5    1 
ATOM   909  C  C6    . DG  B 1 17 ? 1.228   -21.762 -29.053 1.00 74.61  ? 17  DG  B C6    1 
ATOM   910  O  O6    . DG  B 1 17 ? 0.730   -21.638 -30.173 1.00 78.74  ? 17  DG  B O6    1 
ATOM   911  N  N1    . DG  B 1 17 ? 0.671   -21.090 -27.973 1.00 77.19  ? 17  DG  B N1    1 
ATOM   912  C  C2    . DG  B 1 17 ? 1.134   -21.151 -26.684 1.00 94.92  ? 17  DG  B C2    1 
ATOM   913  N  N2    . DG  B 1 17 ? 0.475   -20.401 -25.788 1.00 94.42  ? 17  DG  B N2    1 
ATOM   914  N  N3    . DG  B 1 17 ? 2.179   -21.878 -26.304 1.00 90.93  ? 17  DG  B N3    1 
ATOM   915  C  C4    . DG  B 1 17 ? 2.718   -22.560 -27.338 1.00 90.43  ? 17  DG  B C4    1 
HETATM 916  P  P     . OMG B 1 18 ? 5.880   -25.438 -22.844 1.00 115.39 ? 18  OMG B P     1 
HETATM 917  O  OP1   . OMG B 1 18 ? 6.471   -24.081 -22.683 1.00 99.46  ? 18  OMG B OP1   1 
HETATM 918  O  OP2   . OMG B 1 18 ? 6.093   -26.427 -21.748 1.00 104.10 ? 18  OMG B OP2   1 
HETATM 919  O  "O5'" . OMG B 1 18 ? 4.309   -25.422 -23.125 1.00 82.89  ? 18  OMG B "O5'" 1 
HETATM 920  C  "C5'" . OMG B 1 18 ? 3.388   -25.367 -22.026 1.00 96.85  ? 18  OMG B "C5'" 1 
HETATM 921  C  "C4'" . OMG B 1 18 ? 1.962   -25.488 -22.500 1.00 94.34  ? 18  OMG B "C4'" 1 
HETATM 922  O  "O4'" . OMG B 1 18 ? 1.855   -25.092 -23.882 1.00 88.94  ? 18  OMG B "O4'" 1 
HETATM 923  C  "C3'" . OMG B 1 18 ? 1.402   -26.910 -22.477 1.00 115.59 ? 18  OMG B "C3'" 1 
HETATM 924  O  "O3'" . OMG B 1 18 ? 0.829   -27.389 -21.247 1.00 111.12 ? 18  OMG B "O3'" 1 
HETATM 925  C  "C2'" . OMG B 1 18 ? 0.511   -27.001 -23.732 1.00 118.34 ? 18  OMG B "C2'" 1 
HETATM 926  O  "O2'" . OMG B 1 18 ? -0.835  -27.348 -23.467 1.00 137.86 ? 18  OMG B "O2'" 1 
HETATM 927  C  CM2   . OMG B 1 18 ? -1.074  -28.699 -23.108 1.00 146.47 ? 18  OMG B CM2   1 
HETATM 928  C  "C1'" . OMG B 1 18 ? 0.648   -25.609 -24.367 1.00 104.16 ? 18  OMG B "C1'" 1 
HETATM 929  N  N9    . OMG B 1 18 ? 0.688   -25.641 -25.825 1.00 94.56  ? 18  OMG B N9    1 
HETATM 930  C  C8    . OMG B 1 18 ? 1.431   -26.489 -26.609 1.00 106.28 ? 18  OMG B C8    1 
HETATM 931  N  N7    . OMG B 1 18 ? 1.232   -26.309 -27.886 1.00 114.99 ? 18  OMG B N7    1 
HETATM 932  C  C5    . OMG B 1 18 ? 0.286   -25.297 -27.949 1.00 90.67  ? 18  OMG B C5    1 
HETATM 933  C  C6    . OMG B 1 18 ? -0.321  -24.677 -29.070 1.00 102.57 ? 18  OMG B C6    1 
HETATM 934  O  O6    . OMG B 1 18 ? -0.146  -24.915 -30.271 1.00 116.62 ? 18  OMG B O6    1 
HETATM 935  N  N1    . OMG B 1 18 ? -1.225  -23.693 -28.683 1.00 98.76  ? 18  OMG B N1    1 
HETATM 936  C  C2    . OMG B 1 18 ? -1.495  -23.339 -27.387 1.00 93.15  ? 18  OMG B C2    1 
HETATM 937  N  N2    . OMG B 1 18 ? -2.397  -22.363 -27.220 1.00 100.64 ? 18  OMG B N2    1 
HETATM 938  N  N3    . OMG B 1 18 ? -0.932  -23.905 -26.333 1.00 86.84  ? 18  OMG B N3    1 
HETATM 939  C  C4    . OMG B 1 18 ? -0.071  -24.882 -26.685 1.00 87.39  ? 18  OMG B C4    1 
ATOM   940  P  P     . A   B 1 19 ? -0.168  -26.516 -20.356 1.00 115.78 ? 19  A   B P     1 
ATOM   941  O  OP1   . A   B 1 19 ? -0.470  -27.308 -19.146 1.00 121.04 ? 19  A   B OP1   1 
ATOM   942  O  OP2   . A   B 1 19 ? -1.286  -26.032 -21.217 1.00 113.10 ? 19  A   B OP2   1 
ATOM   943  O  "O5'" . A   B 1 19 ? 0.720   -25.272 -19.905 1.00 98.06  ? 19  A   B "O5'" 1 
ATOM   944  C  "C5'" . A   B 1 19 ? 1.002   -25.015 -18.517 1.00 107.45 ? 19  A   B "C5'" 1 
ATOM   945  C  "C4'" . A   B 1 19 ? 1.296   -23.547 -18.305 1.00 111.90 ? 19  A   B "C4'" 1 
ATOM   946  O  "O4'" . A   B 1 19 ? 2.446   -23.145 -19.093 1.00 110.88 ? 19  A   B "O4'" 1 
ATOM   947  C  "C3'" . A   B 1 19 ? 0.212   -22.582 -18.765 1.00 121.26 ? 19  A   B "C3'" 1 
ATOM   948  O  "O3'" . A   B 1 19 ? -0.816  -22.441 -17.801 1.00 146.87 ? 19  A   B "O3'" 1 
ATOM   949  C  "C2'" . A   B 1 19 ? 0.982   -21.277 -18.883 1.00 114.29 ? 19  A   B "C2'" 1 
ATOM   950  O  "O2'" . A   B 1 19 ? 1.116   -20.595 -17.652 1.00 125.02 ? 19  A   B "O2'" 1 
ATOM   951  C  "C1'" . A   B 1 19 ? 2.337   -21.765 -19.400 1.00 108.25 ? 19  A   B "C1'" 1 
ATOM   952  N  N9    . A   B 1 19 ? 2.500   -21.578 -20.843 1.00 95.02  ? 19  A   B N9    1 
ATOM   953  C  C8    . A   B 1 19 ? 1.542   -21.609 -21.827 1.00 92.63  ? 19  A   B C8    1 
ATOM   954  N  N7    . A   B 1 19 ? 2.009   -21.355 -23.026 1.00 88.27  ? 19  A   B N7    1 
ATOM   955  C  C5    . A   B 1 19 ? 3.360   -21.119 -22.815 1.00 94.23  ? 19  A   B C5    1 
ATOM   956  C  C6    . A   B 1 19 ? 4.415   -20.799 -23.690 1.00 98.23  ? 19  A   B C6    1 
ATOM   957  N  N6    . A   B 1 19 ? 4.267   -20.653 -25.009 1.00 98.76  ? 19  A   B N6    1 
ATOM   958  N  N1    . A   B 1 19 ? 5.646   -20.643 -23.158 1.00 89.43  ? 19  A   B N1    1 
ATOM   959  C  C2    . A   B 1 19 ? 5.798   -20.793 -21.837 1.00 99.52  ? 19  A   B C2    1 
ATOM   960  N  N3    . A   B 1 19 ? 4.884   -21.082 -20.912 1.00 100.45 ? 19  A   B N3    1 
ATOM   961  C  C4    . A   B 1 19 ? 3.674   -21.244 -21.474 1.00 91.85  ? 19  A   B C4    1 
ATOM   962  P  P     . A   B 1 20 ? -2.229  -23.144 -18.021 1.00 147.46 ? 20  A   B P     1 
ATOM   963  O  OP1   . A   B 1 20 ? -2.171  -24.483 -17.366 1.00 129.04 ? 20  A   B OP1   1 
ATOM   964  O  OP2   . A   B 1 20 ? -2.576  -23.047 -19.466 1.00 128.51 ? 20  A   B OP2   1 
ATOM   965  O  "O5'" . A   B 1 20 ? -3.207  -22.189 -17.201 1.00 127.73 ? 20  A   B "O5'" 1 
ATOM   966  C  "C5'" . A   B 1 20 ? -2.689  -21.192 -16.296 1.00 108.37 ? 20  A   B "C5'" 1 
ATOM   967  C  "C4'" . A   B 1 20 ? -3.799  -20.697 -15.400 1.00 107.83 ? 20  A   B "C4'" 1 
ATOM   968  O  "O4'" . A   B 1 20 ? -3.236  -19.950 -14.283 1.00 108.88 ? 20  A   B "O4'" 1 
ATOM   969  C  "C3'" . A   B 1 20 ? -4.810  -19.770 -16.077 1.00 105.99 ? 20  A   B "C3'" 1 
ATOM   970  O  "O3'" . A   B 1 20 ? -6.141  -20.215 -15.802 1.00 101.46 ? 20  A   B "O3'" 1 
ATOM   971  C  "C2'" . A   B 1 20 ? -4.417  -18.383 -15.561 1.00 99.50  ? 20  A   B "C2'" 1 
ATOM   972  O  "O2'" . A   B 1 20 ? -5.467  -17.429 -15.620 1.00 82.01  ? 20  A   B "O2'" 1 
ATOM   973  C  "C1'" . A   B 1 20 ? -3.904  -18.715 -14.157 1.00 96.99  ? 20  A   B "C1'" 1 
ATOM   974  N  N9    . A   B 1 20 ? -2.964  -17.730 -13.621 1.00 94.10  ? 20  A   B N9    1 
ATOM   975  C  C8    . A   B 1 20 ? -1.765  -17.313 -14.148 1.00 99.64  ? 20  A   B C8    1 
ATOM   976  N  N7    . A   B 1 20 ? -1.162  -16.393 -13.435 1.00 84.25  ? 20  A   B N7    1 
ATOM   977  C  C5    . A   B 1 20 ? -2.021  -16.190 -12.363 1.00 94.98  ? 20  A   B C5    1 
ATOM   978  C  C6    . A   B 1 20 ? -1.955  -15.341 -11.246 1.00 81.45  ? 20  A   B C6    1 
ATOM   979  N  N6    . A   B 1 20 ? -0.959  -14.486 -11.025 1.00 89.24  ? 20  A   B N6    1 
ATOM   980  N  N1    . A   B 1 20 ? -2.975  -15.384 -10.363 1.00 79.74  ? 20  A   B N1    1 
ATOM   981  C  C2    . A   B 1 20 ? -3.986  -16.229 -10.593 1.00 88.01  ? 20  A   B C2    1 
ATOM   982  N  N3    . A   B 1 20 ? -4.153  -17.091 -11.594 1.00 89.83  ? 20  A   B N3    1 
ATOM   983  C  C4    . A   B 1 20 ? -3.129  -17.013 -12.461 1.00 93.19  ? 20  A   B C4    1 
ATOM   984  P  P     . DG  B 1 21 ? -6.883  -21.186 -16.858 1.00 99.96  ? 21  DG  B P     1 
ATOM   985  O  OP1   . DG  B 1 21 ? -8.331  -21.231 -16.503 1.00 84.59  ? 21  DG  B OP1   1 
ATOM   986  O  OP2   . DG  B 1 21 ? -6.114  -22.463 -16.946 1.00 80.66  ? 21  DG  B OP2   1 
ATOM   987  O  "O5'" . DG  B 1 21 ? -6.727  -20.360 -18.212 1.00 84.72  ? 21  DG  B "O5'" 1 
ATOM   988  C  "C5'" . DG  B 1 21 ? -7.317  -19.053 -18.296 1.00 88.32  ? 21  DG  B "C5'" 1 
ATOM   989  C  "C4'" . DG  B 1 21 ? -7.215  -18.482 -19.689 1.00 81.75  ? 21  DG  B "C4'" 1 
ATOM   990  O  "O4'" . DG  B 1 21 ? -5.913  -18.728 -20.282 1.00 77.86  ? 21  DG  B "O4'" 1 
ATOM   991  C  "C3'" . DG  B 1 21 ? -8.231  -19.048 -20.668 1.00 78.39  ? 21  DG  B "C3'" 1 
ATOM   992  O  "O3'" . DG  B 1 21 ? -9.423  -18.291 -20.482 1.00 89.07  ? 21  DG  B "O3'" 1 
ATOM   993  C  "C2'" . DG  B 1 21 ? -7.538  -18.830 -21.999 1.00 86.60  ? 21  DG  B "C2'" 1 
ATOM   994  C  "C1'" . DG  B 1 21 ? -6.069  -19.071 -21.659 1.00 78.01  ? 21  DG  B "C1'" 1 
ATOM   995  N  N9    . DG  B 1 21 ? -5.645  -20.457 -21.812 1.00 92.54  ? 21  DG  B N9    1 
ATOM   996  C  C8    . DG  B 1 21 ? -5.278  -21.317 -20.804 1.00 115.29 ? 21  DG  B C8    1 
ATOM   997  N  N7    . DG  B 1 21 ? -4.941  -22.501 -21.238 1.00 117.23 ? 21  DG  B N7    1 
ATOM   998  C  C5    . DG  B 1 21 ? -5.078  -22.413 -22.615 1.00 107.40 ? 21  DG  B C5    1 
ATOM   999  C  C6    . DG  B 1 21 ? -4.837  -23.378 -23.621 1.00 99.08  ? 21  DG  B C6    1 
ATOM   1000 O  O6    . DG  B 1 21 ? -4.444  -24.544 -23.493 1.00 99.93  ? 21  DG  B O6    1 
ATOM   1001 N  N1    . DG  B 1 21 ? -5.111  -22.874 -24.888 1.00 83.38  ? 21  DG  B N1    1 
ATOM   1002 C  C2    . DG  B 1 21 ? -5.555  -21.604 -25.152 1.00 87.57  ? 21  DG  B C2    1 
ATOM   1003 N  N2    . DG  B 1 21 ? -5.760  -21.303 -26.442 1.00 100.06 ? 21  DG  B N2    1 
ATOM   1004 N  N3    . DG  B 1 21 ? -5.775  -20.691 -24.223 1.00 101.76 ? 21  DG  B N3    1 
ATOM   1005 C  C4    . DG  B 1 21 ? -5.518  -21.161 -22.985 1.00 101.73 ? 21  DG  B C4    1 
ATOM   1006 P  P     . DG  B 1 22 ? -10.853 -18.862 -20.923 1.00 109.10 ? 22  DG  B P     1 
ATOM   1007 O  OP1   . DG  B 1 22 ? -11.811 -17.734 -20.897 1.00 120.94 ? 22  DG  B OP1   1 
ATOM   1008 O  OP2   . DG  B 1 22 ? -11.149 -20.076 -20.117 1.00 94.30  ? 22  DG  B OP2   1 
ATOM   1009 O  "O5'" . DG  B 1 22 ? -10.604 -19.260 -22.443 1.00 104.51 ? 22  DG  B "O5'" 1 
ATOM   1010 C  "C5'" . DG  B 1 22 ? -10.590 -18.262 -23.472 1.00 109.46 ? 22  DG  B "C5'" 1 
ATOM   1011 C  "C4'" . DG  B 1 22 ? -10.775 -18.925 -24.816 1.00 113.60 ? 22  DG  B "C4'" 1 
ATOM   1012 O  "O4'" . DG  B 1 22 ? -9.564  -19.640 -25.150 1.00 111.28 ? 22  DG  B "O4'" 1 
ATOM   1013 C  "C3'" . DG  B 1 22 ? -11.889 -19.968 -24.871 1.00 111.97 ? 22  DG  B "C3'" 1 
ATOM   1014 O  "O3'" . DG  B 1 22 ? -13.145 -19.393 -25.242 1.00 117.45 ? 22  DG  B "O3'" 1 
ATOM   1015 C  "C2'" . DG  B 1 22 ? -11.400 -20.922 -25.941 1.00 115.34 ? 22  DG  B "C2'" 1 
ATOM   1016 C  "C1'" . DG  B 1 22 ? -9.885  -20.863 -25.811 1.00 113.56 ? 22  DG  B "C1'" 1 
ATOM   1017 N  N9    . DG  B 1 22 ? -9.278  -21.961 -25.064 1.00 101.78 ? 22  DG  B N9    1 
ATOM   1018 C  C8    . DG  B 1 22 ? -8.931  -21.978 -23.735 1.00 105.63 ? 22  DG  B C8    1 
ATOM   1019 N  N7    . DG  B 1 22 ? -8.359  -23.092 -23.370 1.00 111.24 ? 22  DG  B N7    1 
ATOM   1020 C  C5    . DG  B 1 22 ? -8.336  -23.861 -24.524 1.00 102.22 ? 22  DG  B C5    1 
ATOM   1021 C  C6    . DG  B 1 22 ? -7.847  -25.181 -24.746 1.00 108.46 ? 22  DG  B C6    1 
ATOM   1022 O  O6    . DG  B 1 22 ? -7.328  -25.959 -23.936 1.00 99.12  ? 22  DG  B O6    1 
ATOM   1023 N  N1    . DG  B 1 22 ? -8.019  -25.574 -26.069 1.00 104.26 ? 22  DG  B N1    1 
ATOM   1024 C  C2    . DG  B 1 22 ? -8.598  -24.806 -27.053 1.00 115.72 ? 22  DG  B C2    1 
ATOM   1025 N  N2    . DG  B 1 22 ? -8.678  -25.364 -28.269 1.00 112.46 ? 22  DG  B N2    1 
ATOM   1026 N  N3    . DG  B 1 22 ? -9.056  -23.576 -26.859 1.00 105.21 ? 22  DG  B N3    1 
ATOM   1027 C  C4    . DG  B 1 22 ? -8.895  -23.173 -25.580 1.00 98.78  ? 22  DG  B C4    1 
ATOM   1028 P  P     . DA  B 1 23 ? -14.506 -20.255 -25.119 1.00 136.92 ? 23  DA  B P     1 
ATOM   1029 O  OP1   . DA  B 1 23 ? -15.627 -19.429 -25.657 1.00 126.65 ? 23  DA  B OP1   1 
ATOM   1030 O  OP2   . DA  B 1 23 ? -14.597 -20.812 -23.741 1.00 112.44 ? 23  DA  B OP2   1 
ATOM   1031 O  "O5'" . DA  B 1 23 ? -14.245 -21.486 -26.097 1.00 126.96 ? 23  DA  B "O5'" 1 
ATOM   1032 C  "C5'" . DA  B 1 23 ? -14.324 -21.340 -27.527 1.00 119.77 ? 23  DA  B "C5'" 1 
ATOM   1033 C  "C4'" . DA  B 1 23 ? -14.390 -22.707 -28.165 1.00 114.95 ? 23  DA  B "C4'" 1 
ATOM   1034 O  "O4'" . DA  B 1 23 ? -13.217 -23.457 -27.791 1.00 104.73 ? 23  DA  B "O4'" 1 
ATOM   1035 C  "C3'" . DA  B 1 23 ? -15.602 -23.526 -27.724 1.00 113.18 ? 23  DA  B "C3'" 1 
ATOM   1036 O  "O3'" . DA  B 1 23 ? -16.461 -23.824 -28.819 1.00 140.36 ? 23  DA  B "O3'" 1 
ATOM   1037 C  "C2'" . DA  B 1 23 ? -15.040 -24.821 -27.177 1.00 114.61 ? 23  DA  B "C2'" 1 
ATOM   1038 C  "C1'" . DA  B 1 23 ? -13.543 -24.772 -27.399 1.00 104.59 ? 23  DA  B "C1'" 1 
ATOM   1039 N  N9    . DA  B 1 23 ? -12.801 -25.070 -26.180 1.00 93.73  ? 23  DA  B N9    1 
ATOM   1040 C  C8    . DA  B 1 23 ? -12.847 -24.387 -24.992 1.00 95.02  ? 23  DA  B C8    1 
ATOM   1041 N  N7    . DA  B 1 23 ? -12.089 -24.903 -24.056 1.00 107.95 ? 23  DA  B N7    1 
ATOM   1042 C  C5    . DA  B 1 23 ? -11.531 -26.022 -24.658 1.00 96.05  ? 23  DA  B C5    1 
ATOM   1043 C  C6    . DA  B 1 23 ? -10.635 -26.998 -24.190 1.00 101.30 ? 23  DA  B C6    1 
ATOM   1044 N  N6    . DA  B 1 23 ? -10.119 -26.995 -22.962 1.00 108.15 ? 23  DA  B N6    1 
ATOM   1045 N  N1    . DA  B 1 23 ? -10.274 -27.981 -25.044 1.00 106.59 ? 23  DA  B N1    1 
ATOM   1046 C  C2    . DA  B 1 23 ? -10.774 -27.963 -26.290 1.00 115.98 ? 23  DA  B C2    1 
ATOM   1047 N  N3    . DA  B 1 23 ? -11.630 -27.101 -26.843 1.00 101.27 ? 23  DA  B N3    1 
ATOM   1048 C  C4    . DA  B 1 23 ? -11.968 -26.141 -25.965 1.00 96.04  ? 23  DA  B C4    1 
ATOM   1049 P  P     . DT  B 1 24 ? -17.917 -24.401 -28.541 1.00 144.98 ? 24  DT  B P     1 
ATOM   1050 O  OP1   . DT  B 1 24 ? -18.772 -24.045 -29.705 1.00 147.85 ? 24  DT  B OP1   1 
ATOM   1051 O  OP2   . DT  B 1 24 ? -18.322 -24.000 -27.170 1.00 125.02 ? 24  DT  B OP2   1 
ATOM   1052 O  "O5'" . DT  B 1 24 ? -17.669 -25.972 -28.529 1.00 139.96 ? 24  DT  B "O5'" 1 
ATOM   1053 C  "C5'" . DT  B 1 24 ? -17.003 -26.619 -29.626 1.00 134.79 ? 24  DT  B "C5'" 1 
ATOM   1054 C  "C4'" . DT  B 1 24 ? -16.566 -27.994 -29.188 1.00 129.74 ? 24  DT  B "C4'" 1 
ATOM   1055 O  "O4'" . DT  B 1 24 ? -15.597 -27.853 -28.128 1.00 120.30 ? 24  DT  B "O4'" 1 
ATOM   1056 C  "C3'" . DT  B 1 24 ? -17.696 -28.853 -28.608 1.00 134.67 ? 24  DT  B "C3'" 1 
ATOM   1057 O  "O3'" . DT  B 1 24 ? -17.984 -29.982 -29.437 1.00 152.67 ? 24  DT  B "O3'" 1 
ATOM   1058 C  "C2'" . DT  B 1 24 ? -17.175 -29.294 -27.247 1.00 130.76 ? 24  DT  B "C2'" 1 
ATOM   1059 C  "C1'" . DT  B 1 24 ? -15.694 -28.994 -27.318 1.00 112.81 ? 24  DT  B "C1'" 1 
ATOM   1060 N  N1    . DT  B 1 24 ? -15.068 -28.687 -26.022 1.00 103.47 ? 24  DT  B N1    1 
ATOM   1061 C  C2    . DT  B 1 24 ? -14.061 -29.517 -25.578 1.00 112.26 ? 24  DT  B C2    1 
ATOM   1062 O  O2    . DT  B 1 24 ? -13.647 -30.466 -26.226 1.00 116.52 ? 24  DT  B O2    1 
ATOM   1063 N  N3    . DT  B 1 24 ? -13.547 -29.187 -24.347 1.00 98.74  ? 24  DT  B N3    1 
ATOM   1064 C  C4    . DT  B 1 24 ? -13.922 -28.127 -23.544 1.00 99.30  ? 24  DT  B C4    1 
ATOM   1065 O  O4    . DT  B 1 24 ? -13.363 -27.947 -22.467 1.00 100.24 ? 24  DT  B O4    1 
ATOM   1066 C  C5    . DT  B 1 24 ? -14.988 -27.304 -24.067 1.00 105.25 ? 24  DT  B C5    1 
ATOM   1067 C  C7    . DT  B 1 24 ? -15.463 -26.137 -23.261 1.00 108.95 ? 24  DT  B C7    1 
ATOM   1068 C  C6    . DT  B 1 24 ? -15.512 -27.629 -25.259 1.00 100.80 ? 24  DT  B C6    1 
ATOM   1069 P  P     . DC  B 1 25 ? -19.237 -30.933 -29.099 1.00 159.57 ? 25  DC  B P     1 
ATOM   1070 O  OP1   . DC  B 1 25 ? -19.642 -31.611 -30.360 1.00 150.84 ? 25  DC  B OP1   1 
ATOM   1071 O  OP2   . DC  B 1 25 ? -20.230 -30.144 -28.324 1.00 144.63 ? 25  DC  B OP2   1 
ATOM   1072 O  "O5'" . DC  B 1 25 ? -18.611 -32.029 -28.124 1.00 147.07 ? 25  DC  B "O5'" 1 
ATOM   1073 C  "C5'" . DC  B 1 25 ? -17.505 -32.838 -28.564 1.00 144.54 ? 25  DC  B "C5'" 1 
ATOM   1074 C  "C4'" . DC  B 1 25 ? -16.951 -33.671 -27.431 1.00 136.66 ? 25  DC  B "C4'" 1 
ATOM   1075 O  "O4'" . DC  B 1 25 ? -16.160 -32.862 -26.541 1.00 133.72 ? 25  DC  B "O4'" 1 
ATOM   1076 C  "C3'" . DC  B 1 25 ? -17.979 -34.350 -26.533 1.00 129.03 ? 25  DC  B "C3'" 1 
ATOM   1077 O  "O3'" . DC  B 1 25 ? -18.314 -35.611 -27.121 1.00 136.93 ? 25  DC  B "O3'" 1 
ATOM   1078 C  "C2'" . DC  B 1 25 ? -17.241 -34.493 -25.208 1.00 129.89 ? 25  DC  B "C2'" 1 
ATOM   1079 C  "C1'" . DC  B 1 25 ? -16.035 -33.552 -25.309 1.00 120.54 ? 25  DC  B "C1'" 1 
ATOM   1080 N  N1    . DC  B 1 25 ? -15.971 -32.548 -24.235 1.00 103.74 ? 25  DC  B N1    1 
ATOM   1081 C  C2    . DC  B 1 25 ? -15.288 -32.853 -23.051 1.00 105.01 ? 25  DC  B C2    1 
ATOM   1082 O  O2    . DC  B 1 25 ? -14.735 -33.959 -22.937 1.00 105.86 ? 25  DC  B O2    1 
ATOM   1083 N  N3    . DC  B 1 25 ? -15.236 -31.932 -22.064 1.00 106.33 ? 25  DC  B N3    1 
ATOM   1084 C  C4    . DC  B 1 25 ? -15.847 -30.756 -22.216 1.00 108.53 ? 25  DC  B C4    1 
ATOM   1085 N  N4    . DC  B 1 25 ? -15.779 -29.883 -21.207 1.00 112.79 ? 25  DC  B N4    1 
ATOM   1086 C  C5    . DC  B 1 25 ? -16.553 -30.421 -23.409 1.00 104.82 ? 25  DC  B C5    1 
ATOM   1087 C  C6    . DC  B 1 25 ? -16.594 -31.339 -24.380 1.00 96.60  ? 25  DC  B C6    1 
ATOM   1088 P  P     . DC  B 1 26 ? -19.336 -36.622 -26.406 1.00 140.12 ? 26  DC  B P     1 
ATOM   1089 O  OP1   . DC  B 1 26 ? -20.067 -37.341 -27.485 1.00 120.21 ? 26  DC  B OP1   1 
ATOM   1090 O  OP2   . DC  B 1 26 ? -20.096 -35.876 -25.360 1.00 136.21 ? 26  DC  B OP2   1 
ATOM   1091 O  "O5'" . DC  B 1 26 ? -18.372 -37.638 -25.643 1.00 125.25 ? 26  DC  B "O5'" 1 
HETATM 1092 ZN ZN    . ZN  C 2 .  ? 12.607  -4.111  28.369  1.00 121.61 ? 101 ZN  A ZN    1 
HETATM 1093 ZN ZN    . ZN  D 2 .  ? 1.929   8.489   33.963  1.00 134.74 ? 102 ZN  A ZN    1 
HETATM 1094 ZN ZN    . ZN  E 2 .  ? -4.083  -24.696 -20.568 1.00 121.60 ? 101 ZN  B ZN    1 
HETATM 1095 ZN ZN    . ZN  F 2 .  ? -1.416  -12.935 -32.917 1.00 136.20 ? 102 ZN  B ZN    1 
HETATM 1096 O  O     . HOH G 3 .  ? -11.474 22.329  -2.547  1.00 116.39 ? 201 HOH A O     1 
HETATM 1097 O  O     . HOH G 3 .  ? -3.704  14.605  -1.757  1.00 97.31  ? 202 HOH A O     1 
HETATM 1098 O  O     . HOH G 3 .  ? -19.352 8.400   3.463   1.00 105.72 ? 203 HOH A O     1 
HETATM 1099 O  O     . HOH G 3 .  ? -24.113 7.489   11.167  1.00 81.09  ? 204 HOH A O     1 
HETATM 1100 O  O     . HOH H 3 .  ? -15.254 -27.063 -32.379 1.00 98.44  ? 201 HOH B O     1 
HETATM 1101 O  O     . HOH H 3 .  ? 2.816   -28.429 -31.348 1.00 88.86  ? 202 HOH B O     1 
# 
